data_2B88
#
_entry.id   2B88
#
_entity_poly.entity_id   1
_entity_poly.type   'polypeptide(L)'
_entity_poly.pdbx_seq_one_letter_code
;VDNKFNKELGWATWEIFNLPNLNGVQVKAFIDSLRDDPSQSANLLAEAKKLNDAQAPK
;
_entity_poly.pdbx_strand_id   A
#
# COMPACT_ATOMS: atom_id res chain seq x y z
N VAL A 1 -12.42 -12.89 10.56
CA VAL A 1 -13.49 -11.87 10.69
C VAL A 1 -13.28 -11.07 11.97
N ASP A 2 -13.18 -9.75 11.83
CA ASP A 2 -12.95 -8.87 12.98
C ASP A 2 -13.71 -7.55 12.81
N ASN A 3 -14.00 -6.89 13.92
CA ASN A 3 -14.71 -5.62 13.90
C ASN A 3 -13.73 -4.45 13.69
N LYS A 4 -12.46 -4.78 13.45
CA LYS A 4 -11.43 -3.77 13.23
C LYS A 4 -10.83 -3.93 11.83
N PHE A 5 -11.38 -3.18 10.88
CA PHE A 5 -10.90 -3.23 9.49
C PHE A 5 -9.57 -2.49 9.37
N ASN A 6 -9.28 -1.67 10.37
CA ASN A 6 -8.05 -0.88 10.41
C ASN A 6 -6.81 -1.77 10.33
N LYS A 7 -6.94 -3.01 10.79
CA LYS A 7 -5.82 -3.96 10.78
C LYS A 7 -5.26 -4.12 9.38
N GLU A 8 -6.15 -4.14 8.40
CA GLU A 8 -5.75 -4.28 7.00
C GLU A 8 -4.93 -3.08 6.55
N LEU A 9 -5.28 -1.93 7.10
CA LEU A 9 -4.59 -0.69 6.77
C LEU A 9 -3.20 -0.67 7.37
N GLY A 10 -3.05 -1.29 8.55
CA GLY A 10 -1.75 -1.36 9.18
C GLY A 10 -0.91 -2.37 8.43
N TRP A 11 -1.63 -3.33 7.86
CA TRP A 11 -1.01 -4.39 7.10
C TRP A 11 -0.47 -3.88 5.77
N ALA A 12 -1.31 -3.24 4.99
CA ALA A 12 -0.89 -2.76 3.69
C ALA A 12 0.06 -1.56 3.77
N THR A 13 -0.12 -0.71 4.77
CA THR A 13 0.71 0.49 4.84
C THR A 13 2.17 0.15 4.92
N TRP A 14 2.53 -0.77 5.81
CA TRP A 14 3.92 -1.18 5.92
C TRP A 14 4.34 -1.99 4.67
N GLU A 15 3.43 -2.86 4.15
CA GLU A 15 3.74 -3.68 2.97
C GLU A 15 4.13 -2.81 1.78
N ILE A 16 3.32 -1.81 1.56
CA ILE A 16 3.51 -0.86 0.46
C ILE A 16 4.74 -0.02 0.75
N PHE A 17 4.83 0.41 1.99
CA PHE A 17 5.99 1.20 2.44
C PHE A 17 7.29 0.40 2.35
N ASN A 18 7.18 -0.93 2.29
CA ASN A 18 8.36 -1.80 2.21
C ASN A 18 8.85 -1.92 0.77
N LEU A 19 8.35 -1.04 -0.08
CA LEU A 19 8.76 -1.04 -1.47
C LEU A 19 10.00 -0.22 -1.64
N PRO A 20 11.03 -0.78 -2.22
CA PRO A 20 12.32 -0.06 -2.36
C PRO A 20 12.32 1.08 -3.38
N ASN A 21 11.19 1.39 -4.03
CA ASN A 21 11.21 2.46 -5.02
C ASN A 21 10.12 3.51 -4.76
N LEU A 22 9.22 3.24 -3.82
CA LEU A 22 8.16 4.20 -3.52
C LEU A 22 8.68 5.42 -2.79
N ASN A 23 7.86 6.46 -2.82
CA ASN A 23 8.12 7.69 -2.12
C ASN A 23 6.89 8.00 -1.27
N GLY A 24 7.04 8.85 -0.27
CA GLY A 24 5.94 9.20 0.62
C GLY A 24 4.67 9.57 -0.16
N VAL A 25 4.82 10.02 -1.40
CA VAL A 25 3.66 10.41 -2.22
C VAL A 25 2.90 9.18 -2.71
N GLN A 26 3.62 8.22 -3.31
CA GLN A 26 3.01 7.02 -3.84
C GLN A 26 2.50 6.11 -2.75
N VAL A 27 3.30 5.92 -1.71
CA VAL A 27 2.88 5.04 -0.61
C VAL A 27 1.59 5.58 -0.01
N LYS A 28 1.61 6.86 0.33
CA LYS A 28 0.44 7.53 0.91
C LYS A 28 -0.75 7.36 0.00
N ALA A 29 -0.51 7.36 -1.30
CA ALA A 29 -1.58 7.17 -2.26
C ALA A 29 -2.20 5.80 -2.05
N PHE A 30 -1.33 4.80 -1.83
CA PHE A 30 -1.79 3.47 -1.58
C PHE A 30 -2.36 3.40 -0.17
N ILE A 31 -1.72 4.14 0.76
CA ILE A 31 -2.23 4.21 2.12
C ILE A 31 -3.60 4.89 2.08
N ASP A 32 -3.76 5.84 1.14
CA ASP A 32 -5.02 6.55 0.98
C ASP A 32 -6.10 5.61 0.45
N SER A 33 -5.71 4.81 -0.54
CA SER A 33 -6.61 3.82 -1.13
C SER A 33 -7.04 2.81 -0.07
N LEU A 34 -6.14 2.56 0.88
CA LEU A 34 -6.39 1.62 1.97
C LEU A 34 -7.63 2.03 2.76
N ARG A 35 -7.69 3.32 3.06
CA ARG A 35 -8.82 3.89 3.80
C ARG A 35 -10.09 3.78 2.98
N ASP A 36 -9.93 4.01 1.68
CA ASP A 36 -11.03 3.94 0.73
C ASP A 36 -11.53 2.51 0.58
N ASP A 37 -10.64 1.56 0.88
CA ASP A 37 -10.97 0.15 0.81
C ASP A 37 -9.89 -0.68 1.50
N PRO A 38 -10.20 -1.24 2.63
CA PRO A 38 -9.26 -2.08 3.42
C PRO A 38 -9.03 -3.45 2.79
N SER A 39 -10.04 -3.95 2.08
CA SER A 39 -9.94 -5.26 1.43
C SER A 39 -9.00 -5.19 0.24
N GLN A 40 -8.91 -4.00 -0.35
CA GLN A 40 -8.06 -3.78 -1.51
C GLN A 40 -6.60 -3.73 -1.15
N SER A 41 -6.28 -3.72 0.14
CA SER A 41 -4.89 -3.62 0.58
C SER A 41 -3.93 -4.41 -0.29
N ALA A 42 -4.30 -5.61 -0.68
CA ALA A 42 -3.45 -6.43 -1.54
C ALA A 42 -3.31 -5.81 -2.93
N ASN A 43 -4.41 -5.20 -3.39
CA ASN A 43 -4.44 -4.55 -4.68
C ASN A 43 -3.62 -3.27 -4.64
N LEU A 44 -3.73 -2.59 -3.50
CA LEU A 44 -3.01 -1.36 -3.24
C LEU A 44 -1.55 -1.71 -3.20
N LEU A 45 -1.31 -2.88 -2.65
CA LEU A 45 0.01 -3.47 -2.62
C LEU A 45 0.46 -3.70 -4.04
N ALA A 46 -0.49 -4.22 -4.81
CA ALA A 46 -0.28 -4.55 -6.21
C ALA A 46 0.06 -3.30 -6.98
N GLU A 47 -0.74 -2.28 -6.73
CA GLU A 47 -0.56 -1.00 -7.33
C GLU A 47 0.75 -0.42 -6.86
N ALA A 48 1.08 -0.76 -5.63
CA ALA A 48 2.31 -0.32 -5.02
C ALA A 48 3.48 -0.99 -5.72
N LYS A 49 3.34 -2.30 -5.95
CA LYS A 49 4.37 -3.06 -6.64
C LYS A 49 4.53 -2.46 -8.02
N LYS A 50 3.39 -2.05 -8.58
CA LYS A 50 3.33 -1.43 -9.89
C LYS A 50 4.04 -0.09 -9.87
N LEU A 51 3.79 0.68 -8.81
CA LEU A 51 4.42 1.99 -8.68
C LEU A 51 5.91 1.81 -8.41
N ASN A 52 6.21 0.87 -7.53
CA ASN A 52 7.59 0.55 -7.20
C ASN A 52 8.33 0.10 -8.45
N ASP A 53 7.67 -0.76 -9.21
CA ASP A 53 8.22 -1.28 -10.45
C ASP A 53 8.47 -0.11 -11.40
N ALA A 54 7.53 0.82 -11.39
CA ALA A 54 7.61 2.02 -12.20
C ALA A 54 8.75 2.90 -11.72
N GLN A 55 8.97 2.92 -10.40
CA GLN A 55 10.04 3.72 -9.81
C GLN A 55 11.32 2.91 -9.68
N ALA A 56 11.28 1.67 -10.19
CA ALA A 56 12.44 0.78 -10.14
C ALA A 56 13.52 1.24 -11.10
N PRO A 57 14.73 0.73 -10.93
CA PRO A 57 15.90 1.10 -11.76
C PRO A 57 15.92 0.38 -13.11
N LYS A 58 14.73 0.17 -13.65
CA LYS A 58 14.58 -0.51 -14.95
C LYS A 58 14.84 0.48 -16.09
N VAL A 1 -8.22 -9.80 6.58
CA VAL A 1 -7.41 -11.02 6.90
C VAL A 1 -7.64 -11.40 8.35
N ASP A 2 -7.09 -10.59 9.26
CA ASP A 2 -7.23 -10.82 10.69
C ASP A 2 -8.63 -10.46 11.17
N ASN A 3 -8.97 -10.89 12.39
CA ASN A 3 -10.28 -10.61 12.98
C ASN A 3 -10.59 -9.11 12.93
N LYS A 4 -9.54 -8.31 13.03
CA LYS A 4 -9.67 -6.86 12.99
C LYS A 4 -9.36 -6.36 11.58
N PHE A 5 -10.27 -5.55 11.06
CA PHE A 5 -10.14 -5.02 9.70
C PHE A 5 -8.97 -4.05 9.58
N ASN A 6 -8.98 -3.03 10.41
CA ASN A 6 -7.94 -2.00 10.39
C ASN A 6 -6.53 -2.60 10.47
N LYS A 7 -6.41 -3.76 11.11
CA LYS A 7 -5.09 -4.40 11.22
C LYS A 7 -4.50 -4.60 9.83
N GLU A 8 -5.36 -4.94 8.88
CA GLU A 8 -4.95 -5.13 7.49
C GLU A 8 -4.52 -3.80 6.87
N LEU A 9 -5.16 -2.73 7.32
CA LEU A 9 -4.84 -1.40 6.79
C LEU A 9 -3.45 -0.99 7.23
N GLY A 10 -3.07 -1.34 8.46
CA GLY A 10 -1.75 -1.03 8.97
C GLY A 10 -0.77 -1.98 8.32
N TRP A 11 -1.29 -3.17 8.04
CA TRP A 11 -0.52 -4.22 7.42
C TRP A 11 -0.06 -3.81 6.03
N ALA A 12 -1.01 -3.37 5.21
CA ALA A 12 -0.70 -2.95 3.86
C ALA A 12 0.12 -1.68 3.83
N THR A 13 -0.08 -0.82 4.82
CA THR A 13 0.65 0.44 4.86
C THR A 13 2.13 0.16 4.90
N TRP A 14 2.53 -0.72 5.79
CA TRP A 14 3.92 -1.10 5.92
C TRP A 14 4.37 -1.93 4.70
N GLU A 15 3.49 -2.80 4.17
CA GLU A 15 3.82 -3.61 2.99
C GLU A 15 4.21 -2.73 1.82
N ILE A 16 3.37 -1.75 1.59
CA ILE A 16 3.54 -0.79 0.51
C ILE A 16 4.75 0.06 0.81
N PHE A 17 4.83 0.52 2.04
CA PHE A 17 5.95 1.33 2.49
C PHE A 17 7.27 0.56 2.41
N ASN A 18 7.20 -0.76 2.34
CA ASN A 18 8.40 -1.60 2.28
C ASN A 18 8.73 -1.93 0.83
N LEU A 19 8.56 -0.93 -0.04
CA LEU A 19 8.86 -1.11 -1.45
C LEU A 19 10.19 -0.46 -1.78
N PRO A 20 10.95 -1.07 -2.65
CA PRO A 20 12.28 -0.56 -3.01
C PRO A 20 12.31 0.78 -3.75
N ASN A 21 11.19 1.28 -4.31
CA ASN A 21 11.27 2.54 -5.05
C ASN A 21 10.10 3.49 -4.82
N LEU A 22 9.27 3.24 -3.81
CA LEU A 22 8.15 4.13 -3.55
C LEU A 22 8.58 5.46 -2.94
N ASN A 23 7.68 6.43 -3.10
CA ASN A 23 7.84 7.75 -2.54
C ASN A 23 6.75 7.94 -1.50
N GLY A 24 7.00 8.75 -0.49
CA GLY A 24 6.00 9.00 0.55
C GLY A 24 4.69 9.41 -0.10
N VAL A 25 4.77 9.97 -1.32
CA VAL A 25 3.59 10.40 -2.05
C VAL A 25 2.81 9.20 -2.57
N GLN A 26 3.52 8.27 -3.21
CA GLN A 26 2.91 7.07 -3.77
C GLN A 26 2.40 6.14 -2.68
N VAL A 27 3.22 5.93 -1.65
CA VAL A 27 2.81 5.06 -0.57
C VAL A 27 1.55 5.59 0.06
N LYS A 28 1.57 6.87 0.43
CA LYS A 28 0.42 7.54 1.02
C LYS A 28 -0.78 7.39 0.11
N ALA A 29 -0.53 7.38 -1.19
CA ALA A 29 -1.60 7.20 -2.15
C ALA A 29 -2.22 5.82 -1.95
N PHE A 30 -1.36 4.82 -1.75
CA PHE A 30 -1.82 3.48 -1.52
C PHE A 30 -2.38 3.39 -0.11
N ILE A 31 -1.74 4.10 0.82
CA ILE A 31 -2.23 4.14 2.19
C ILE A 31 -3.61 4.80 2.16
N ASP A 32 -3.77 5.77 1.25
CA ASP A 32 -5.04 6.47 1.09
C ASP A 32 -6.08 5.53 0.49
N SER A 33 -5.63 4.71 -0.46
CA SER A 33 -6.50 3.74 -1.12
C SER A 33 -7.02 2.74 -0.08
N LEU A 34 -6.20 2.46 0.93
CA LEU A 34 -6.58 1.54 1.98
C LEU A 34 -7.86 2.04 2.65
N ARG A 35 -7.87 3.34 2.94
CA ARG A 35 -9.02 3.98 3.58
C ARG A 35 -10.21 3.97 2.63
N ASP A 36 -9.91 4.18 1.36
CA ASP A 36 -10.92 4.22 0.31
C ASP A 36 -11.57 2.84 0.16
N ASP A 37 -10.76 1.83 0.40
CA ASP A 37 -11.19 0.44 0.34
C ASP A 37 -10.19 -0.43 1.08
N PRO A 38 -10.53 -0.84 2.27
CA PRO A 38 -9.64 -1.66 3.12
C PRO A 38 -9.49 -3.10 2.62
N SER A 39 -10.45 -3.56 1.84
CA SER A 39 -10.39 -4.92 1.29
C SER A 39 -9.43 -5.00 0.10
N GLN A 40 -8.94 -3.85 -0.34
CA GLN A 40 -8.03 -3.78 -1.48
C GLN A 40 -6.57 -3.75 -1.09
N SER A 41 -6.26 -3.74 0.21
CA SER A 41 -4.88 -3.63 0.67
C SER A 41 -3.91 -4.42 -0.22
N ALA A 42 -4.27 -5.63 -0.59
CA ALA A 42 -3.40 -6.44 -1.45
C ALA A 42 -3.28 -5.83 -2.85
N ASN A 43 -4.36 -5.23 -3.31
CA ASN A 43 -4.40 -4.58 -4.60
C ASN A 43 -3.58 -3.29 -4.56
N LEU A 44 -3.71 -2.60 -3.44
CA LEU A 44 -2.99 -1.36 -3.18
C LEU A 44 -1.54 -1.71 -3.15
N LEU A 45 -1.28 -2.87 -2.58
CA LEU A 45 0.03 -3.45 -2.54
C LEU A 45 0.49 -3.66 -3.96
N ALA A 46 -0.46 -4.21 -4.73
CA ALA A 46 -0.23 -4.54 -6.13
C ALA A 46 0.10 -3.29 -6.90
N GLU A 47 -0.71 -2.28 -6.67
CA GLU A 47 -0.55 -1.00 -7.27
C GLU A 47 0.76 -0.40 -6.81
N ALA A 48 1.10 -0.73 -5.58
CA ALA A 48 2.32 -0.27 -4.98
C ALA A 48 3.50 -0.92 -5.66
N LYS A 49 3.39 -2.23 -5.90
CA LYS A 49 4.43 -2.98 -6.59
C LYS A 49 4.58 -2.37 -7.96
N LYS A 50 3.43 -1.99 -8.51
CA LYS A 50 3.37 -1.38 -9.83
C LYS A 50 4.04 -0.02 -9.82
N LEU A 51 3.79 0.74 -8.75
CA LEU A 51 4.40 2.06 -8.63
C LEU A 51 5.89 1.94 -8.35
N ASN A 52 6.24 0.99 -7.48
CA ASN A 52 7.63 0.75 -7.15
C ASN A 52 8.37 0.23 -8.37
N ASP A 53 7.74 -0.71 -9.08
CA ASP A 53 8.32 -1.28 -10.28
C ASP A 53 8.55 -0.18 -11.29
N ALA A 54 7.56 0.72 -11.37
CA ALA A 54 7.63 1.85 -12.25
C ALA A 54 8.75 2.79 -11.80
N GLN A 55 8.95 2.87 -10.48
CA GLN A 55 10.00 3.71 -9.92
C GLN A 55 11.32 2.94 -9.82
N ALA A 56 11.28 1.67 -10.19
CA ALA A 56 12.48 0.82 -10.17
C ALA A 56 13.25 0.93 -11.46
N PRO A 57 14.49 0.48 -11.46
CA PRO A 57 15.37 0.52 -12.65
C PRO A 57 15.09 -0.63 -13.62
N LYS A 58 13.89 -1.18 -13.49
CA LYS A 58 13.43 -2.29 -14.32
C LYS A 58 14.53 -3.38 -14.44
N VAL A 1 -3.59 -5.80 20.21
CA VAL A 1 -4.70 -5.09 20.92
C VAL A 1 -5.68 -4.54 19.90
N ASP A 2 -5.15 -4.04 18.78
CA ASP A 2 -5.96 -3.48 17.71
C ASP A 2 -6.65 -4.60 16.92
N ASN A 3 -7.78 -5.06 17.45
CA ASN A 3 -8.54 -6.15 16.81
C ASN A 3 -9.50 -5.58 15.77
N LYS A 4 -9.43 -4.27 15.54
CA LYS A 4 -10.29 -3.60 14.57
C LYS A 4 -9.78 -3.82 13.15
N PHE A 5 -10.65 -3.56 12.17
CA PHE A 5 -10.30 -3.72 10.77
C PHE A 5 -9.18 -2.75 10.39
N ASN A 6 -8.96 -1.76 11.26
CA ASN A 6 -7.92 -0.76 11.06
C ASN A 6 -6.55 -1.43 10.87
N LYS A 7 -6.38 -2.57 11.55
CA LYS A 7 -5.14 -3.32 11.46
C LYS A 7 -4.84 -3.72 10.02
N GLU A 8 -5.91 -3.98 9.27
CA GLU A 8 -5.80 -4.35 7.86
C GLU A 8 -5.15 -3.22 7.07
N LEU A 9 -5.47 -2.00 7.46
CA LEU A 9 -4.92 -0.83 6.79
C LEU A 9 -3.46 -0.65 7.15
N GLY A 10 -3.10 -1.03 8.38
CA GLY A 10 -1.73 -0.93 8.84
C GLY A 10 -0.93 -2.00 8.14
N TRP A 11 -1.64 -3.09 7.83
CA TRP A 11 -1.04 -4.22 7.17
C TRP A 11 -0.49 -3.84 5.81
N ALA A 12 -1.33 -3.27 4.97
CA ALA A 12 -0.88 -2.87 3.65
C ALA A 12 0.05 -1.66 3.70
N THR A 13 -0.17 -0.78 4.67
CA THR A 13 0.62 0.44 4.75
C THR A 13 2.10 0.14 4.87
N TRP A 14 2.45 -0.76 5.78
CA TRP A 14 3.85 -1.11 5.94
C TRP A 14 4.31 -1.93 4.70
N GLU A 15 3.45 -2.84 4.19
CA GLU A 15 3.81 -3.67 3.03
C GLU A 15 4.18 -2.80 1.83
N ILE A 16 3.35 -1.82 1.58
CA ILE A 16 3.53 -0.88 0.48
C ILE A 16 4.74 -0.03 0.76
N PHE A 17 4.83 0.42 1.99
CA PHE A 17 5.97 1.22 2.44
C PHE A 17 7.28 0.44 2.34
N ASN A 18 7.17 -0.89 2.26
CA ASN A 18 8.36 -1.75 2.20
C ASN A 18 8.73 -2.02 0.74
N LEU A 19 8.60 -0.99 -0.10
CA LEU A 19 8.93 -1.12 -1.49
C LEU A 19 10.25 -0.44 -1.79
N PRO A 20 11.05 -1.03 -2.65
CA PRO A 20 12.38 -0.47 -2.96
C PRO A 20 12.40 0.86 -3.73
N ASN A 21 11.26 1.32 -4.29
CA ASN A 21 11.32 2.57 -5.05
C ASN A 21 10.16 3.52 -4.78
N LEU A 22 9.31 3.23 -3.79
CA LEU A 22 8.20 4.12 -3.50
C LEU A 22 8.63 5.42 -2.85
N ASN A 23 7.77 6.41 -3.03
CA ASN A 23 7.93 7.72 -2.44
C ASN A 23 6.80 7.90 -1.45
N GLY A 24 7.04 8.66 -0.38
CA GLY A 24 6.00 8.90 0.64
C GLY A 24 4.67 9.26 -0.01
N VAL A 25 4.73 9.89 -1.18
CA VAL A 25 3.53 10.28 -1.91
C VAL A 25 2.82 9.06 -2.49
N GLN A 26 3.58 8.20 -3.16
CA GLN A 26 3.03 7.00 -3.77
C GLN A 26 2.51 6.04 -2.73
N VAL A 27 3.28 5.86 -1.67
CA VAL A 27 2.86 4.97 -0.61
C VAL A 27 1.57 5.51 0.00
N LYS A 28 1.61 6.79 0.34
CA LYS A 28 0.47 7.48 0.93
C LYS A 28 -0.73 7.33 0.01
N ALA A 29 -0.48 7.30 -1.29
CA ALA A 29 -1.54 7.13 -2.26
C ALA A 29 -2.20 5.77 -2.03
N PHE A 30 -1.36 4.76 -1.80
CA PHE A 30 -1.85 3.45 -1.54
C PHE A 30 -2.42 3.41 -0.13
N ILE A 31 -1.75 4.13 0.78
CA ILE A 31 -2.24 4.22 2.15
C ILE A 31 -3.62 4.90 2.10
N ASP A 32 -3.78 5.83 1.14
CA ASP A 32 -5.06 6.52 0.96
C ASP A 32 -6.10 5.53 0.45
N SER A 33 -5.68 4.69 -0.50
CA SER A 33 -6.55 3.68 -1.07
C SER A 33 -6.99 2.69 -0.01
N LEU A 34 -6.11 2.45 0.97
CA LEU A 34 -6.40 1.53 2.07
C LEU A 34 -7.65 1.99 2.81
N ARG A 35 -7.69 3.28 3.09
CA ARG A 35 -8.82 3.91 3.79
C ARG A 35 -10.06 3.85 2.93
N ASP A 36 -9.87 4.13 1.64
CA ASP A 36 -10.95 4.13 0.66
C ASP A 36 -11.57 2.74 0.56
N ASP A 37 -10.71 1.74 0.68
CA ASP A 37 -11.12 0.35 0.62
C ASP A 37 -9.99 -0.54 1.13
N PRO A 38 -10.09 -0.97 2.37
CA PRO A 38 -9.06 -1.83 3.01
C PRO A 38 -9.05 -3.27 2.47
N SER A 39 -10.16 -3.69 1.88
CA SER A 39 -10.26 -5.03 1.33
C SER A 39 -9.27 -5.20 0.19
N GLN A 40 -8.97 -4.07 -0.46
CA GLN A 40 -8.05 -4.05 -1.59
C GLN A 40 -6.61 -3.94 -1.16
N SER A 41 -6.34 -3.92 0.15
CA SER A 41 -4.99 -3.75 0.66
C SER A 41 -3.95 -4.52 -0.17
N ALA A 42 -4.28 -5.73 -0.61
CA ALA A 42 -3.38 -6.51 -1.43
C ALA A 42 -3.23 -5.92 -2.83
N ASN A 43 -4.31 -5.34 -3.32
CA ASN A 43 -4.33 -4.69 -4.62
C ASN A 43 -3.53 -3.41 -4.57
N LEU A 44 -3.67 -2.72 -3.45
CA LEU A 44 -2.97 -1.48 -3.18
C LEU A 44 -1.51 -1.81 -3.15
N LEU A 45 -1.25 -2.97 -2.59
CA LEU A 45 0.09 -3.53 -2.56
C LEU A 45 0.54 -3.76 -3.97
N ALA A 46 -0.40 -4.31 -4.75
CA ALA A 46 -0.17 -4.64 -6.14
C ALA A 46 0.16 -3.39 -6.93
N GLU A 47 -0.66 -2.38 -6.68
CA GLU A 47 -0.50 -1.10 -7.29
C GLU A 47 0.79 -0.48 -6.82
N ALA A 48 1.14 -0.82 -5.59
CA ALA A 48 2.35 -0.34 -4.98
C ALA A 48 3.54 -0.95 -5.70
N LYS A 49 3.46 -2.25 -5.95
CA LYS A 49 4.52 -2.96 -6.65
C LYS A 49 4.65 -2.34 -8.02
N LYS A 50 3.48 -1.97 -8.56
CA LYS A 50 3.39 -1.34 -9.86
C LYS A 50 4.02 0.04 -9.84
N LEU A 51 3.75 0.79 -8.78
CA LEU A 51 4.32 2.13 -8.66
C LEU A 51 5.81 2.05 -8.36
N ASN A 52 6.19 1.09 -7.51
CA ASN A 52 7.59 0.90 -7.17
C ASN A 52 8.34 0.43 -8.42
N ASP A 53 7.71 -0.50 -9.15
CA ASP A 53 8.29 -1.01 -10.39
C ASP A 53 8.48 0.14 -11.35
N ALA A 54 7.50 1.02 -11.36
CA ALA A 54 7.52 2.20 -12.20
C ALA A 54 8.63 3.14 -11.74
N GLN A 55 8.85 3.19 -10.42
CA GLN A 55 9.89 4.04 -9.85
C GLN A 55 11.24 3.31 -9.84
N ALA A 56 11.20 2.03 -10.22
CA ALA A 56 12.40 1.20 -10.28
C ALA A 56 13.24 1.56 -11.50
N PRO A 57 14.54 1.53 -11.36
CA PRO A 57 15.47 1.86 -12.47
C PRO A 57 15.17 1.07 -13.74
N LYS A 58 15.50 1.66 -14.88
CA LYS A 58 15.27 1.04 -16.18
C LYS A 58 16.39 1.40 -17.15
N VAL A 1 -7.93 -12.64 20.35
CA VAL A 1 -7.18 -11.48 19.80
C VAL A 1 -8.17 -10.35 19.45
N ASP A 2 -7.64 -9.14 19.34
CA ASP A 2 -8.46 -7.97 19.00
C ASP A 2 -8.64 -7.81 17.49
N ASN A 3 -8.36 -8.90 16.75
CA ASN A 3 -8.47 -8.91 15.28
C ASN A 3 -9.60 -8.00 14.77
N LYS A 4 -9.21 -6.90 14.13
CA LYS A 4 -10.16 -5.93 13.58
C LYS A 4 -9.76 -5.54 12.17
N PHE A 5 -10.67 -4.89 11.47
CA PHE A 5 -10.45 -4.48 10.10
C PHE A 5 -9.29 -3.49 9.96
N ASN A 6 -9.13 -2.65 10.96
CA ASN A 6 -8.08 -1.64 10.93
C ASN A 6 -6.70 -2.27 10.72
N LYS A 7 -6.53 -3.50 11.20
CA LYS A 7 -5.25 -4.20 11.07
C LYS A 7 -4.83 -4.32 9.61
N GLU A 8 -5.81 -4.53 8.74
CA GLU A 8 -5.54 -4.65 7.30
C GLU A 8 -4.95 -3.37 6.74
N LEU A 9 -5.36 -2.26 7.31
CA LEU A 9 -4.87 -0.96 6.85
C LEU A 9 -3.43 -0.76 7.27
N GLY A 10 -3.08 -1.27 8.46
CA GLY A 10 -1.72 -1.18 8.95
C GLY A 10 -0.88 -2.17 8.20
N TRP A 11 -1.56 -3.24 7.80
CA TRP A 11 -0.94 -4.32 7.07
C TRP A 11 -0.39 -3.85 5.74
N ALA A 12 -1.24 -3.23 4.93
CA ALA A 12 -0.78 -2.76 3.64
C ALA A 12 0.16 -1.56 3.74
N THR A 13 -0.05 -0.71 4.74
CA THR A 13 0.75 0.50 4.86
C THR A 13 2.22 0.17 4.97
N TRP A 14 2.57 -0.75 5.85
CA TRP A 14 3.97 -1.13 5.99
C TRP A 14 4.42 -1.92 4.73
N GLU A 15 3.55 -2.81 4.19
CA GLU A 15 3.89 -3.60 3.02
C GLU A 15 4.26 -2.71 1.83
N ILE A 16 3.42 -1.73 1.59
CA ILE A 16 3.60 -0.78 0.52
C ILE A 16 4.82 0.07 0.80
N PHE A 17 4.94 0.47 2.05
CA PHE A 17 6.08 1.26 2.50
C PHE A 17 7.38 0.46 2.38
N ASN A 18 7.26 -0.87 2.29
CA ASN A 18 8.44 -1.73 2.18
C ASN A 18 8.77 -2.00 0.73
N LEU A 19 8.63 -0.96 -0.11
CA LEU A 19 8.92 -1.08 -1.51
C LEU A 19 10.24 -0.39 -1.82
N PRO A 20 11.05 -1.02 -2.64
CA PRO A 20 12.39 -0.49 -2.98
C PRO A 20 12.42 0.84 -3.74
N ASN A 21 11.29 1.34 -4.30
CA ASN A 21 11.37 2.58 -5.07
C ASN A 21 10.21 3.55 -4.82
N LEU A 22 9.36 3.27 -3.83
CA LEU A 22 8.24 4.16 -3.56
C LEU A 22 8.67 5.48 -2.94
N ASN A 23 7.77 6.44 -3.06
CA ASN A 23 7.93 7.75 -2.49
C ASN A 23 6.80 7.95 -1.48
N GLY A 24 7.06 8.72 -0.42
CA GLY A 24 6.03 8.97 0.60
C GLY A 24 4.70 9.36 -0.02
N VAL A 25 4.76 9.95 -1.21
CA VAL A 25 3.56 10.37 -1.92
C VAL A 25 2.80 9.16 -2.47
N GLN A 26 3.52 8.26 -3.15
CA GLN A 26 2.92 7.08 -3.72
C GLN A 26 2.44 6.12 -2.66
N VAL A 27 3.27 5.91 -1.65
CA VAL A 27 2.90 5.02 -0.56
C VAL A 27 1.61 5.51 0.09
N LYS A 28 1.61 6.80 0.43
CA LYS A 28 0.43 7.41 1.04
C LYS A 28 -0.77 7.24 0.12
N ALA A 29 -0.52 7.29 -1.18
CA ALA A 29 -1.57 7.12 -2.17
C ALA A 29 -2.20 5.74 -2.06
N PHE A 30 -1.37 4.74 -1.84
CA PHE A 30 -1.85 3.39 -1.70
C PHE A 30 -2.55 3.24 -0.38
N ILE A 31 -1.96 3.83 0.64
CA ILE A 31 -2.54 3.85 1.97
C ILE A 31 -3.83 4.68 1.94
N ASP A 32 -3.84 5.71 1.11
CA ASP A 32 -5.04 6.53 0.98
C ASP A 32 -6.17 5.65 0.47
N SER A 33 -5.80 4.75 -0.45
CA SER A 33 -6.74 3.78 -1.03
C SER A 33 -7.17 2.76 0.04
N LEU A 34 -6.28 2.49 1.00
CA LEU A 34 -6.57 1.54 2.08
C LEU A 34 -7.83 2.00 2.82
N ARG A 35 -7.86 3.30 3.11
CA ARG A 35 -8.98 3.92 3.80
C ARG A 35 -10.23 3.87 2.95
N ASP A 36 -10.04 4.15 1.66
CA ASP A 36 -11.14 4.16 0.69
C ASP A 36 -11.74 2.77 0.57
N ASP A 37 -10.87 1.78 0.64
CA ASP A 37 -11.26 0.38 0.56
C ASP A 37 -10.14 -0.48 1.11
N PRO A 38 -10.26 -0.90 2.34
CA PRO A 38 -9.24 -1.72 3.02
C PRO A 38 -9.16 -3.16 2.52
N SER A 39 -10.24 -3.62 1.89
CA SER A 39 -10.28 -4.98 1.36
C SER A 39 -9.27 -5.12 0.22
N GLN A 40 -8.93 -3.99 -0.40
CA GLN A 40 -8.01 -3.96 -1.52
C GLN A 40 -6.57 -3.83 -1.09
N SER A 41 -6.29 -3.82 0.22
CA SER A 41 -4.94 -3.65 0.72
C SER A 41 -3.90 -4.39 -0.12
N ALA A 42 -4.22 -5.60 -0.56
CA ALA A 42 -3.31 -6.38 -1.38
C ALA A 42 -3.18 -5.77 -2.79
N ASN A 43 -4.28 -5.20 -3.27
CA ASN A 43 -4.33 -4.57 -4.58
C ASN A 43 -3.54 -3.28 -4.54
N LEU A 44 -3.66 -2.60 -3.41
CA LEU A 44 -2.97 -1.34 -3.15
C LEU A 44 -1.51 -1.66 -3.13
N LEU A 45 -1.23 -2.83 -2.58
CA LEU A 45 0.11 -3.39 -2.55
C LEU A 45 0.55 -3.62 -3.98
N ALA A 46 -0.40 -4.19 -4.73
CA ALA A 46 -0.19 -4.53 -6.13
C ALA A 46 0.13 -3.28 -6.92
N GLU A 47 -0.69 -2.29 -6.66
CA GLU A 47 -0.55 -1.00 -7.26
C GLU A 47 0.75 -0.37 -6.80
N ALA A 48 1.11 -0.71 -5.57
CA ALA A 48 2.32 -0.22 -4.96
C ALA A 48 3.51 -0.83 -5.65
N LYS A 49 3.46 -2.14 -5.87
CA LYS A 49 4.53 -2.84 -6.56
C LYS A 49 4.61 -2.28 -7.96
N LYS A 50 3.43 -1.97 -8.48
CA LYS A 50 3.30 -1.41 -9.81
C LYS A 50 4.01 -0.05 -9.84
N LEU A 51 3.79 0.73 -8.79
CA LEU A 51 4.42 2.05 -8.69
C LEU A 51 5.91 1.91 -8.44
N ASN A 52 6.27 1.01 -7.52
CA ASN A 52 7.66 0.76 -7.21
C ASN A 52 8.38 0.22 -8.42
N ASP A 53 7.73 -0.73 -9.10
CA ASP A 53 8.29 -1.34 -10.29
C ASP A 53 8.52 -0.27 -11.33
N ALA A 54 7.57 0.65 -11.40
CA ALA A 54 7.64 1.78 -12.30
C ALA A 54 8.76 2.72 -11.86
N GLN A 55 8.95 2.82 -10.55
CA GLN A 55 10.00 3.67 -9.98
C GLN A 55 11.32 2.92 -9.88
N ALA A 56 11.28 1.64 -10.24
CA ALA A 56 12.46 0.78 -10.19
C ALA A 56 13.26 0.90 -11.48
N PRO A 57 14.49 0.41 -11.47
CA PRO A 57 15.38 0.47 -12.65
C PRO A 57 15.06 -0.61 -13.68
N LYS A 58 13.77 -0.94 -13.77
CA LYS A 58 13.28 -1.95 -14.71
C LYS A 58 13.28 -1.40 -16.14
N VAL A 1 -20.21 -4.56 15.34
CA VAL A 1 -18.96 -5.36 15.27
C VAL A 1 -17.77 -4.48 15.64
N ASP A 2 -16.66 -5.12 16.02
CA ASP A 2 -15.45 -4.40 16.41
C ASP A 2 -14.77 -3.78 15.18
N ASN A 3 -13.79 -2.93 15.44
CA ASN A 3 -13.05 -2.26 14.37
C ASN A 3 -11.63 -2.84 14.24
N LYS A 4 -11.44 -4.05 14.77
CA LYS A 4 -10.13 -4.72 14.72
C LYS A 4 -9.63 -4.90 13.30
N PHE A 5 -10.55 -4.97 12.35
CA PHE A 5 -10.21 -5.16 10.94
C PHE A 5 -9.30 -4.03 10.43
N ASN A 6 -9.29 -2.91 11.16
CA ASN A 6 -8.48 -1.76 10.79
C ASN A 6 -7.00 -2.11 10.71
N LYS A 7 -6.61 -3.21 11.38
CA LYS A 7 -5.23 -3.65 11.39
C LYS A 7 -4.74 -3.89 9.95
N GLU A 8 -5.68 -4.24 9.08
CA GLU A 8 -5.37 -4.49 7.67
C GLU A 8 -4.79 -3.24 7.00
N LEU A 9 -5.28 -2.08 7.42
CA LEU A 9 -4.81 -0.82 6.87
C LEU A 9 -3.38 -0.54 7.32
N GLY A 10 -3.07 -0.93 8.56
CA GLY A 10 -1.72 -0.74 9.07
C GLY A 10 -0.84 -1.78 8.44
N TRP A 11 -1.45 -2.93 8.19
CA TRP A 11 -0.79 -4.05 7.58
C TRP A 11 -0.31 -3.71 6.18
N ALA A 12 -1.23 -3.20 5.37
CA ALA A 12 -0.88 -2.85 4.02
C ALA A 12 0.02 -1.63 3.98
N THR A 13 -0.12 -0.71 4.93
CA THR A 13 0.69 0.50 4.92
C THR A 13 2.15 0.15 4.95
N TRP A 14 2.52 -0.77 5.81
CA TRP A 14 3.90 -1.20 5.90
C TRP A 14 4.26 -2.03 4.65
N GLU A 15 3.32 -2.83 4.13
CA GLU A 15 3.55 -3.64 2.92
C GLU A 15 3.91 -2.77 1.72
N ILE A 16 3.11 -1.73 1.53
CA ILE A 16 3.30 -0.77 0.45
C ILE A 16 4.62 -0.08 0.64
N PHE A 17 4.78 0.39 1.85
CA PHE A 17 6.00 1.09 2.28
C PHE A 17 7.24 0.19 2.21
N ASN A 18 7.03 -1.13 2.15
CA ASN A 18 8.15 -2.07 2.10
C ASN A 18 8.67 -2.19 0.66
N LEU A 19 8.35 -1.20 -0.15
CA LEU A 19 8.78 -1.18 -1.53
C LEU A 19 10.05 -0.36 -1.67
N PRO A 20 11.06 -0.90 -2.31
CA PRO A 20 12.35 -0.21 -2.45
C PRO A 20 12.37 0.98 -3.42
N ASN A 21 11.25 1.34 -4.07
CA ASN A 21 11.29 2.46 -5.03
C ASN A 21 10.20 3.49 -4.75
N LEU A 22 9.31 3.22 -3.81
CA LEU A 22 8.25 4.18 -3.50
C LEU A 22 8.76 5.40 -2.76
N ASN A 23 7.91 6.42 -2.78
CA ASN A 23 8.13 7.67 -2.08
C ASN A 23 6.91 7.92 -1.21
N GLY A 24 7.07 8.73 -0.17
CA GLY A 24 5.98 9.03 0.75
C GLY A 24 4.69 9.41 0.02
N VAL A 25 4.82 9.96 -1.20
CA VAL A 25 3.65 10.36 -1.98
C VAL A 25 2.90 9.15 -2.54
N GLN A 26 3.64 8.25 -3.20
CA GLN A 26 3.04 7.06 -3.79
C GLN A 26 2.50 6.11 -2.73
N VAL A 27 3.29 5.90 -1.69
CA VAL A 27 2.85 5.02 -0.62
C VAL A 27 1.57 5.56 -0.01
N LYS A 28 1.61 6.85 0.35
CA LYS A 28 0.47 7.55 0.93
C LYS A 28 -0.74 7.42 0.03
N ALA A 29 -0.48 7.42 -1.27
CA ALA A 29 -1.55 7.27 -2.25
C ALA A 29 -2.22 5.92 -2.05
N PHE A 30 -1.40 4.89 -1.88
CA PHE A 30 -1.90 3.57 -1.66
C PHE A 30 -2.45 3.47 -0.24
N ILE A 31 -1.76 4.15 0.70
CA ILE A 31 -2.23 4.19 2.08
C ILE A 31 -3.61 4.85 2.06
N ASP A 32 -3.77 5.81 1.14
CA ASP A 32 -5.04 6.53 0.99
C ASP A 32 -6.11 5.57 0.47
N SER A 33 -5.73 4.76 -0.52
CA SER A 33 -6.63 3.78 -1.12
C SER A 33 -7.06 2.77 -0.06
N LEU A 34 -6.15 2.51 0.89
CA LEU A 34 -6.43 1.57 1.98
C LEU A 34 -7.67 2.03 2.75
N ARG A 35 -7.74 3.34 2.95
CA ARG A 35 -8.87 3.96 3.68
C ARG A 35 -10.15 3.81 2.87
N ASP A 36 -10.03 4.02 1.57
CA ASP A 36 -11.17 3.93 0.65
C ASP A 36 -11.71 2.51 0.62
N ASP A 37 -10.80 1.55 0.71
CA ASP A 37 -11.16 0.14 0.71
C ASP A 37 -9.98 -0.69 1.19
N PRO A 38 -10.02 -1.12 2.42
CA PRO A 38 -8.93 -1.93 3.02
C PRO A 38 -8.87 -3.36 2.48
N SER A 39 -10.00 -3.87 1.99
CA SER A 39 -10.04 -5.21 1.43
C SER A 39 -9.15 -5.29 0.20
N GLN A 40 -8.87 -4.12 -0.37
CA GLN A 40 -8.04 -4.03 -1.56
C GLN A 40 -6.58 -3.92 -1.22
N SER A 41 -6.22 -3.92 0.07
CA SER A 41 -4.84 -3.77 0.49
C SER A 41 -3.87 -4.51 -0.42
N ALA A 42 -4.19 -5.74 -0.77
CA ALA A 42 -3.33 -6.52 -1.65
C ALA A 42 -3.23 -5.88 -3.03
N ASN A 43 -4.34 -5.30 -3.48
CA ASN A 43 -4.40 -4.63 -4.76
C ASN A 43 -3.61 -3.33 -4.69
N LEU A 44 -3.75 -2.67 -3.55
CA LEU A 44 -3.06 -1.43 -3.27
C LEU A 44 -1.59 -1.74 -3.23
N LEU A 45 -1.31 -2.92 -2.70
CA LEU A 45 0.04 -3.44 -2.67
C LEU A 45 0.48 -3.65 -4.09
N ALA A 46 -0.46 -4.20 -4.87
CA ALA A 46 -0.24 -4.52 -6.27
C ALA A 46 0.08 -3.26 -7.03
N GLU A 47 -0.74 -2.26 -6.76
CA GLU A 47 -0.58 -0.97 -7.36
C GLU A 47 0.72 -0.37 -6.89
N ALA A 48 1.06 -0.70 -5.66
CA ALA A 48 2.29 -0.24 -5.06
C ALA A 48 3.47 -0.85 -5.76
N LYS A 49 3.38 -2.17 -5.99
CA LYS A 49 4.45 -2.87 -6.69
C LYS A 49 4.56 -2.28 -8.07
N LYS A 50 3.41 -1.96 -8.63
CA LYS A 50 3.33 -1.34 -9.94
C LYS A 50 4.01 0.02 -9.92
N LEU A 51 3.78 0.77 -8.84
CA LEU A 51 4.41 2.08 -8.70
C LEU A 51 5.89 1.92 -8.43
N ASN A 52 6.22 0.97 -7.56
CA ASN A 52 7.61 0.68 -7.23
C ASN A 52 8.34 0.20 -8.46
N ASP A 53 7.69 -0.71 -9.19
CA ASP A 53 8.24 -1.25 -10.43
C ASP A 53 8.47 -0.12 -11.42
N ALA A 54 7.51 0.80 -11.42
CA ALA A 54 7.59 1.96 -12.27
C ALA A 54 8.70 2.88 -11.81
N GLN A 55 8.92 2.92 -10.48
CA GLN A 55 9.98 3.75 -9.91
C GLN A 55 11.29 2.98 -9.84
N ALA A 56 11.25 1.72 -10.26
CA ALA A 56 12.43 0.86 -10.26
C ALA A 56 13.34 1.21 -11.42
N PRO A 57 14.65 1.16 -11.20
CA PRO A 57 15.65 1.48 -12.25
C PRO A 57 15.41 0.69 -13.54
N LYS A 58 15.90 1.24 -14.65
CA LYS A 58 15.74 0.62 -15.96
C LYS A 58 17.00 0.82 -16.81
N VAL A 1 -15.82 -8.72 10.45
CA VAL A 1 -16.14 -8.59 9.00
C VAL A 1 -17.26 -7.58 8.82
N ASP A 2 -18.26 -7.66 9.70
CA ASP A 2 -19.41 -6.74 9.65
C ASP A 2 -18.94 -5.30 9.81
N ASN A 3 -17.93 -5.11 10.66
CA ASN A 3 -17.35 -3.80 10.92
C ASN A 3 -16.16 -3.55 9.99
N LYS A 4 -15.65 -2.32 10.00
CA LYS A 4 -14.50 -1.96 9.18
C LYS A 4 -13.21 -2.46 9.83
N PHE A 5 -12.21 -2.73 9.00
CA PHE A 5 -10.92 -3.23 9.49
C PHE A 5 -9.94 -2.10 9.77
N ASN A 6 -8.88 -2.44 10.49
CA ASN A 6 -7.82 -1.50 10.85
C ASN A 6 -6.46 -2.18 10.73
N LYS A 7 -6.39 -3.41 11.25
CA LYS A 7 -5.16 -4.19 11.20
C LYS A 7 -4.72 -4.37 9.75
N GLU A 8 -5.71 -4.60 8.91
CA GLU A 8 -5.51 -4.78 7.48
C GLU A 8 -4.98 -3.51 6.83
N LEU A 9 -5.40 -2.39 7.37
CA LEU A 9 -4.95 -1.10 6.85
C LEU A 9 -3.51 -0.86 7.23
N GLY A 10 -3.12 -1.33 8.42
CA GLY A 10 -1.74 -1.20 8.87
C GLY A 10 -0.91 -2.21 8.12
N TRP A 11 -1.59 -3.30 7.77
CA TRP A 11 -0.98 -4.39 7.06
C TRP A 11 -0.44 -3.94 5.70
N ALA A 12 -1.29 -3.34 4.90
CA ALA A 12 -0.85 -2.88 3.60
C ALA A 12 0.07 -1.68 3.68
N THR A 13 -0.14 -0.83 4.68
CA THR A 13 0.65 0.40 4.79
C THR A 13 2.12 0.09 4.91
N TRP A 14 2.48 -0.83 5.78
CA TRP A 14 3.89 -1.19 5.94
C TRP A 14 4.36 -1.97 4.68
N GLU A 15 3.48 -2.86 4.14
CA GLU A 15 3.85 -3.66 2.95
C GLU A 15 4.23 -2.77 1.78
N ILE A 16 3.39 -1.79 1.54
CA ILE A 16 3.59 -0.81 0.47
C ILE A 16 4.80 0.03 0.78
N PHE A 17 4.89 0.42 2.04
CA PHE A 17 6.02 1.23 2.51
C PHE A 17 7.34 0.45 2.42
N ASN A 18 7.25 -0.88 2.31
CA ASN A 18 8.44 -1.72 2.23
C ASN A 18 8.92 -1.83 0.79
N LEU A 19 8.45 -0.92 -0.06
CA LEU A 19 8.85 -0.92 -1.45
C LEU A 19 10.09 -0.07 -1.62
N PRO A 20 11.12 -0.61 -2.20
CA PRO A 20 12.39 0.12 -2.36
C PRO A 20 12.39 1.24 -3.41
N ASN A 21 11.25 1.53 -4.07
CA ASN A 21 11.26 2.56 -5.09
C ASN A 21 10.12 3.56 -4.91
N LEU A 22 9.28 3.37 -3.88
CA LEU A 22 8.18 4.28 -3.63
C LEU A 22 8.64 5.60 -3.03
N ASN A 23 7.72 6.56 -3.09
CA ASN A 23 7.90 7.87 -2.53
C ASN A 23 6.76 8.07 -1.52
N GLY A 24 7.00 8.86 -0.48
CA GLY A 24 5.98 9.12 0.54
C GLY A 24 4.63 9.46 -0.11
N VAL A 25 4.67 10.03 -1.30
CA VAL A 25 3.46 10.39 -2.03
C VAL A 25 2.76 9.14 -2.56
N GLN A 26 3.54 8.26 -3.21
CA GLN A 26 2.99 7.05 -3.79
C GLN A 26 2.51 6.10 -2.72
N VAL A 27 3.33 5.92 -1.69
CA VAL A 27 2.93 5.04 -0.59
C VAL A 27 1.64 5.56 0.01
N LYS A 28 1.67 6.85 0.36
CA LYS A 28 0.51 7.52 0.94
C LYS A 28 -0.68 7.35 0.04
N ALA A 29 -0.45 7.35 -1.27
CA ALA A 29 -1.52 7.18 -2.22
C ALA A 29 -2.13 5.80 -2.02
N PHE A 30 -1.26 4.81 -1.82
CA PHE A 30 -1.70 3.47 -1.59
C PHE A 30 -2.28 3.37 -0.18
N ILE A 31 -1.64 4.10 0.76
CA ILE A 31 -2.12 4.16 2.13
C ILE A 31 -3.50 4.82 2.11
N ASP A 32 -3.66 5.80 1.19
CA ASP A 32 -4.92 6.52 1.07
C ASP A 32 -6.02 5.58 0.57
N SER A 33 -5.66 4.75 -0.40
CA SER A 33 -6.59 3.78 -0.97
C SER A 33 -7.06 2.79 0.08
N LEU A 34 -6.20 2.52 1.06
CA LEU A 34 -6.52 1.57 2.14
C LEU A 34 -7.79 1.98 2.87
N ARG A 35 -7.86 3.26 3.24
CA ARG A 35 -9.02 3.79 3.97
C ARG A 35 -10.26 3.74 3.10
N ASP A 36 -10.08 4.13 1.84
CA ASP A 36 -11.16 4.15 0.87
C ASP A 36 -11.73 2.76 0.67
N ASP A 37 -10.85 1.78 0.72
CA ASP A 37 -11.23 0.39 0.58
C ASP A 37 -10.12 -0.50 1.12
N PRO A 38 -10.27 -0.93 2.35
CA PRO A 38 -9.27 -1.79 3.04
C PRO A 38 -9.23 -3.22 2.51
N SER A 39 -10.30 -3.63 1.83
CA SER A 39 -10.37 -4.97 1.27
C SER A 39 -9.36 -5.13 0.15
N GLN A 40 -9.00 -4.01 -0.45
CA GLN A 40 -8.06 -3.98 -1.56
C GLN A 40 -6.62 -3.84 -1.13
N SER A 41 -6.34 -3.83 0.18
CA SER A 41 -4.98 -3.65 0.67
C SER A 41 -3.95 -4.38 -0.18
N ALA A 42 -4.27 -5.60 -0.62
CA ALA A 42 -3.36 -6.37 -1.46
C ALA A 42 -3.24 -5.76 -2.86
N ASN A 43 -4.34 -5.17 -3.33
CA ASN A 43 -4.39 -4.52 -4.63
C ASN A 43 -3.59 -3.24 -4.57
N LEU A 44 -3.69 -2.58 -3.43
CA LEU A 44 -2.99 -1.34 -3.15
C LEU A 44 -1.53 -1.67 -3.14
N LEU A 45 -1.26 -2.85 -2.62
CA LEU A 45 0.07 -3.41 -2.59
C LEU A 45 0.50 -3.64 -4.04
N ALA A 46 -0.46 -4.17 -4.80
CA ALA A 46 -0.25 -4.49 -6.20
C ALA A 46 0.08 -3.23 -6.95
N GLU A 47 -0.73 -2.21 -6.67
CA GLU A 47 -0.57 -0.92 -7.24
C GLU A 47 0.73 -0.33 -6.77
N ALA A 48 1.11 -0.71 -5.56
CA ALA A 48 2.34 -0.25 -4.97
C ALA A 48 3.51 -0.88 -5.68
N LYS A 49 3.42 -2.20 -5.90
CA LYS A 49 4.47 -2.91 -6.61
C LYS A 49 4.53 -2.34 -8.01
N LYS A 50 3.35 -1.97 -8.49
CA LYS A 50 3.22 -1.38 -9.82
C LYS A 50 3.98 -0.07 -9.87
N LEU A 51 3.83 0.73 -8.81
CA LEU A 51 4.54 2.00 -8.73
C LEU A 51 6.03 1.75 -8.50
N ASN A 52 6.33 0.85 -7.58
CA ASN A 52 7.70 0.49 -7.26
C ASN A 52 8.41 -0.07 -8.49
N ASP A 53 7.72 -0.96 -9.21
CA ASP A 53 8.26 -1.58 -10.41
C ASP A 53 8.59 -0.51 -11.44
N ALA A 54 7.69 0.44 -11.55
CA ALA A 54 7.85 1.56 -12.47
C ALA A 54 8.99 2.45 -11.98
N GLN A 55 9.17 2.49 -10.66
CA GLN A 55 10.21 3.31 -10.05
C GLN A 55 11.49 2.49 -9.85
N ALA A 56 11.43 1.22 -10.24
CA ALA A 56 12.57 0.31 -10.11
C ALA A 56 13.66 0.66 -11.11
N PRO A 57 14.90 0.50 -10.73
CA PRO A 57 16.07 0.81 -11.59
C PRO A 57 15.95 0.19 -12.99
N LYS A 58 16.61 0.82 -13.95
CA LYS A 58 16.58 0.36 -15.34
C LYS A 58 17.95 0.54 -15.99
N VAL A 1 -15.04 -14.15 18.13
CA VAL A 1 -13.81 -13.35 17.85
C VAL A 1 -14.11 -12.33 16.75
N ASP A 2 -13.70 -11.09 16.98
CA ASP A 2 -13.94 -10.01 16.00
C ASP A 2 -12.69 -9.76 15.17
N ASN A 3 -12.85 -9.03 14.07
CA ASN A 3 -11.74 -8.69 13.18
C ASN A 3 -11.93 -7.29 12.63
N LYS A 4 -11.12 -6.35 13.12
CA LYS A 4 -11.19 -4.96 12.65
C LYS A 4 -10.50 -4.82 11.30
N PHE A 5 -11.19 -4.20 10.35
CA PHE A 5 -10.64 -4.00 9.01
C PHE A 5 -9.43 -3.07 9.07
N ASN A 6 -9.39 -2.25 10.12
CA ASN A 6 -8.30 -1.30 10.33
C ASN A 6 -6.96 -2.01 10.38
N LYS A 7 -6.96 -3.24 10.89
CA LYS A 7 -5.73 -4.04 10.98
C LYS A 7 -5.10 -4.21 9.60
N GLU A 8 -5.95 -4.33 8.60
CA GLU A 8 -5.51 -4.50 7.21
C GLU A 8 -4.80 -3.24 6.72
N LEU A 9 -5.24 -2.09 7.20
CA LEU A 9 -4.65 -0.82 6.79
C LEU A 9 -3.23 -0.66 7.31
N GLY A 10 -2.98 -1.13 8.53
CA GLY A 10 -1.64 -1.04 9.09
C GLY A 10 -0.77 -2.02 8.37
N TRP A 11 -1.40 -3.13 8.00
CA TRP A 11 -0.74 -4.21 7.30
C TRP A 11 -0.28 -3.78 5.92
N ALA A 12 -1.18 -3.24 5.14
CA ALA A 12 -0.87 -2.82 3.79
C ALA A 12 0.05 -1.60 3.78
N THR A 13 -0.07 -0.74 4.78
CA THR A 13 0.74 0.47 4.82
C THR A 13 2.20 0.09 4.84
N TRP A 14 2.54 -0.84 5.72
CA TRP A 14 3.92 -1.30 5.83
C TRP A 14 4.31 -2.12 4.58
N GLU A 15 3.38 -2.92 4.04
CA GLU A 15 3.65 -3.72 2.83
C GLU A 15 4.07 -2.84 1.67
N ILE A 16 3.29 -1.80 1.48
CA ILE A 16 3.50 -0.83 0.42
C ILE A 16 4.73 0.00 0.72
N PHE A 17 4.84 0.37 1.97
CA PHE A 17 6.00 1.14 2.43
C PHE A 17 7.30 0.33 2.34
N ASN A 18 7.17 -0.99 2.25
CA ASN A 18 8.34 -1.87 2.17
C ASN A 18 8.86 -1.92 0.74
N LEU A 19 8.37 -1.00 -0.09
CA LEU A 19 8.79 -0.93 -1.47
C LEU A 19 10.01 -0.04 -1.58
N PRO A 20 11.09 -0.56 -2.10
CA PRO A 20 12.35 0.21 -2.19
C PRO A 20 12.37 1.27 -3.29
N ASN A 21 11.23 1.55 -3.94
CA ASN A 21 11.22 2.53 -5.03
C ASN A 21 10.17 3.61 -4.80
N LEU A 22 9.25 3.39 -3.84
CA LEU A 22 8.20 4.37 -3.56
C LEU A 22 8.73 5.59 -2.81
N ASN A 23 7.87 6.60 -2.80
CA ASN A 23 8.12 7.83 -2.09
C ASN A 23 6.89 8.07 -1.20
N GLY A 24 7.02 8.92 -0.20
CA GLY A 24 5.93 9.21 0.72
C GLY A 24 4.63 9.56 -0.02
N VAL A 25 4.76 10.05 -1.25
CA VAL A 25 3.58 10.42 -2.04
C VAL A 25 2.84 9.19 -2.57
N GLN A 26 3.59 8.26 -3.20
CA GLN A 26 3.00 7.06 -3.76
C GLN A 26 2.50 6.14 -2.67
N VAL A 27 3.32 5.93 -1.65
CA VAL A 27 2.91 5.06 -0.56
C VAL A 27 1.64 5.60 0.05
N LYS A 28 1.66 6.88 0.41
CA LYS A 28 0.52 7.55 0.99
C LYS A 28 -0.69 7.41 0.09
N ALA A 29 -0.44 7.42 -1.22
CA ALA A 29 -1.52 7.26 -2.17
C ALA A 29 -2.14 5.88 -2.00
N PHE A 30 -1.28 4.88 -1.81
CA PHE A 30 -1.73 3.55 -1.60
C PHE A 30 -2.31 3.45 -0.19
N ILE A 31 -1.68 4.16 0.76
CA ILE A 31 -2.17 4.19 2.12
C ILE A 31 -3.54 4.88 2.11
N ASP A 32 -3.71 5.86 1.21
CA ASP A 32 -4.96 6.59 1.09
C ASP A 32 -6.07 5.69 0.56
N SER A 33 -5.73 4.89 -0.45
CA SER A 33 -6.69 3.96 -1.05
C SER A 33 -7.12 2.91 -0.03
N LEU A 34 -6.24 2.62 0.94
CA LEU A 34 -6.51 1.64 1.98
C LEU A 34 -7.78 2.03 2.75
N ARG A 35 -7.89 3.31 3.09
CA ARG A 35 -9.06 3.83 3.80
C ARG A 35 -10.31 3.68 2.95
N ASP A 36 -10.15 3.89 1.64
CA ASP A 36 -11.26 3.79 0.69
C ASP A 36 -11.74 2.35 0.60
N ASP A 37 -10.84 1.43 0.88
CA ASP A 37 -11.15 0.01 0.83
C ASP A 37 -10.04 -0.79 1.51
N PRO A 38 -10.35 -1.41 2.63
CA PRO A 38 -9.36 -2.22 3.40
C PRO A 38 -9.07 -3.58 2.75
N SER A 39 -10.05 -4.14 2.04
CA SER A 39 -9.86 -5.42 1.39
C SER A 39 -8.96 -5.27 0.17
N GLN A 40 -8.91 -4.05 -0.36
CA GLN A 40 -8.10 -3.75 -1.53
C GLN A 40 -6.63 -3.69 -1.21
N SER A 41 -6.29 -3.71 0.08
CA SER A 41 -4.89 -3.59 0.50
C SER A 41 -3.94 -4.36 -0.42
N ALA A 42 -4.31 -5.56 -0.81
CA ALA A 42 -3.46 -6.36 -1.70
C ALA A 42 -3.36 -5.70 -3.07
N ASN A 43 -4.46 -5.07 -3.50
CA ASN A 43 -4.51 -4.39 -4.77
C ASN A 43 -3.68 -3.11 -4.70
N LEU A 44 -3.80 -2.46 -3.55
CA LEU A 44 -3.07 -1.23 -3.26
C LEU A 44 -1.62 -1.58 -3.24
N LEU A 45 -1.38 -2.77 -2.72
CA LEU A 45 -0.06 -3.36 -2.70
C LEU A 45 0.37 -3.55 -4.13
N ALA A 46 -0.57 -4.07 -4.91
CA ALA A 46 -0.36 -4.37 -6.32
C ALA A 46 -0.01 -3.11 -7.05
N GLU A 47 -0.80 -2.08 -6.76
CA GLU A 47 -0.61 -0.79 -7.33
C GLU A 47 0.72 -0.24 -6.86
N ALA A 48 1.06 -0.62 -5.64
CA ALA A 48 2.30 -0.22 -5.04
C ALA A 48 3.45 -0.90 -5.75
N LYS A 49 3.28 -2.21 -5.97
CA LYS A 49 4.28 -2.99 -6.66
C LYS A 49 4.43 -2.43 -8.06
N LYS A 50 3.30 -1.99 -8.60
CA LYS A 50 3.28 -1.39 -9.92
C LYS A 50 4.04 -0.09 -9.91
N LEU A 51 3.89 0.66 -8.82
CA LEU A 51 4.61 1.92 -8.68
C LEU A 51 6.08 1.63 -8.45
N ASN A 52 6.35 0.67 -7.56
CA ASN A 52 7.72 0.28 -7.26
C ASN A 52 8.40 -0.28 -8.49
N ASP A 53 7.70 -1.16 -9.21
CA ASP A 53 8.23 -1.78 -10.41
C ASP A 53 8.57 -0.71 -11.43
N ALA A 54 7.67 0.26 -11.54
CA ALA A 54 7.85 1.37 -12.43
C ALA A 54 9.03 2.21 -11.98
N GLN A 55 9.24 2.25 -10.65
CA GLN A 55 10.34 3.01 -10.07
C GLN A 55 11.57 2.12 -9.89
N ALA A 56 11.44 0.84 -10.22
CA ALA A 56 12.53 -0.11 -10.10
C ALA A 56 13.27 -0.25 -11.42
N PRO A 57 14.57 -0.41 -11.36
CA PRO A 57 15.42 -0.56 -12.57
C PRO A 57 14.91 -1.66 -13.50
N LYS A 58 15.25 -1.54 -14.77
CA LYS A 58 14.84 -2.51 -15.80
C LYS A 58 16.00 -2.74 -16.78
N VAL A 1 -15.89 -13.40 19.12
CA VAL A 1 -14.46 -13.16 18.80
C VAL A 1 -14.35 -12.67 17.35
N ASP A 2 -13.94 -11.41 17.20
CA ASP A 2 -13.80 -10.81 15.86
C ASP A 2 -12.60 -9.88 15.82
N ASN A 3 -12.10 -9.62 14.61
CA ASN A 3 -10.94 -8.76 14.41
C ASN A 3 -11.33 -7.52 13.59
N LYS A 4 -10.78 -6.36 14.00
CA LYS A 4 -11.04 -5.11 13.31
C LYS A 4 -10.37 -5.10 11.95
N PHE A 5 -11.07 -4.58 10.93
CA PHE A 5 -10.54 -4.52 9.58
C PHE A 5 -9.36 -3.55 9.50
N ASN A 6 -9.21 -2.73 10.53
CA ASN A 6 -8.13 -1.76 10.61
C ASN A 6 -6.77 -2.43 10.45
N LYS A 7 -6.71 -3.71 10.85
CA LYS A 7 -5.46 -4.48 10.76
C LYS A 7 -4.94 -4.49 9.33
N GLU A 8 -5.86 -4.58 8.38
CA GLU A 8 -5.49 -4.59 6.95
C GLU A 8 -4.83 -3.28 6.55
N LEU A 9 -5.25 -2.20 7.18
CA LEU A 9 -4.68 -0.89 6.88
C LEU A 9 -3.26 -0.81 7.39
N GLY A 10 -3.00 -1.44 8.53
CA GLY A 10 -1.66 -1.46 9.09
C GLY A 10 -0.84 -2.44 8.28
N TRP A 11 -1.56 -3.43 7.75
CA TRP A 11 -0.96 -4.48 6.96
C TRP A 11 -0.43 -3.95 5.64
N ALA A 12 -1.29 -3.31 4.87
CA ALA A 12 -0.86 -2.80 3.58
C ALA A 12 0.08 -1.60 3.69
N THR A 13 -0.13 -0.76 4.68
CA THR A 13 0.69 0.46 4.80
C THR A 13 2.15 0.12 4.91
N TRP A 14 2.50 -0.81 5.79
CA TRP A 14 3.89 -1.20 5.94
C TRP A 14 4.35 -1.99 4.69
N GLU A 15 3.48 -2.87 4.14
CA GLU A 15 3.82 -3.66 2.96
C GLU A 15 4.22 -2.78 1.78
N ILE A 16 3.38 -1.79 1.54
CA ILE A 16 3.58 -0.83 0.47
C ILE A 16 4.78 0.02 0.78
N PHE A 17 4.87 0.43 2.03
CA PHE A 17 6.00 1.23 2.50
C PHE A 17 7.31 0.45 2.40
N ASN A 18 7.23 -0.87 2.33
CA ASN A 18 8.42 -1.72 2.25
C ASN A 18 8.89 -1.85 0.81
N LEU A 19 8.40 -0.97 -0.06
CA LEU A 19 8.78 -0.98 -1.44
C LEU A 19 10.04 -0.14 -1.62
N PRO A 20 11.06 -0.71 -2.20
CA PRO A 20 12.34 0.00 -2.36
C PRO A 20 12.34 1.13 -3.39
N ASN A 21 11.21 1.43 -4.06
CA ASN A 21 11.22 2.49 -5.06
C ASN A 21 10.13 3.53 -4.82
N LEU A 22 9.24 3.28 -3.86
CA LEU A 22 8.17 4.23 -3.56
C LEU A 22 8.69 5.48 -2.89
N ASN A 23 7.83 6.49 -2.92
CA ASN A 23 8.08 7.75 -2.26
C ASN A 23 6.86 8.03 -1.37
N GLY A 24 7.04 8.87 -0.36
CA GLY A 24 5.96 9.20 0.57
C GLY A 24 4.66 9.53 -0.15
N VAL A 25 4.75 10.05 -1.38
CA VAL A 25 3.55 10.40 -2.14
C VAL A 25 2.82 9.15 -2.65
N GLN A 26 3.56 8.25 -3.30
CA GLN A 26 2.98 7.03 -3.85
C GLN A 26 2.48 6.10 -2.76
N VAL A 27 3.29 5.92 -1.72
CA VAL A 27 2.88 5.06 -0.62
C VAL A 27 1.60 5.60 -0.01
N LYS A 28 1.63 6.88 0.31
CA LYS A 28 0.49 7.58 0.90
C LYS A 28 -0.72 7.40 0.00
N ALA A 29 -0.50 7.37 -1.29
CA ALA A 29 -1.57 7.18 -2.25
C ALA A 29 -2.20 5.81 -2.02
N PHE A 30 -1.34 4.81 -1.81
CA PHE A 30 -1.79 3.48 -1.54
C PHE A 30 -2.34 3.42 -0.13
N ILE A 31 -1.68 4.15 0.79
CA ILE A 31 -2.16 4.22 2.17
C ILE A 31 -3.54 4.90 2.14
N ASP A 32 -3.71 5.84 1.20
CA ASP A 32 -4.98 6.55 1.04
C ASP A 32 -6.04 5.61 0.50
N SER A 33 -5.64 4.80 -0.48
CA SER A 33 -6.54 3.82 -1.09
C SER A 33 -7.01 2.82 -0.05
N LEU A 34 -6.16 2.57 0.94
CA LEU A 34 -6.47 1.64 2.04
C LEU A 34 -7.73 2.12 2.75
N ARG A 35 -7.79 3.43 3.00
CA ARG A 35 -8.93 4.04 3.67
C ARG A 35 -10.17 3.94 2.80
N ASP A 36 -9.94 4.09 1.51
CA ASP A 36 -11.00 4.03 0.51
C ASP A 36 -11.53 2.61 0.37
N ASP A 37 -10.68 1.65 0.73
CA ASP A 37 -11.03 0.24 0.68
C ASP A 37 -9.98 -0.59 1.41
N PRO A 38 -10.35 -1.13 2.54
CA PRO A 38 -9.43 -1.98 3.36
C PRO A 38 -9.19 -3.36 2.75
N SER A 39 -10.18 -3.85 2.00
CA SER A 39 -10.07 -5.17 1.36
C SER A 39 -9.07 -5.10 0.21
N GLN A 40 -8.93 -3.91 -0.36
CA GLN A 40 -8.03 -3.69 -1.48
C GLN A 40 -6.58 -3.67 -1.07
N SER A 41 -6.31 -3.68 0.23
CA SER A 41 -4.93 -3.60 0.72
C SER A 41 -3.95 -4.41 -0.13
N ALA A 42 -4.35 -5.59 -0.57
CA ALA A 42 -3.49 -6.41 -1.41
C ALA A 42 -3.34 -5.80 -2.81
N ASN A 43 -4.43 -5.19 -3.28
CA ASN A 43 -4.45 -4.55 -4.57
C ASN A 43 -3.61 -3.28 -4.54
N LEU A 44 -3.72 -2.59 -3.43
CA LEU A 44 -2.98 -1.36 -3.18
C LEU A 44 -1.53 -1.72 -3.17
N LEU A 45 -1.29 -2.90 -2.61
CA LEU A 45 0.03 -3.49 -2.60
C LEU A 45 0.45 -3.72 -4.03
N ALA A 46 -0.51 -4.24 -4.78
CA ALA A 46 -0.32 -4.57 -6.19
C ALA A 46 0.03 -3.33 -6.96
N GLU A 47 -0.75 -2.30 -6.68
CA GLU A 47 -0.56 -1.01 -7.28
C GLU A 47 0.75 -0.44 -6.82
N ALA A 48 1.09 -0.77 -5.58
CA ALA A 48 2.32 -0.33 -4.98
C ALA A 48 3.49 -1.00 -5.68
N LYS A 49 3.35 -2.31 -5.89
CA LYS A 49 4.37 -3.08 -6.58
C LYS A 49 4.53 -2.50 -7.96
N LYS A 50 3.39 -2.09 -8.52
CA LYS A 50 3.34 -1.50 -9.84
C LYS A 50 4.02 -0.14 -9.84
N LEU A 51 3.78 0.63 -8.78
CA LEU A 51 4.40 1.95 -8.68
C LEU A 51 5.88 1.79 -8.40
N ASN A 52 6.21 0.86 -7.51
CA ASN A 52 7.59 0.55 -7.18
C ASN A 52 8.31 0.08 -8.43
N ASP A 53 7.65 -0.79 -9.18
CA ASP A 53 8.21 -1.31 -10.42
C ASP A 53 8.44 -0.17 -11.39
N ALA A 54 7.50 0.76 -11.38
CA ALA A 54 7.58 1.94 -12.22
C ALA A 54 8.71 2.84 -11.75
N GLN A 55 8.94 2.87 -10.43
CA GLN A 55 10.01 3.69 -9.86
C GLN A 55 11.31 2.88 -9.75
N ALA A 56 11.25 1.62 -10.19
CA ALA A 56 12.42 0.74 -10.15
C ALA A 56 13.45 1.15 -11.19
N PRO A 57 14.72 1.05 -10.85
CA PRO A 57 15.83 1.43 -11.76
C PRO A 57 15.71 0.75 -13.13
N LYS A 58 16.36 1.36 -14.12
CA LYS A 58 16.34 0.84 -15.48
C LYS A 58 17.53 -0.10 -15.71
N VAL A 1 -19.67 -4.69 13.42
CA VAL A 1 -19.76 -3.77 14.59
C VAL A 1 -18.35 -3.41 15.05
N ASP A 2 -17.45 -4.39 14.98
CA ASP A 2 -16.05 -4.17 15.39
C ASP A 2 -15.31 -3.31 14.38
N ASN A 3 -14.24 -2.66 14.84
CA ASN A 3 -13.42 -1.80 13.98
C ASN A 3 -11.97 -2.30 13.97
N LYS A 4 -11.80 -3.59 14.25
CA LYS A 4 -10.47 -4.20 14.31
C LYS A 4 -9.87 -4.42 12.91
N PHE A 5 -10.67 -4.13 11.88
CA PHE A 5 -10.21 -4.29 10.50
C PHE A 5 -9.09 -3.31 10.19
N ASN A 6 -8.92 -2.31 11.06
CA ASN A 6 -7.89 -1.28 10.91
C ASN A 6 -6.50 -1.91 10.78
N LYS A 7 -6.34 -3.08 11.40
CA LYS A 7 -5.06 -3.79 11.38
C LYS A 7 -4.59 -4.03 9.94
N GLU A 8 -5.53 -4.38 9.07
CA GLU A 8 -5.23 -4.65 7.66
C GLU A 8 -4.71 -3.40 6.97
N LEU A 9 -5.21 -2.24 7.40
CA LEU A 9 -4.79 -0.98 6.81
C LEU A 9 -3.36 -0.66 7.20
N GLY A 10 -2.99 -1.02 8.42
CA GLY A 10 -1.62 -0.79 8.88
C GLY A 10 -0.74 -1.83 8.24
N TRP A 11 -1.35 -2.99 8.03
CA TRP A 11 -0.68 -4.11 7.41
C TRP A 11 -0.24 -3.77 6.00
N ALA A 12 -1.18 -3.29 5.22
CA ALA A 12 -0.89 -2.92 3.85
C ALA A 12 -0.01 -1.68 3.78
N THR A 13 -0.16 -0.79 4.78
CA THR A 13 0.63 0.43 4.78
C THR A 13 2.09 0.10 4.82
N TRP A 14 2.47 -0.78 5.73
CA TRP A 14 3.85 -1.19 5.86
C TRP A 14 4.28 -2.04 4.65
N GLU A 15 3.36 -2.88 4.12
CA GLU A 15 3.67 -3.71 2.95
C GLU A 15 4.08 -2.85 1.76
N ILE A 16 3.28 -1.83 1.55
CA ILE A 16 3.49 -0.87 0.46
C ILE A 16 4.72 -0.03 0.77
N PHE A 17 4.80 0.40 2.02
CA PHE A 17 5.94 1.19 2.49
C PHE A 17 7.24 0.38 2.42
N ASN A 18 7.13 -0.95 2.35
CA ASN A 18 8.30 -1.82 2.29
C ASN A 18 8.78 -1.97 0.86
N LEU A 19 8.41 -1.02 0.01
CA LEU A 19 8.81 -1.05 -1.38
C LEU A 19 10.07 -0.24 -1.56
N PRO A 20 11.06 -0.78 -2.23
CA PRO A 20 12.35 -0.08 -2.41
C PRO A 20 12.34 1.06 -3.43
N ASN A 21 11.19 1.36 -4.07
CA ASN A 21 11.17 2.42 -5.08
C ASN A 21 10.08 3.46 -4.83
N LEU A 22 9.21 3.23 -3.84
CA LEU A 22 8.15 4.18 -3.54
C LEU A 22 8.67 5.44 -2.87
N ASN A 23 7.81 6.45 -2.92
CA ASN A 23 8.06 7.72 -2.27
C ASN A 23 6.85 8.01 -1.39
N GLY A 24 7.02 8.86 -0.39
CA GLY A 24 5.95 9.20 0.54
C GLY A 24 4.63 9.53 -0.18
N VAL A 25 4.73 10.02 -1.42
CA VAL A 25 3.54 10.38 -2.19
C VAL A 25 2.80 9.13 -2.69
N GLN A 26 3.54 8.21 -3.31
CA GLN A 26 2.95 7.00 -3.85
C GLN A 26 2.46 6.08 -2.75
N VAL A 27 3.26 5.90 -1.72
CA VAL A 27 2.86 5.04 -0.62
C VAL A 27 1.58 5.58 -0.01
N LYS A 28 1.60 6.86 0.33
CA LYS A 28 0.44 7.53 0.91
C LYS A 28 -0.76 7.37 0.03
N ALA A 29 -0.55 7.35 -1.29
CA ALA A 29 -1.63 7.16 -2.22
C ALA A 29 -2.24 5.79 -1.99
N PHE A 30 -1.38 4.80 -1.79
CA PHE A 30 -1.82 3.47 -1.50
C PHE A 30 -2.35 3.42 -0.08
N ILE A 31 -1.70 4.16 0.82
CA ILE A 31 -2.17 4.23 2.19
C ILE A 31 -3.56 4.87 2.16
N ASP A 32 -3.75 5.82 1.22
CA ASP A 32 -5.03 6.50 1.07
C ASP A 32 -6.08 5.54 0.53
N SER A 33 -5.69 4.76 -0.47
CA SER A 33 -6.59 3.78 -1.07
C SER A 33 -7.00 2.73 -0.03
N LEU A 34 -6.10 2.46 0.92
CA LEU A 34 -6.36 1.50 2.00
C LEU A 34 -7.60 1.90 2.78
N ARG A 35 -7.64 3.16 3.18
CA ARG A 35 -8.76 3.71 3.95
C ARG A 35 -10.03 3.68 3.12
N ASP A 36 -9.85 4.09 1.87
CA ASP A 36 -10.95 4.16 0.91
C ASP A 36 -11.55 2.77 0.71
N ASP A 37 -10.69 1.77 0.74
CA ASP A 37 -11.10 0.39 0.61
C ASP A 37 -9.99 -0.54 1.11
N PRO A 38 -10.12 -1.00 2.33
CA PRO A 38 -9.11 -1.89 2.96
C PRO A 38 -9.12 -3.31 2.39
N SER A 39 -10.24 -3.69 1.77
CA SER A 39 -10.36 -5.02 1.17
C SER A 39 -9.43 -5.13 -0.03
N GLN A 40 -9.01 -3.97 -0.54
CA GLN A 40 -8.13 -3.92 -1.70
C GLN A 40 -6.67 -3.84 -1.31
N SER A 41 -6.36 -3.85 -0.01
CA SER A 41 -4.98 -3.72 0.45
C SER A 41 -3.99 -4.47 -0.43
N ALA A 42 -4.33 -5.68 -0.83
CA ALA A 42 -3.45 -6.47 -1.68
C ALA A 42 -3.31 -5.82 -3.06
N ASN A 43 -4.40 -5.23 -3.52
CA ASN A 43 -4.43 -4.55 -4.80
C ASN A 43 -3.62 -3.26 -4.72
N LEU A 44 -3.73 -2.61 -3.56
CA LEU A 44 -3.02 -1.39 -3.27
C LEU A 44 -1.57 -1.73 -3.23
N LEU A 45 -1.33 -2.91 -2.69
CA LEU A 45 -0.02 -3.50 -2.64
C LEU A 45 0.45 -3.71 -4.06
N ALA A 46 -0.49 -4.24 -4.85
CA ALA A 46 -0.26 -4.56 -6.25
C ALA A 46 0.08 -3.31 -7.00
N GLU A 47 -0.70 -2.29 -6.73
CA GLU A 47 -0.53 -0.99 -7.31
C GLU A 47 0.79 -0.43 -6.83
N ALA A 48 1.12 -0.79 -5.60
CA ALA A 48 2.34 -0.34 -4.98
C ALA A 48 3.52 -0.99 -5.67
N LYS A 49 3.41 -2.30 -5.89
CA LYS A 49 4.45 -3.06 -6.58
C LYS A 49 4.58 -2.46 -7.97
N LYS A 50 3.42 -2.08 -8.50
CA LYS A 50 3.33 -1.47 -9.82
C LYS A 50 4.02 -0.13 -9.83
N LEU A 51 3.77 0.65 -8.77
CA LEU A 51 4.38 1.97 -8.66
C LEU A 51 5.87 1.85 -8.37
N ASN A 52 6.23 0.92 -7.50
CA ASN A 52 7.62 0.69 -7.17
C ASN A 52 8.36 0.19 -8.42
N ASP A 53 7.69 -0.72 -9.15
CA ASP A 53 8.25 -1.25 -10.38
C ASP A 53 8.49 -0.11 -11.35
N ALA A 54 7.56 0.83 -11.33
CA ALA A 54 7.62 2.01 -12.17
C ALA A 54 8.78 2.90 -11.72
N GLN A 55 9.01 2.94 -10.40
CA GLN A 55 10.10 3.74 -9.84
C GLN A 55 11.38 2.93 -9.75
N ALA A 56 11.32 1.68 -10.22
CA ALA A 56 12.47 0.79 -10.20
C ALA A 56 13.50 1.21 -11.24
N PRO A 57 14.76 1.03 -10.94
CA PRO A 57 15.88 1.42 -11.85
C PRO A 57 15.69 0.85 -13.26
N LYS A 58 16.33 1.52 -14.23
CA LYS A 58 16.24 1.11 -15.63
C LYS A 58 17.59 1.27 -16.32
N VAL A 1 -16.30 -7.08 17.19
CA VAL A 1 -16.06 -5.66 17.56
C VAL A 1 -14.65 -5.52 18.14
N ASP A 2 -14.22 -6.53 18.90
CA ASP A 2 -12.89 -6.54 19.50
C ASP A 2 -11.82 -6.47 18.42
N ASN A 3 -12.08 -7.14 17.31
CA ASN A 3 -11.15 -7.17 16.18
C ASN A 3 -11.51 -6.07 15.19
N LYS A 4 -10.62 -5.08 15.07
CA LYS A 4 -10.85 -3.96 14.17
C LYS A 4 -10.19 -4.22 12.80
N PHE A 5 -10.91 -3.87 11.73
CA PHE A 5 -10.41 -4.05 10.38
C PHE A 5 -9.25 -3.08 10.11
N ASN A 6 -9.13 -2.09 10.99
CA ASN A 6 -8.09 -1.06 10.88
C ASN A 6 -6.71 -1.71 10.81
N LYS A 7 -6.56 -2.87 11.44
CA LYS A 7 -5.29 -3.59 11.45
C LYS A 7 -4.83 -3.89 10.03
N GLU A 8 -5.81 -4.18 9.17
CA GLU A 8 -5.53 -4.49 7.77
C GLU A 8 -4.95 -3.27 7.05
N LEU A 9 -5.36 -2.09 7.48
CA LEU A 9 -4.88 -0.86 6.87
C LEU A 9 -3.43 -0.64 7.26
N GLY A 10 -3.06 -1.08 8.47
CA GLY A 10 -1.68 -0.95 8.92
C GLY A 10 -0.85 -2.00 8.22
N TRP A 11 -1.54 -3.09 7.90
CA TRP A 11 -0.93 -4.21 7.22
C TRP A 11 -0.39 -3.79 5.86
N ALA A 12 -1.24 -3.22 5.04
CA ALA A 12 -0.80 -2.80 3.72
C ALA A 12 0.14 -1.60 3.77
N THR A 13 -0.06 -0.72 4.75
CA THR A 13 0.75 0.50 4.83
C THR A 13 2.22 0.18 4.92
N TRP A 14 2.59 -0.72 5.82
CA TRP A 14 3.98 -1.09 5.95
C TRP A 14 4.43 -1.89 4.70
N GLU A 15 3.54 -2.79 4.19
CA GLU A 15 3.88 -3.61 3.02
C GLU A 15 4.24 -2.75 1.82
N ILE A 16 3.41 -1.75 1.58
CA ILE A 16 3.59 -0.81 0.49
C ILE A 16 4.82 0.03 0.75
N PHE A 17 4.94 0.45 2.00
CA PHE A 17 6.09 1.24 2.43
C PHE A 17 7.38 0.43 2.31
N ASN A 18 7.26 -0.90 2.23
CA ASN A 18 8.42 -1.77 2.14
C ASN A 18 8.72 -2.08 0.68
N LEU A 19 8.62 -1.06 -0.16
CA LEU A 19 8.89 -1.22 -1.58
C LEU A 19 10.22 -0.61 -1.93
N PRO A 20 10.94 -1.22 -2.84
CA PRO A 20 12.28 -0.75 -3.23
C PRO A 20 12.34 0.64 -3.90
N ASN A 21 11.22 1.20 -4.40
CA ASN A 21 11.33 2.50 -5.07
C ASN A 21 10.20 3.47 -4.78
N LEU A 22 9.34 3.20 -3.80
CA LEU A 22 8.25 4.12 -3.48
C LEU A 22 8.74 5.36 -2.76
N ASN A 23 7.89 6.38 -2.79
CA ASN A 23 8.13 7.63 -2.10
C ASN A 23 6.92 7.90 -1.21
N GLY A 24 7.08 8.75 -0.20
CA GLY A 24 6.01 9.06 0.74
C GLY A 24 4.69 9.41 0.03
N VAL A 25 4.79 9.97 -1.19
CA VAL A 25 3.59 10.33 -1.94
C VAL A 25 2.87 9.11 -2.49
N GLN A 26 3.61 8.23 -3.16
CA GLN A 26 3.05 7.02 -3.75
C GLN A 26 2.54 6.07 -2.70
N VAL A 27 3.32 5.89 -1.64
CA VAL A 27 2.91 5.01 -0.56
C VAL A 27 1.62 5.52 0.06
N LYS A 28 1.61 6.81 0.38
CA LYS A 28 0.43 7.44 0.96
C LYS A 28 -0.76 7.24 0.06
N ALA A 29 -0.51 7.24 -1.25
CA ALA A 29 -1.56 7.06 -2.24
C ALA A 29 -2.21 5.69 -2.08
N PHE A 30 -1.39 4.67 -1.85
CA PHE A 30 -1.89 3.34 -1.69
C PHE A 30 -2.58 3.21 -0.35
N ILE A 31 -1.98 3.82 0.65
CA ILE A 31 -2.55 3.85 1.98
C ILE A 31 -3.83 4.68 1.95
N ASP A 32 -3.83 5.71 1.10
CA ASP A 32 -5.03 6.54 0.94
C ASP A 32 -6.14 5.64 0.40
N SER A 33 -5.77 4.75 -0.52
CA SER A 33 -6.70 3.79 -1.11
C SER A 33 -7.14 2.77 -0.05
N LEU A 34 -6.26 2.50 0.91
CA LEU A 34 -6.57 1.55 1.99
C LEU A 34 -7.83 2.00 2.73
N ARG A 35 -7.86 3.29 3.02
CA ARG A 35 -9.00 3.89 3.73
C ARG A 35 -10.24 3.84 2.86
N ASP A 36 -10.04 4.11 1.58
CA ASP A 36 -11.12 4.10 0.59
C ASP A 36 -11.68 2.70 0.44
N ASP A 37 -10.80 1.73 0.59
CA ASP A 37 -11.16 0.33 0.48
C ASP A 37 -10.10 -0.54 1.15
N PRO A 38 -10.38 -0.98 2.35
CA PRO A 38 -9.44 -1.83 3.14
C PRO A 38 -9.37 -3.27 2.66
N SER A 39 -10.40 -3.70 1.91
CA SER A 39 -10.46 -5.06 1.40
C SER A 39 -9.43 -5.28 0.30
N GLN A 40 -9.06 -4.20 -0.39
CA GLN A 40 -8.11 -4.29 -1.50
C GLN A 40 -6.69 -3.93 -1.09
N SER A 41 -6.39 -3.87 0.21
CA SER A 41 -5.06 -3.54 0.69
C SER A 41 -3.96 -4.24 -0.11
N ALA A 42 -4.23 -5.49 -0.50
CA ALA A 42 -3.27 -6.28 -1.28
C ALA A 42 -3.16 -5.76 -2.71
N ASN A 43 -4.26 -5.20 -3.20
CA ASN A 43 -4.32 -4.65 -4.53
C ASN A 43 -3.51 -3.35 -4.57
N LEU A 44 -3.61 -2.63 -3.47
CA LEU A 44 -2.91 -1.38 -3.25
C LEU A 44 -1.46 -1.70 -3.21
N LEU A 45 -1.20 -2.85 -2.61
CA LEU A 45 0.13 -3.41 -2.56
C LEU A 45 0.57 -3.71 -3.97
N ALA A 46 -0.39 -4.26 -4.72
CA ALA A 46 -0.17 -4.65 -6.10
C ALA A 46 0.16 -3.44 -6.93
N GLU A 47 -0.65 -2.42 -6.71
CA GLU A 47 -0.49 -1.17 -7.38
C GLU A 47 0.79 -0.51 -6.91
N ALA A 48 1.12 -0.78 -5.66
CA ALA A 48 2.31 -0.24 -5.05
C ALA A 48 3.53 -0.83 -5.72
N LYS A 49 3.52 -2.15 -5.93
CA LYS A 49 4.61 -2.82 -6.62
C LYS A 49 4.70 -2.25 -8.01
N LYS A 50 3.53 -1.97 -8.56
CA LYS A 50 3.44 -1.38 -9.89
C LYS A 50 4.05 0.01 -9.89
N LEU A 51 3.76 0.78 -8.84
CA LEU A 51 4.31 2.13 -8.74
C LEU A 51 5.79 2.08 -8.44
N ASN A 52 6.19 1.16 -7.55
CA ASN A 52 7.59 1.00 -7.20
C ASN A 52 8.35 0.49 -8.41
N ASP A 53 7.74 -0.47 -9.12
CA ASP A 53 8.35 -1.02 -10.32
C ASP A 53 8.57 0.09 -11.32
N ALA A 54 7.58 0.97 -11.39
CA ALA A 54 7.63 2.12 -12.26
C ALA A 54 8.73 3.07 -11.81
N GLN A 55 8.92 3.14 -10.47
CA GLN A 55 9.96 3.99 -9.91
C GLN A 55 11.30 3.26 -9.89
N ALA A 56 11.27 1.98 -10.25
CA ALA A 56 12.46 1.15 -10.29
C ALA A 56 13.22 1.37 -11.59
N PRO A 57 14.46 0.96 -11.63
CA PRO A 57 15.31 1.12 -12.83
C PRO A 57 14.90 0.16 -13.93
N LYS A 58 15.19 0.56 -15.17
CA LYS A 58 14.83 -0.23 -16.34
C LYS A 58 15.91 -0.10 -17.43
N VAL A 1 -14.31 -12.82 14.93
CA VAL A 1 -12.87 -12.54 14.70
C VAL A 1 -12.21 -12.12 16.01
N ASP A 2 -10.92 -12.40 16.14
CA ASP A 2 -10.17 -12.04 17.35
C ASP A 2 -10.22 -10.54 17.61
N ASN A 3 -10.18 -9.77 16.52
CA ASN A 3 -10.22 -8.31 16.61
C ASN A 3 -11.00 -7.72 15.42
N LYS A 4 -11.19 -6.41 15.45
CA LYS A 4 -11.90 -5.72 14.37
C LYS A 4 -10.97 -5.48 13.19
N PHE A 5 -11.55 -5.40 12.00
CA PHE A 5 -10.77 -5.20 10.79
C PHE A 5 -10.15 -3.80 10.75
N ASN A 6 -8.88 -3.74 11.14
CA ASN A 6 -8.13 -2.49 11.16
C ASN A 6 -6.65 -2.80 10.99
N LYS A 7 -6.24 -3.96 11.50
CA LYS A 7 -4.84 -4.38 11.41
C LYS A 7 -4.42 -4.45 9.94
N GLU A 8 -5.38 -4.77 9.09
CA GLU A 8 -5.14 -4.88 7.65
C GLU A 8 -4.65 -3.55 7.09
N LEU A 9 -5.16 -2.46 7.64
CA LEU A 9 -4.77 -1.14 7.17
C LEU A 9 -3.34 -0.82 7.56
N GLY A 10 -2.93 -1.28 8.73
CA GLY A 10 -1.56 -1.07 9.18
C GLY A 10 -0.68 -2.02 8.41
N TRP A 11 -1.28 -3.17 8.07
CA TRP A 11 -0.60 -4.21 7.35
C TRP A 11 -0.18 -3.78 5.95
N ALA A 12 -1.11 -3.25 5.17
CA ALA A 12 -0.81 -2.82 3.82
C ALA A 12 0.09 -1.60 3.81
N THR A 13 -0.05 -0.74 4.80
CA THR A 13 0.74 0.48 4.83
C THR A 13 2.21 0.12 4.87
N TRP A 14 2.56 -0.81 5.76
CA TRP A 14 3.94 -1.24 5.88
C TRP A 14 4.35 -2.06 4.64
N GLU A 15 3.42 -2.88 4.09
CA GLU A 15 3.71 -3.69 2.90
C GLU A 15 4.11 -2.81 1.73
N ILE A 16 3.32 -1.79 1.51
CA ILE A 16 3.51 -0.83 0.44
C ILE A 16 4.75 0.00 0.75
N PHE A 17 4.85 0.40 2.01
CA PHE A 17 6.01 1.17 2.46
C PHE A 17 7.29 0.35 2.38
N ASN A 18 7.15 -0.98 2.33
CA ASN A 18 8.31 -1.87 2.26
C ASN A 18 8.81 -1.99 0.84
N LEU A 19 8.32 -1.10 -0.04
CA LEU A 19 8.73 -1.10 -1.41
C LEU A 19 10.00 -0.30 -1.56
N PRO A 20 11.02 -0.88 -2.14
CA PRO A 20 12.31 -0.19 -2.26
C PRO A 20 12.36 0.97 -3.26
N ASN A 21 11.24 1.33 -3.93
CA ASN A 21 11.31 2.41 -4.90
C ASN A 21 10.21 3.45 -4.69
N LEU A 22 9.29 3.20 -3.75
CA LEU A 22 8.21 4.14 -3.50
C LEU A 22 8.70 5.42 -2.81
N ASN A 23 7.83 6.41 -2.89
CA ASN A 23 8.05 7.69 -2.24
C ASN A 23 6.81 7.98 -1.39
N GLY A 24 6.96 8.86 -0.39
CA GLY A 24 5.86 9.20 0.50
C GLY A 24 4.56 9.53 -0.27
N VAL A 25 4.70 10.03 -1.49
CA VAL A 25 3.53 10.38 -2.30
C VAL A 25 2.79 9.12 -2.77
N GLN A 26 3.55 8.16 -3.33
CA GLN A 26 2.98 6.93 -3.83
C GLN A 26 2.45 6.05 -2.73
N VAL A 27 3.25 5.86 -1.69
CA VAL A 27 2.85 5.01 -0.58
C VAL A 27 1.55 5.52 0.04
N LYS A 28 1.53 6.81 0.35
CA LYS A 28 0.35 7.43 0.93
C LYS A 28 -0.84 7.23 0.01
N ALA A 29 -0.57 7.26 -1.30
CA ALA A 29 -1.62 7.08 -2.30
C ALA A 29 -2.24 5.69 -2.17
N PHE A 30 -1.41 4.69 -1.93
CA PHE A 30 -1.88 3.34 -1.80
C PHE A 30 -2.59 3.18 -0.48
N ILE A 31 -2.03 3.78 0.55
CA ILE A 31 -2.64 3.78 1.85
C ILE A 31 -3.92 4.62 1.81
N ASP A 32 -3.90 5.67 0.98
CA ASP A 32 -5.09 6.51 0.81
C ASP A 32 -6.22 5.66 0.24
N SER A 33 -5.85 4.68 -0.58
CA SER A 33 -6.81 3.77 -1.17
C SER A 33 -7.32 2.81 -0.07
N LEU A 34 -6.42 2.50 0.88
CA LEU A 34 -6.75 1.60 1.99
C LEU A 34 -7.94 2.10 2.80
N ARG A 35 -7.86 3.34 3.25
CA ARG A 35 -8.93 3.94 4.04
C ARG A 35 -10.21 3.96 3.23
N ASP A 36 -10.07 4.23 1.94
CA ASP A 36 -11.20 4.25 1.01
C ASP A 36 -11.79 2.85 0.90
N ASP A 37 -10.89 1.87 0.90
CA ASP A 37 -11.25 0.44 0.81
C ASP A 37 -10.05 -0.39 1.22
N PRO A 38 -10.03 -0.84 2.45
CA PRO A 38 -8.89 -1.65 2.98
C PRO A 38 -8.86 -3.08 2.45
N SER A 39 -10.01 -3.55 1.95
CA SER A 39 -10.09 -4.89 1.40
C SER A 39 -9.19 -4.99 0.17
N GLN A 40 -8.92 -3.83 -0.42
CA GLN A 40 -8.08 -3.76 -1.61
C GLN A 40 -6.61 -3.67 -1.26
N SER A 41 -6.27 -3.67 0.03
CA SER A 41 -4.88 -3.54 0.47
C SER A 41 -3.92 -4.32 -0.42
N ALA A 42 -4.28 -5.54 -0.78
CA ALA A 42 -3.43 -6.35 -1.63
C ALA A 42 -3.30 -5.74 -3.02
N ASN A 43 -4.38 -5.13 -3.48
CA ASN A 43 -4.42 -4.48 -4.77
C ASN A 43 -3.60 -3.21 -4.73
N LEU A 44 -3.72 -2.51 -3.61
CA LEU A 44 -3.00 -1.28 -3.36
C LEU A 44 -1.54 -1.64 -3.32
N LEU A 45 -1.31 -2.81 -2.75
CA LEU A 45 0.00 -3.39 -2.70
C LEU A 45 0.46 -3.65 -4.12
N ALA A 46 -0.49 -4.18 -4.89
CA ALA A 46 -0.27 -4.53 -6.28
C ALA A 46 0.10 -3.30 -7.06
N GLU A 47 -0.70 -2.27 -6.82
CA GLU A 47 -0.51 -1.00 -7.43
C GLU A 47 0.80 -0.41 -6.94
N ALA A 48 1.11 -0.73 -5.70
CA ALA A 48 2.32 -0.27 -5.08
C ALA A 48 3.51 -0.92 -5.74
N LYS A 49 3.42 -2.24 -5.95
CA LYS A 49 4.48 -2.97 -6.62
C LYS A 49 4.63 -2.40 -8.01
N LYS A 50 3.49 -2.04 -8.58
CA LYS A 50 3.45 -1.46 -9.91
C LYS A 50 4.13 -0.10 -9.90
N LEU A 51 3.87 0.68 -8.85
CA LEU A 51 4.49 2.00 -8.73
C LEU A 51 5.97 1.84 -8.42
N ASN A 52 6.26 0.91 -7.53
CA ASN A 52 7.64 0.60 -7.16
C ASN A 52 8.40 0.13 -8.39
N ASP A 53 7.75 -0.73 -9.16
CA ASP A 53 8.33 -1.26 -10.39
C ASP A 53 8.62 -0.10 -11.34
N ALA A 54 7.69 0.84 -11.34
CA ALA A 54 7.81 2.03 -12.17
C ALA A 54 8.97 2.88 -11.66
N GLN A 55 9.17 2.89 -10.34
CA GLN A 55 10.27 3.66 -9.75
C GLN A 55 11.53 2.81 -9.66
N ALA A 56 11.41 1.54 -10.06
CA ALA A 56 12.55 0.62 -10.04
C ALA A 56 13.40 0.79 -11.29
N PRO A 57 14.70 0.62 -11.16
CA PRO A 57 15.64 0.76 -12.30
C PRO A 57 15.23 -0.12 -13.48
N LYS A 58 15.62 0.31 -14.67
CA LYS A 58 15.31 -0.41 -15.91
C LYS A 58 16.47 -0.31 -16.89
N VAL A 1 -2.80 -7.58 18.91
CA VAL A 1 -2.43 -7.32 17.49
C VAL A 1 -3.69 -7.25 16.63
N ASP A 2 -4.68 -8.10 16.97
CA ASP A 2 -5.93 -8.14 16.23
C ASP A 2 -6.76 -6.88 16.49
N ASN A 3 -7.45 -6.41 15.46
CA ASN A 3 -8.28 -5.21 15.56
C ASN A 3 -9.37 -5.24 14.48
N LYS A 4 -10.05 -4.10 14.31
CA LYS A 4 -11.11 -3.97 13.30
C LYS A 4 -10.53 -4.09 11.89
N PHE A 5 -11.38 -3.83 10.89
CA PHE A 5 -10.96 -3.90 9.48
C PHE A 5 -9.77 -2.97 9.24
N ASN A 6 -9.63 -1.97 10.10
CA ASN A 6 -8.54 -1.01 10.00
C ASN A 6 -7.17 -1.70 10.15
N LYS A 7 -7.18 -2.92 10.72
CA LYS A 7 -5.94 -3.68 10.88
C LYS A 7 -5.26 -3.84 9.53
N GLU A 8 -6.10 -3.93 8.50
CA GLU A 8 -5.63 -4.06 7.12
C GLU A 8 -4.82 -2.84 6.72
N LEU A 9 -5.19 -1.70 7.30
CA LEU A 9 -4.50 -0.44 7.02
C LEU A 9 -3.06 -0.51 7.49
N GLY A 10 -2.86 -1.11 8.66
CA GLY A 10 -1.53 -1.25 9.20
C GLY A 10 -0.79 -2.29 8.40
N TRP A 11 -1.58 -3.21 7.86
CA TRP A 11 -1.06 -4.29 7.08
C TRP A 11 -0.53 -3.81 5.72
N ALA A 12 -1.36 -3.12 4.97
CA ALA A 12 -0.92 -2.64 3.66
C ALA A 12 0.06 -1.49 3.74
N THR A 13 -0.09 -0.63 4.75
CA THR A 13 0.78 0.54 4.83
C THR A 13 2.23 0.14 4.91
N TRP A 14 2.56 -0.79 5.80
CA TRP A 14 3.93 -1.24 5.93
C TRP A 14 4.33 -2.07 4.67
N GLU A 15 3.40 -2.91 4.15
CA GLU A 15 3.68 -3.73 2.97
C GLU A 15 4.10 -2.87 1.78
N ILE A 16 3.32 -1.84 1.55
CA ILE A 16 3.53 -0.89 0.47
C ILE A 16 4.77 -0.06 0.78
N PHE A 17 4.89 0.34 2.02
CA PHE A 17 6.05 1.12 2.46
C PHE A 17 7.34 0.31 2.35
N ASN A 18 7.22 -1.02 2.28
CA ASN A 18 8.40 -1.88 2.18
C ASN A 18 8.88 -1.97 0.74
N LEU A 19 8.39 -1.07 -0.10
CA LEU A 19 8.77 -1.04 -1.48
C LEU A 19 10.02 -0.20 -1.63
N PRO A 20 11.06 -0.76 -2.20
CA PRO A 20 12.34 -0.04 -2.33
C PRO A 20 12.35 1.09 -3.37
N ASN A 21 11.22 1.40 -4.02
CA ASN A 21 11.25 2.47 -5.02
C ASN A 21 10.17 3.50 -4.77
N LEU A 22 9.26 3.25 -3.82
CA LEU A 22 8.20 4.20 -3.53
C LEU A 22 8.71 5.45 -2.82
N ASN A 23 7.86 6.46 -2.84
CA ASN A 23 8.10 7.71 -2.15
C ASN A 23 6.89 7.98 -1.26
N GLY A 24 7.07 8.82 -0.25
CA GLY A 24 5.98 9.14 0.68
C GLY A 24 4.67 9.47 -0.03
N VAL A 25 4.76 9.99 -1.26
CA VAL A 25 3.57 10.36 -2.02
C VAL A 25 2.85 9.12 -2.56
N GLN A 26 3.59 8.23 -3.22
CA GLN A 26 3.01 7.03 -3.79
C GLN A 26 2.50 6.08 -2.71
N VAL A 27 3.31 5.90 -1.66
CA VAL A 27 2.92 5.02 -0.58
C VAL A 27 1.62 5.54 0.05
N LYS A 28 1.62 6.83 0.35
CA LYS A 28 0.44 7.47 0.92
C LYS A 28 -0.75 7.28 0.01
N ALA A 29 -0.49 7.29 -1.30
CA ALA A 29 -1.53 7.12 -2.30
C ALA A 29 -2.16 5.75 -2.19
N PHE A 30 -1.34 4.73 -1.92
CA PHE A 30 -1.82 3.39 -1.80
C PHE A 30 -2.56 3.25 -0.50
N ILE A 31 -1.98 3.84 0.54
CA ILE A 31 -2.61 3.86 1.85
C ILE A 31 -3.87 4.72 1.80
N ASP A 32 -3.85 5.76 0.96
CA ASP A 32 -5.03 6.60 0.81
C ASP A 32 -6.18 5.72 0.30
N SER A 33 -5.81 4.74 -0.52
CA SER A 33 -6.78 3.78 -1.06
C SER A 33 -7.17 2.75 0.02
N LEU A 34 -6.26 2.50 0.97
CA LEU A 34 -6.50 1.52 2.04
C LEU A 34 -7.75 1.89 2.84
N ARG A 35 -7.80 3.13 3.29
CA ARG A 35 -8.93 3.63 4.07
C ARG A 35 -10.19 3.64 3.21
N ASP A 36 -10.00 3.95 1.93
CA ASP A 36 -11.11 3.96 0.98
C ASP A 36 -11.66 2.55 0.81
N ASP A 37 -10.76 1.57 0.95
CA ASP A 37 -11.10 0.16 0.85
C ASP A 37 -9.97 -0.69 1.39
N PRO A 38 -10.12 -1.19 2.59
CA PRO A 38 -9.09 -2.04 3.25
C PRO A 38 -8.95 -3.42 2.62
N SER A 39 -10.03 -3.90 1.99
CA SER A 39 -10.01 -5.20 1.34
C SER A 39 -9.06 -5.16 0.15
N GLN A 40 -8.92 -3.97 -0.43
CA GLN A 40 -8.06 -3.75 -1.58
C GLN A 40 -6.61 -3.71 -1.20
N SER A 41 -6.29 -3.73 0.09
CA SER A 41 -4.90 -3.61 0.55
C SER A 41 -3.93 -4.38 -0.34
N ALA A 42 -4.30 -5.59 -0.74
CA ALA A 42 -3.44 -6.38 -1.60
C ALA A 42 -3.30 -5.75 -2.99
N ASN A 43 -4.39 -5.13 -3.44
CA ASN A 43 -4.43 -4.47 -4.72
C ASN A 43 -3.60 -3.19 -4.66
N LEU A 44 -3.72 -2.52 -3.53
CA LEU A 44 -2.99 -1.29 -3.25
C LEU A 44 -1.54 -1.65 -3.22
N LEU A 45 -1.31 -2.82 -2.68
CA LEU A 45 0.01 -3.41 -2.64
C LEU A 45 0.46 -3.64 -4.08
N ALA A 46 -0.49 -4.16 -4.85
CA ALA A 46 -0.29 -4.50 -6.25
C ALA A 46 0.06 -3.25 -7.03
N GLU A 47 -0.73 -2.23 -6.77
CA GLU A 47 -0.55 -0.95 -7.37
C GLU A 47 0.76 -0.36 -6.90
N ALA A 48 1.09 -0.70 -5.67
CA ALA A 48 2.33 -0.27 -5.06
C ALA A 48 3.49 -0.94 -5.74
N LYS A 49 3.34 -2.24 -5.97
CA LYS A 49 4.38 -3.01 -6.64
C LYS A 49 4.56 -2.42 -8.01
N LYS A 50 3.43 -2.02 -8.59
CA LYS A 50 3.40 -1.41 -9.90
C LYS A 50 4.10 -0.06 -9.88
N LEU A 51 3.86 0.71 -8.83
CA LEU A 51 4.51 2.01 -8.71
C LEU A 51 5.99 1.82 -8.41
N ASN A 52 6.27 0.88 -7.53
CA ASN A 52 7.65 0.55 -7.19
C ASN A 52 8.38 0.07 -8.43
N ASP A 53 7.71 -0.80 -9.18
CA ASP A 53 8.26 -1.35 -10.41
C ASP A 53 8.51 -0.22 -11.38
N ALA A 54 7.58 0.73 -11.39
CA ALA A 54 7.66 1.90 -12.23
C ALA A 54 8.80 2.80 -11.75
N GLN A 55 9.00 2.83 -10.43
CA GLN A 55 10.07 3.65 -9.84
C GLN A 55 11.37 2.85 -9.71
N ALA A 56 11.33 1.61 -10.19
CA ALA A 56 12.50 0.73 -10.13
C ALA A 56 13.54 1.14 -11.17
N PRO A 57 14.74 0.65 -11.00
CA PRO A 57 15.88 0.98 -11.92
C PRO A 57 15.79 0.22 -13.23
N LYS A 58 16.54 0.70 -14.23
CA LYS A 58 16.59 0.08 -15.55
C LYS A 58 15.17 -0.13 -16.11
N VAL A 1 -3.14 -9.71 19.58
CA VAL A 1 -3.33 -8.85 18.38
C VAL A 1 -4.68 -8.13 18.47
N ASP A 2 -4.72 -6.88 18.03
CA ASP A 2 -5.95 -6.10 18.06
C ASP A 2 -6.87 -6.51 16.91
N ASN A 3 -8.12 -6.81 17.25
CA ASN A 3 -9.11 -7.23 16.26
C ASN A 3 -9.66 -6.02 15.49
N LYS A 4 -9.04 -4.85 15.68
CA LYS A 4 -9.46 -3.63 15.01
C LYS A 4 -9.32 -3.76 13.49
N PHE A 5 -10.31 -3.23 12.77
CA PHE A 5 -10.30 -3.29 11.31
C PHE A 5 -9.14 -2.45 10.75
N ASN A 6 -8.75 -1.44 11.53
CA ASN A 6 -7.65 -0.55 11.15
C ASN A 6 -6.37 -1.34 10.91
N LYS A 7 -6.25 -2.48 11.59
CA LYS A 7 -5.07 -3.33 11.48
C LYS A 7 -4.79 -3.71 10.02
N GLU A 8 -5.87 -3.95 9.27
CA GLU A 8 -5.74 -4.32 7.86
C GLU A 8 -5.16 -3.16 7.06
N LEU A 9 -5.50 -1.95 7.47
CA LEU A 9 -4.99 -0.77 6.80
C LEU A 9 -3.52 -0.56 7.12
N GLY A 10 -3.13 -0.97 8.34
CA GLY A 10 -1.74 -0.85 8.74
C GLY A 10 -0.95 -1.93 8.05
N TRP A 11 -1.66 -3.01 7.78
CA TRP A 11 -1.09 -4.16 7.12
C TRP A 11 -0.52 -3.76 5.75
N ALA A 12 -1.34 -3.15 4.94
CA ALA A 12 -0.88 -2.72 3.64
C ALA A 12 0.10 -1.56 3.72
N THR A 13 -0.07 -0.71 4.72
CA THR A 13 0.76 0.48 4.82
C THR A 13 2.23 0.13 4.89
N TRP A 14 2.57 -0.79 5.79
CA TRP A 14 3.96 -1.21 5.90
C TRP A 14 4.38 -2.02 4.66
N GLU A 15 3.47 -2.88 4.14
CA GLU A 15 3.77 -3.71 2.97
C GLU A 15 4.16 -2.86 1.77
N ILE A 16 3.37 -1.84 1.54
CA ILE A 16 3.57 -0.90 0.44
C ILE A 16 4.79 -0.06 0.72
N PHE A 17 4.91 0.34 1.97
CA PHE A 17 6.07 1.14 2.41
C PHE A 17 7.37 0.34 2.30
N ASN A 18 7.26 -0.99 2.23
CA ASN A 18 8.44 -1.85 2.12
C ASN A 18 8.90 -1.97 0.68
N LEU A 19 8.44 -1.04 -0.16
CA LEU A 19 8.81 -1.05 -1.56
C LEU A 19 10.07 -0.24 -1.73
N PRO A 20 11.08 -0.81 -2.34
CA PRO A 20 12.37 -0.12 -2.51
C PRO A 20 12.38 1.06 -3.50
N ASN A 21 11.24 1.39 -4.13
CA ASN A 21 11.26 2.49 -5.10
C ASN A 21 10.19 3.53 -4.81
N LEU A 22 9.29 3.25 -3.86
CA LEU A 22 8.24 4.19 -3.53
C LEU A 22 8.76 5.42 -2.80
N ASN A 23 7.91 6.43 -2.81
CA ASN A 23 8.16 7.68 -2.11
C ASN A 23 6.96 7.94 -1.22
N GLY A 24 7.12 8.77 -0.19
CA GLY A 24 6.04 9.08 0.74
C GLY A 24 4.73 9.41 0.03
N VAL A 25 4.82 9.96 -1.19
CA VAL A 25 3.62 10.34 -1.94
C VAL A 25 2.90 9.10 -2.50
N GLN A 26 3.65 8.23 -3.17
CA GLN A 26 3.10 7.03 -3.78
C GLN A 26 2.60 6.06 -2.72
N VAL A 27 3.37 5.88 -1.66
CA VAL A 27 2.96 4.99 -0.59
C VAL A 27 1.68 5.52 0.01
N LYS A 28 1.69 6.80 0.36
CA LYS A 28 0.54 7.49 0.94
C LYS A 28 -0.66 7.32 0.05
N ALA A 29 -0.43 7.32 -1.26
CA ALA A 29 -1.50 7.14 -2.21
C ALA A 29 -2.13 5.78 -1.99
N PHE A 30 -1.29 4.77 -1.78
CA PHE A 30 -1.76 3.46 -1.53
C PHE A 30 -2.30 3.39 -0.12
N ILE A 31 -1.64 4.09 0.80
CA ILE A 31 -2.12 4.16 2.18
C ILE A 31 -3.51 4.83 2.15
N ASP A 32 -3.67 5.79 1.22
CA ASP A 32 -4.94 6.49 1.07
C ASP A 32 -6.01 5.54 0.53
N SER A 33 -5.60 4.69 -0.40
CA SER A 33 -6.49 3.71 -1.01
C SER A 33 -7.03 2.73 0.03
N LEU A 34 -6.22 2.47 1.06
CA LEU A 34 -6.61 1.55 2.14
C LEU A 34 -7.92 2.03 2.78
N ARG A 35 -7.99 3.33 3.02
CA ARG A 35 -9.18 3.94 3.62
C ARG A 35 -10.38 3.81 2.69
N ASP A 36 -10.11 3.99 1.39
CA ASP A 36 -11.15 3.88 0.37
C ASP A 36 -11.69 2.45 0.31
N ASP A 37 -10.79 1.51 0.59
CA ASP A 37 -11.14 0.09 0.60
C ASP A 37 -10.00 -0.70 1.23
N PRO A 38 -10.19 -1.16 2.43
CA PRO A 38 -9.17 -1.94 3.17
C PRO A 38 -9.00 -3.36 2.62
N SER A 39 -10.05 -3.88 1.99
CA SER A 39 -10.00 -5.21 1.40
C SER A 39 -9.03 -5.22 0.24
N GLN A 40 -8.87 -4.05 -0.37
CA GLN A 40 -7.98 -3.88 -1.51
C GLN A 40 -6.53 -3.82 -1.11
N SER A 41 -6.23 -3.82 0.18
CA SER A 41 -4.85 -3.71 0.66
C SER A 41 -3.88 -4.49 -0.22
N ALA A 42 -4.24 -5.69 -0.63
CA ALA A 42 -3.38 -6.49 -1.49
C ALA A 42 -3.26 -5.87 -2.88
N ASN A 43 -4.35 -5.27 -3.34
CA ASN A 43 -4.40 -4.60 -4.63
C ASN A 43 -3.58 -3.32 -4.57
N LEU A 44 -3.70 -2.64 -3.43
CA LEU A 44 -2.99 -1.41 -3.16
C LEU A 44 -1.53 -1.75 -3.15
N LEU A 45 -1.27 -2.92 -2.60
CA LEU A 45 0.05 -3.50 -2.59
C LEU A 45 0.48 -3.71 -4.02
N ALA A 46 -0.47 -4.25 -4.78
CA ALA A 46 -0.26 -4.56 -6.19
C ALA A 46 0.05 -3.30 -6.96
N GLU A 47 -0.75 -2.30 -6.70
CA GLU A 47 -0.59 -1.01 -7.30
C GLU A 47 0.72 -0.41 -6.84
N ALA A 48 1.07 -0.76 -5.62
CA ALA A 48 2.31 -0.31 -5.03
C ALA A 48 3.47 -0.97 -5.74
N LYS A 49 3.34 -2.28 -5.98
CA LYS A 49 4.37 -3.02 -6.69
C LYS A 49 4.50 -2.40 -8.07
N LYS A 50 3.35 -1.99 -8.60
CA LYS A 50 3.28 -1.37 -9.90
C LYS A 50 3.96 -0.01 -9.89
N LEU A 51 3.71 0.77 -8.83
CA LEU A 51 4.34 2.08 -8.73
C LEU A 51 5.82 1.92 -8.45
N ASN A 52 6.13 0.98 -7.56
CA ASN A 52 7.52 0.68 -7.24
C ASN A 52 8.25 0.23 -8.49
N ASP A 53 7.60 -0.66 -9.24
CA ASP A 53 8.17 -1.17 -10.49
C ASP A 53 8.40 -0.01 -11.43
N ALA A 54 7.44 0.90 -11.45
CA ALA A 54 7.51 2.09 -12.27
C ALA A 54 8.65 2.97 -11.80
N GLN A 55 8.88 2.97 -10.48
CA GLN A 55 9.96 3.78 -9.91
C GLN A 55 11.26 2.97 -9.88
N ALA A 56 11.18 1.71 -10.30
CA ALA A 56 12.35 0.84 -10.35
C ALA A 56 13.06 1.00 -11.68
N PRO A 57 14.38 0.92 -11.67
CA PRO A 57 15.20 1.06 -12.90
C PRO A 57 14.74 0.08 -13.99
N LYS A 58 14.96 0.48 -15.24
CA LYS A 58 14.58 -0.33 -16.40
C LYS A 58 15.62 -0.20 -17.51
N VAL A 1 -17.34 -3.84 9.47
CA VAL A 1 -16.40 -2.87 10.09
C VAL A 1 -16.51 -2.96 11.62
N ASP A 2 -17.40 -3.83 12.11
CA ASP A 2 -17.60 -4.02 13.54
C ASP A 2 -16.28 -4.41 14.22
N ASN A 3 -15.51 -5.25 13.52
CA ASN A 3 -14.21 -5.70 14.03
C ASN A 3 -13.15 -4.66 13.67
N LYS A 4 -11.99 -4.77 14.31
CA LYS A 4 -10.89 -3.83 14.06
C LYS A 4 -10.24 -4.13 12.69
N PHE A 5 -10.94 -3.74 11.62
CA PHE A 5 -10.44 -3.94 10.26
C PHE A 5 -9.28 -2.99 9.98
N ASN A 6 -9.13 -2.00 10.86
CA ASN A 6 -8.08 -1.00 10.74
C ASN A 6 -6.71 -1.66 10.65
N LYS A 7 -6.57 -2.82 11.28
CA LYS A 7 -5.31 -3.57 11.27
C LYS A 7 -4.88 -3.87 9.84
N GLU A 8 -5.86 -4.13 8.99
CA GLU A 8 -5.62 -4.43 7.57
C GLU A 8 -5.01 -3.22 6.87
N LEU A 9 -5.39 -2.03 7.33
CA LEU A 9 -4.89 -0.79 6.74
C LEU A 9 -3.44 -0.59 7.16
N GLY A 10 -3.10 -1.04 8.38
CA GLY A 10 -1.73 -0.93 8.86
C GLY A 10 -0.90 -1.97 8.16
N TRP A 11 -1.59 -3.06 7.81
CA TRP A 11 -0.97 -4.17 7.13
C TRP A 11 -0.41 -3.74 5.79
N ALA A 12 -1.25 -3.13 4.96
CA ALA A 12 -0.79 -2.69 3.66
C ALA A 12 0.15 -1.50 3.75
N THR A 13 -0.04 -0.64 4.74
CA THR A 13 0.77 0.56 4.83
C THR A 13 2.24 0.23 4.93
N TRP A 14 2.60 -0.68 5.81
CA TRP A 14 4.00 -1.08 5.95
C TRP A 14 4.43 -1.89 4.70
N GLU A 15 3.52 -2.77 4.19
CA GLU A 15 3.85 -3.59 3.00
C GLU A 15 4.21 -2.73 1.81
N ILE A 16 3.38 -1.73 1.57
CA ILE A 16 3.56 -0.79 0.47
C ILE A 16 4.79 0.05 0.74
N PHE A 17 4.93 0.46 1.98
CA PHE A 17 6.09 1.23 2.41
C PHE A 17 7.39 0.43 2.28
N ASN A 18 7.26 -0.90 2.20
CA ASN A 18 8.43 -1.77 2.10
C ASN A 18 8.76 -2.04 0.64
N LEU A 19 8.69 -0.99 -0.18
CA LEU A 19 8.98 -1.11 -1.59
C LEU A 19 10.30 -0.43 -1.92
N PRO A 20 11.08 -1.04 -2.77
CA PRO A 20 12.42 -0.51 -3.14
C PRO A 20 12.44 0.86 -3.84
N ASN A 21 11.30 1.35 -4.40
CA ASN A 21 11.37 2.63 -5.10
C ASN A 21 10.18 3.55 -4.81
N LEU A 22 9.37 3.23 -3.80
CA LEU A 22 8.24 4.07 -3.47
C LEU A 22 8.64 5.39 -2.83
N ASN A 23 7.72 6.35 -2.95
CA ASN A 23 7.90 7.67 -2.35
C ASN A 23 6.83 7.83 -1.28
N GLY A 24 7.13 8.59 -0.24
CA GLY A 24 6.16 8.84 0.82
C GLY A 24 4.84 9.32 0.22
N VAL A 25 4.92 9.92 -0.97
CA VAL A 25 3.74 10.41 -1.66
C VAL A 25 2.91 9.26 -2.23
N GLN A 26 3.57 8.37 -2.96
CA GLN A 26 2.92 7.24 -3.59
C GLN A 26 2.45 6.22 -2.58
N VAL A 27 3.27 5.97 -1.57
CA VAL A 27 2.91 5.03 -0.53
C VAL A 27 1.62 5.49 0.13
N LYS A 28 1.61 6.76 0.53
CA LYS A 28 0.43 7.36 1.14
C LYS A 28 -0.75 7.24 0.20
N ALA A 29 -0.47 7.31 -1.10
CA ALA A 29 -1.50 7.21 -2.12
C ALA A 29 -2.17 5.84 -2.06
N PHE A 30 -1.36 4.80 -1.85
CA PHE A 30 -1.88 3.46 -1.76
C PHE A 30 -2.60 3.29 -0.44
N ILE A 31 -2.00 3.86 0.60
CA ILE A 31 -2.60 3.85 1.91
C ILE A 31 -3.87 4.69 1.90
N ASP A 32 -3.87 5.74 1.08
CA ASP A 32 -5.06 6.58 0.94
C ASP A 32 -6.21 5.70 0.46
N SER A 33 -5.87 4.80 -0.48
CA SER A 33 -6.83 3.85 -1.04
C SER A 33 -7.23 2.80 0.00
N LEU A 34 -6.33 2.54 0.96
CA LEU A 34 -6.60 1.55 2.02
C LEU A 34 -7.87 1.95 2.78
N ARG A 35 -7.95 3.24 3.10
CA ARG A 35 -9.08 3.79 3.82
C ARG A 35 -10.34 3.72 2.95
N ASP A 36 -10.13 4.02 1.68
CA ASP A 36 -11.19 4.00 0.69
C ASP A 36 -11.72 2.59 0.48
N ASP A 37 -10.84 1.63 0.72
CA ASP A 37 -11.17 0.22 0.59
C ASP A 37 -10.08 -0.62 1.27
N PRO A 38 -10.40 -1.20 2.39
CA PRO A 38 -9.43 -2.03 3.16
C PRO A 38 -9.19 -3.40 2.52
N SER A 39 -10.17 -3.93 1.80
CA SER A 39 -10.02 -5.23 1.16
C SER A 39 -9.00 -5.13 0.03
N GLN A 40 -8.86 -3.92 -0.50
CA GLN A 40 -7.93 -3.66 -1.59
C GLN A 40 -6.49 -3.65 -1.13
N SER A 41 -6.26 -3.66 0.18
CA SER A 41 -4.90 -3.57 0.71
C SER A 41 -3.90 -4.37 -0.12
N ALA A 42 -4.27 -5.56 -0.55
CA ALA A 42 -3.39 -6.37 -1.38
C ALA A 42 -3.23 -5.78 -2.78
N ASN A 43 -4.32 -5.18 -3.26
CA ASN A 43 -4.33 -4.54 -4.56
C ASN A 43 -3.52 -3.25 -4.53
N LEU A 44 -3.65 -2.54 -3.41
CA LEU A 44 -2.95 -1.30 -3.18
C LEU A 44 -1.49 -1.66 -3.14
N LEU A 45 -1.25 -2.81 -2.56
CA LEU A 45 0.07 -3.39 -2.52
C LEU A 45 0.54 -3.65 -3.93
N ALA A 46 -0.41 -4.22 -4.68
CA ALA A 46 -0.19 -4.59 -6.08
C ALA A 46 0.15 -3.38 -6.89
N GLU A 47 -0.66 -2.36 -6.68
CA GLU A 47 -0.49 -1.10 -7.32
C GLU A 47 0.81 -0.47 -6.88
N ALA A 48 1.16 -0.76 -5.63
CA ALA A 48 2.38 -0.27 -5.04
C ALA A 48 3.56 -0.92 -5.72
N LYS A 49 3.48 -2.24 -5.91
CA LYS A 49 4.55 -2.97 -6.59
C LYS A 49 4.66 -2.43 -7.99
N LYS A 50 3.49 -2.16 -8.56
CA LYS A 50 3.41 -1.60 -9.90
C LYS A 50 4.02 -0.21 -9.91
N LEU A 51 3.76 0.51 -8.82
CA LEU A 51 4.27 1.86 -8.66
C LEU A 51 5.78 1.83 -8.45
N ASN A 52 6.21 0.95 -7.54
CA ASN A 52 7.62 0.78 -7.26
C ASN A 52 8.34 0.27 -8.48
N ASP A 53 7.71 -0.68 -9.17
CA ASP A 53 8.29 -1.26 -10.37
C ASP A 53 8.49 -0.16 -11.40
N ALA A 54 7.52 0.74 -11.45
CA ALA A 54 7.56 1.88 -12.34
C ALA A 54 8.67 2.83 -11.87
N GLN A 55 8.85 2.90 -10.55
CA GLN A 55 9.88 3.76 -9.96
C GLN A 55 11.22 3.02 -9.87
N ALA A 56 11.20 1.74 -10.25
CA ALA A 56 12.39 0.90 -10.22
C ALA A 56 13.07 0.89 -11.59
N PRO A 57 14.29 0.39 -11.65
CA PRO A 57 15.06 0.30 -12.91
C PRO A 57 14.65 -0.91 -13.74
N LYS A 58 13.36 -1.24 -13.63
CA LYS A 58 12.79 -2.38 -14.34
C LYS A 58 12.32 -1.95 -15.74
N VAL A 1 -22.04 -2.16 15.06
CA VAL A 1 -21.75 -3.62 15.01
C VAL A 1 -20.69 -3.88 13.94
N ASP A 2 -19.99 -2.82 13.54
CA ASP A 2 -18.95 -2.92 12.51
C ASP A 2 -17.73 -3.69 13.04
N ASN A 3 -17.12 -4.49 12.17
CA ASN A 3 -15.95 -5.28 12.54
C ASN A 3 -14.69 -4.42 12.49
N LYS A 4 -13.72 -4.75 13.35
CA LYS A 4 -12.47 -4.01 13.41
C LYS A 4 -11.42 -4.67 12.53
N PHE A 5 -11.21 -4.09 11.34
CA PHE A 5 -10.24 -4.60 10.38
C PHE A 5 -9.08 -3.59 10.21
N ASN A 6 -8.99 -2.67 11.17
CA ASN A 6 -7.95 -1.63 11.15
C ASN A 6 -6.55 -2.23 11.02
N LYS A 7 -6.38 -3.45 11.57
CA LYS A 7 -5.09 -4.13 11.52
C LYS A 7 -4.62 -4.28 10.07
N GLU A 8 -5.58 -4.56 9.20
CA GLU A 8 -5.30 -4.73 7.77
C GLU A 8 -4.72 -3.44 7.18
N LEU A 9 -5.22 -2.31 7.67
CA LEU A 9 -4.76 -1.02 7.17
C LEU A 9 -3.33 -0.73 7.58
N GLY A 10 -2.95 -1.18 8.78
CA GLY A 10 -1.59 -0.98 9.24
C GLY A 10 -0.69 -1.94 8.50
N TRP A 11 -1.30 -3.07 8.15
CA TRP A 11 -0.61 -4.13 7.46
C TRP A 11 -0.17 -3.72 6.06
N ALA A 12 -1.11 -3.21 5.27
CA ALA A 12 -0.79 -2.79 3.91
C ALA A 12 0.11 -1.58 3.88
N THR A 13 -0.02 -0.71 4.86
CA THR A 13 0.78 0.51 4.89
C THR A 13 2.24 0.15 4.92
N TRP A 14 2.59 -0.77 5.80
CA TRP A 14 3.97 -1.21 5.91
C TRP A 14 4.37 -2.04 4.68
N GLU A 15 3.43 -2.88 4.15
CA GLU A 15 3.70 -3.69 2.96
C GLU A 15 4.10 -2.82 1.79
N ILE A 16 3.31 -1.80 1.57
CA ILE A 16 3.50 -0.85 0.49
C ILE A 16 4.75 -0.03 0.78
N PHE A 17 4.86 0.40 2.02
CA PHE A 17 6.03 1.17 2.46
C PHE A 17 7.32 0.34 2.34
N ASN A 18 7.17 -0.98 2.27
CA ASN A 18 8.32 -1.87 2.17
C ASN A 18 8.67 -2.13 0.71
N LEU A 19 8.57 -1.08 -0.11
CA LEU A 19 8.87 -1.20 -1.51
C LEU A 19 10.20 -0.52 -1.82
N PRO A 20 10.98 -1.11 -2.70
CA PRO A 20 12.31 -0.59 -3.03
C PRO A 20 12.34 0.77 -3.75
N ASN A 21 11.21 1.27 -4.30
CA ASN A 21 11.29 2.55 -5.03
C ASN A 21 10.15 3.53 -4.74
N LEU A 22 9.29 3.25 -3.76
CA LEU A 22 8.20 4.16 -3.46
C LEU A 22 8.69 5.41 -2.75
N ASN A 23 7.83 6.43 -2.79
CA ASN A 23 8.06 7.68 -2.10
C ASN A 23 6.84 7.97 -1.23
N GLY A 24 7.01 8.83 -0.23
CA GLY A 24 5.92 9.16 0.69
C GLY A 24 4.63 9.51 -0.04
N VAL A 25 4.74 10.02 -1.28
CA VAL A 25 3.56 10.39 -2.05
C VAL A 25 2.81 9.15 -2.56
N GLN A 26 3.56 8.23 -3.18
CA GLN A 26 2.97 7.02 -3.74
C GLN A 26 2.48 6.08 -2.66
N VAL A 27 3.28 5.88 -1.62
CA VAL A 27 2.89 5.00 -0.53
C VAL A 27 1.59 5.48 0.10
N LYS A 28 1.56 6.76 0.44
CA LYS A 28 0.38 7.37 1.02
C LYS A 28 -0.81 7.18 0.10
N ALA A 29 -0.55 7.24 -1.21
CA ALA A 29 -1.58 7.07 -2.21
C ALA A 29 -2.21 5.70 -2.11
N PHE A 30 -1.38 4.69 -1.86
CA PHE A 30 -1.86 3.34 -1.75
C PHE A 30 -2.59 3.17 -0.42
N ILE A 31 -2.02 3.77 0.60
CA ILE A 31 -2.62 3.78 1.92
C ILE A 31 -3.90 4.61 1.87
N ASP A 32 -3.89 5.66 1.04
CA ASP A 32 -5.08 6.49 0.89
C ASP A 32 -6.21 5.63 0.33
N SER A 33 -5.85 4.75 -0.61
CA SER A 33 -6.81 3.82 -1.21
C SER A 33 -7.32 2.85 -0.14
N LEU A 34 -6.47 2.53 0.83
CA LEU A 34 -6.83 1.62 1.92
C LEU A 34 -8.04 2.14 2.66
N ARG A 35 -8.02 3.44 2.95
CA ARG A 35 -9.13 4.08 3.67
C ARG A 35 -10.41 3.96 2.86
N ASP A 36 -10.26 4.16 1.56
CA ASP A 36 -11.38 4.07 0.63
C ASP A 36 -11.91 2.64 0.59
N ASP A 37 -10.99 1.70 0.69
CA ASP A 37 -11.29 0.28 0.68
C ASP A 37 -10.06 -0.50 1.13
N PRO A 38 -10.03 -0.89 2.38
CA PRO A 38 -8.88 -1.64 2.95
C PRO A 38 -8.79 -3.08 2.47
N SER A 39 -9.92 -3.61 2.01
CA SER A 39 -9.96 -4.98 1.50
C SER A 39 -9.08 -5.07 0.26
N GLN A 40 -8.87 -3.92 -0.37
CA GLN A 40 -8.05 -3.83 -1.57
C GLN A 40 -6.58 -3.72 -1.24
N SER A 41 -6.23 -3.70 0.05
CA SER A 41 -4.85 -3.55 0.47
C SER A 41 -3.88 -4.33 -0.41
N ALA A 42 -4.23 -5.56 -0.76
CA ALA A 42 -3.38 -6.37 -1.61
C ALA A 42 -3.26 -5.75 -3.00
N ASN A 43 -4.35 -5.16 -3.46
CA ASN A 43 -4.39 -4.51 -4.76
C ASN A 43 -3.59 -3.22 -4.71
N LEU A 44 -3.72 -2.53 -3.58
CA LEU A 44 -3.02 -1.30 -3.32
C LEU A 44 -1.56 -1.63 -3.26
N LEU A 45 -1.32 -2.79 -2.69
CA LEU A 45 0.01 -3.37 -2.63
C LEU A 45 0.47 -3.60 -4.04
N ALA A 46 -0.45 -4.16 -4.82
CA ALA A 46 -0.22 -4.51 -6.21
C ALA A 46 0.13 -3.26 -6.99
N GLU A 47 -0.68 -2.25 -6.79
CA GLU A 47 -0.51 -0.99 -7.40
C GLU A 47 0.80 -0.37 -6.91
N ALA A 48 1.11 -0.71 -5.68
CA ALA A 48 2.33 -0.25 -5.07
C ALA A 48 3.52 -0.89 -5.74
N LYS A 49 3.40 -2.21 -5.99
CA LYS A 49 4.45 -2.94 -6.67
C LYS A 49 4.62 -2.32 -8.03
N LYS A 50 3.47 -1.96 -8.60
CA LYS A 50 3.44 -1.34 -9.92
C LYS A 50 4.12 0.02 -9.88
N LEU A 51 3.88 0.76 -8.81
CA LEU A 51 4.49 2.07 -8.67
C LEU A 51 5.98 1.93 -8.39
N ASN A 52 6.32 0.98 -7.51
CA ASN A 52 7.71 0.72 -7.18
C ASN A 52 8.44 0.21 -8.41
N ASP A 53 7.80 -0.73 -9.11
CA ASP A 53 8.36 -1.30 -10.33
C ASP A 53 8.56 -0.18 -11.35
N ALA A 54 7.61 0.74 -11.36
CA ALA A 54 7.65 1.89 -12.24
C ALA A 54 8.77 2.84 -11.79
N GLN A 55 8.98 2.91 -10.47
CA GLN A 55 10.03 3.77 -9.92
C GLN A 55 11.35 3.02 -9.81
N ALA A 56 11.34 1.76 -10.26
CA ALA A 56 12.53 0.92 -10.22
C ALA A 56 13.52 1.31 -11.32
N PRO A 57 14.75 0.89 -11.18
CA PRO A 57 15.83 1.20 -12.14
C PRO A 57 15.73 0.37 -13.43
N LYS A 58 16.46 0.81 -14.45
CA LYS A 58 16.48 0.13 -15.75
C LYS A 58 15.08 0.13 -16.40
N VAL A 1 -9.15 -14.01 20.40
CA VAL A 1 -9.51 -12.56 20.40
C VAL A 1 -10.37 -12.25 19.17
N ASP A 2 -10.94 -11.05 19.15
CA ASP A 2 -11.78 -10.62 18.02
C ASP A 2 -10.93 -10.31 16.79
N ASN A 3 -11.59 -10.24 15.63
CA ASN A 3 -10.90 -9.94 14.37
C ASN A 3 -11.08 -8.46 14.02
N LYS A 4 -9.95 -7.75 13.90
CA LYS A 4 -9.96 -6.33 13.57
C LYS A 4 -9.54 -6.13 12.11
N PHE A 5 -10.41 -5.47 11.34
CA PHE A 5 -10.13 -5.22 9.93
C PHE A 5 -9.05 -4.15 9.78
N ASN A 6 -8.99 -3.27 10.77
CA ASN A 6 -8.01 -2.18 10.79
C ASN A 6 -6.58 -2.72 10.66
N LYS A 7 -6.37 -3.94 11.15
CA LYS A 7 -5.07 -4.58 11.10
C LYS A 7 -4.52 -4.61 9.68
N GLU A 8 -5.40 -4.94 8.74
CA GLU A 8 -5.03 -5.02 7.32
C GLU A 8 -4.57 -3.68 6.78
N LEU A 9 -5.14 -2.61 7.30
CA LEU A 9 -4.80 -1.27 6.84
C LEU A 9 -3.39 -0.91 7.25
N GLY A 10 -2.99 -1.31 8.46
CA GLY A 10 -1.64 -1.06 8.92
C GLY A 10 -0.72 -2.02 8.22
N TRP A 11 -1.28 -3.19 7.93
CA TRP A 11 -0.56 -4.25 7.28
C TRP A 11 -0.13 -3.84 5.88
N ALA A 12 -1.08 -3.37 5.08
CA ALA A 12 -0.76 -2.95 3.72
C ALA A 12 0.06 -1.68 3.72
N THR A 13 -0.14 -0.82 4.71
CA THR A 13 0.59 0.43 4.75
C THR A 13 2.07 0.16 4.81
N TRP A 14 2.45 -0.75 5.71
CA TRP A 14 3.84 -1.11 5.85
C TRP A 14 4.32 -1.92 4.62
N GLU A 15 3.45 -2.79 4.06
CA GLU A 15 3.81 -3.58 2.88
C GLU A 15 4.19 -2.68 1.71
N ILE A 16 3.35 -1.69 1.49
CA ILE A 16 3.53 -0.72 0.43
C ILE A 16 4.73 0.14 0.75
N PHE A 17 4.80 0.54 2.01
CA PHE A 17 5.92 1.33 2.49
C PHE A 17 7.24 0.55 2.44
N ASN A 18 7.14 -0.78 2.37
CA ASN A 18 8.32 -1.63 2.32
C ASN A 18 8.82 -1.77 0.89
N LEU A 19 8.30 -0.91 0.01
CA LEU A 19 8.71 -0.93 -1.38
C LEU A 19 9.97 -0.10 -1.53
N PRO A 20 11.00 -0.67 -2.08
CA PRO A 20 12.29 0.05 -2.21
C PRO A 20 12.32 1.14 -3.28
N ASN A 21 11.20 1.43 -3.98
CA ASN A 21 11.24 2.46 -5.01
C ASN A 21 10.12 3.49 -4.85
N LEU A 22 9.25 3.31 -3.84
CA LEU A 22 8.16 4.25 -3.60
C LEU A 22 8.63 5.56 -2.98
N ASN A 23 7.72 6.52 -3.06
CA ASN A 23 7.90 7.83 -2.46
C ASN A 23 6.75 8.02 -1.48
N GLY A 24 6.98 8.78 -0.42
CA GLY A 24 5.94 9.03 0.59
C GLY A 24 4.61 9.38 -0.07
N VAL A 25 4.67 10.00 -1.24
CA VAL A 25 3.47 10.37 -1.98
C VAL A 25 2.74 9.14 -2.51
N GLN A 26 3.48 8.26 -3.20
CA GLN A 26 2.91 7.05 -3.78
C GLN A 26 2.40 6.13 -2.70
N VAL A 27 3.20 5.93 -1.66
CA VAL A 27 2.79 5.06 -0.58
C VAL A 27 1.52 5.61 0.03
N LYS A 28 1.55 6.90 0.36
CA LYS A 28 0.40 7.60 0.93
C LYS A 28 -0.80 7.44 0.01
N ALA A 29 -0.54 7.41 -1.28
CA ALA A 29 -1.60 7.23 -2.26
C ALA A 29 -2.23 5.86 -2.06
N PHE A 30 -1.36 4.85 -1.85
CA PHE A 30 -1.82 3.52 -1.62
C PHE A 30 -2.40 3.43 -0.22
N ILE A 31 -1.79 4.16 0.73
CA ILE A 31 -2.30 4.21 2.09
C ILE A 31 -3.67 4.88 2.04
N ASP A 32 -3.81 5.86 1.12
CA ASP A 32 -5.06 6.59 0.95
C ASP A 32 -6.13 5.65 0.43
N SER A 33 -5.70 4.71 -0.41
CA SER A 33 -6.61 3.72 -0.98
C SER A 33 -7.02 2.70 0.09
N LEU A 34 -6.12 2.44 1.03
CA LEU A 34 -6.38 1.47 2.11
C LEU A 34 -7.63 1.85 2.89
N ARG A 35 -7.64 3.09 3.38
CA ARG A 35 -8.78 3.59 4.14
C ARG A 35 -10.02 3.71 3.25
N ASP A 36 -9.80 4.08 1.99
CA ASP A 36 -10.88 4.22 1.02
C ASP A 36 -11.55 2.86 0.79
N ASP A 37 -10.72 1.82 0.80
CA ASP A 37 -11.17 0.46 0.63
C ASP A 37 -10.10 -0.50 1.16
N PRO A 38 -10.28 -0.97 2.36
CA PRO A 38 -9.31 -1.89 3.02
C PRO A 38 -9.31 -3.28 2.42
N SER A 39 -10.37 -3.63 1.72
CA SER A 39 -10.47 -4.94 1.07
C SER A 39 -9.48 -5.02 -0.07
N GLN A 40 -9.03 -3.85 -0.53
CA GLN A 40 -8.09 -3.75 -1.64
C GLN A 40 -6.64 -3.69 -1.20
N SER A 41 -6.38 -3.71 0.10
CA SER A 41 -5.00 -3.58 0.60
C SER A 41 -3.99 -4.35 -0.26
N ALA A 42 -4.34 -5.55 -0.69
CA ALA A 42 -3.45 -6.35 -1.53
C ALA A 42 -3.32 -5.73 -2.92
N ASN A 43 -4.41 -5.13 -3.39
CA ASN A 43 -4.45 -4.48 -4.69
C ASN A 43 -3.62 -3.19 -4.64
N LEU A 44 -3.74 -2.51 -3.52
CA LEU A 44 -3.01 -1.28 -3.26
C LEU A 44 -1.56 -1.63 -3.24
N LEU A 45 -1.31 -2.81 -2.69
CA LEU A 45 0.00 -3.39 -2.66
C LEU A 45 0.44 -3.61 -4.09
N ALA A 46 -0.51 -4.14 -4.85
CA ALA A 46 -0.31 -4.47 -6.26
C ALA A 46 0.04 -3.21 -7.02
N GLU A 47 -0.74 -2.19 -6.75
CA GLU A 47 -0.56 -0.91 -7.34
C GLU A 47 0.75 -0.33 -6.87
N ALA A 48 1.07 -0.67 -5.63
CA ALA A 48 2.29 -0.21 -5.01
C ALA A 48 3.47 -0.87 -5.68
N LYS A 49 3.35 -2.19 -5.89
CA LYS A 49 4.41 -2.92 -6.58
C LYS A 49 4.55 -2.36 -7.97
N LYS A 50 3.40 -2.01 -8.54
CA LYS A 50 3.36 -1.43 -9.87
C LYS A 50 4.09 -0.09 -9.88
N LEU A 51 3.88 0.68 -8.82
CA LEU A 51 4.56 1.97 -8.70
C LEU A 51 6.05 1.73 -8.46
N ASN A 52 6.33 0.81 -7.55
CA ASN A 52 7.70 0.44 -7.21
C ASN A 52 8.43 -0.15 -8.41
N ASP A 53 7.74 -1.06 -9.10
CA ASP A 53 8.29 -1.73 -10.27
C ASP A 53 8.64 -0.70 -11.34
N ALA A 54 7.74 0.26 -11.48
CA ALA A 54 7.92 1.34 -12.42
C ALA A 54 9.08 2.22 -11.97
N GLN A 55 9.25 2.28 -10.63
CA GLN A 55 10.33 3.07 -10.04
C GLN A 55 11.58 2.22 -9.82
N ALA A 56 11.49 0.95 -10.20
CA ALA A 56 12.62 0.03 -10.04
C ALA A 56 13.63 0.21 -11.15
N PRO A 57 14.82 -0.31 -10.97
CA PRO A 57 15.92 -0.20 -11.97
C PRO A 57 15.73 -1.16 -13.14
N LYS A 58 16.47 -0.91 -14.22
CA LYS A 58 16.40 -1.75 -15.41
C LYS A 58 16.97 -3.15 -15.12
N VAL A 1 -3.94 -12.77 17.86
CA VAL A 1 -3.93 -11.37 17.37
C VAL A 1 -5.33 -10.99 16.88
N ASP A 2 -5.62 -9.69 16.87
CA ASP A 2 -6.93 -9.21 16.43
C ASP A 2 -7.12 -9.42 14.92
N ASN A 3 -8.39 -9.40 14.49
CA ASN A 3 -8.73 -9.59 13.09
C ASN A 3 -9.58 -8.43 12.59
N LYS A 4 -9.28 -7.23 13.10
CA LYS A 4 -10.02 -6.02 12.72
C LYS A 4 -9.71 -5.64 11.27
N PHE A 5 -10.71 -5.08 10.57
CA PHE A 5 -10.51 -4.67 9.19
C PHE A 5 -9.50 -3.53 9.14
N ASN A 6 -9.43 -2.78 10.24
CA ASN A 6 -8.49 -1.67 10.36
C ASN A 6 -7.06 -2.18 10.32
N LYS A 7 -6.88 -3.41 10.82
CA LYS A 7 -5.56 -4.04 10.85
C LYS A 7 -5.00 -4.14 9.44
N GLU A 8 -5.90 -4.33 8.48
CA GLU A 8 -5.52 -4.43 7.07
C GLU A 8 -4.81 -3.17 6.61
N LEU A 9 -5.23 -2.05 7.15
CA LEU A 9 -4.65 -0.76 6.78
C LEU A 9 -3.24 -0.61 7.30
N GLY A 10 -2.99 -1.12 8.50
CA GLY A 10 -1.65 -1.04 9.06
C GLY A 10 -0.79 -2.05 8.35
N TRP A 11 -1.44 -3.14 7.96
CA TRP A 11 -0.80 -4.21 7.26
C TRP A 11 -0.29 -3.80 5.88
N ALA A 12 -1.19 -3.25 5.08
CA ALA A 12 -0.82 -2.83 3.74
C ALA A 12 0.11 -1.62 3.76
N THR A 13 -0.03 -0.76 4.76
CA THR A 13 0.80 0.43 4.83
C THR A 13 2.25 0.03 4.89
N TRP A 14 2.57 -0.91 5.76
CA TRP A 14 3.94 -1.38 5.89
C TRP A 14 4.35 -2.18 4.64
N GLU A 15 3.41 -2.97 4.07
CA GLU A 15 3.69 -3.75 2.85
C GLU A 15 4.12 -2.84 1.70
N ILE A 16 3.34 -1.80 1.52
CA ILE A 16 3.58 -0.82 0.46
C ILE A 16 4.80 0.00 0.79
N PHE A 17 4.93 0.34 2.06
CA PHE A 17 6.10 1.10 2.52
C PHE A 17 7.39 0.28 2.41
N ASN A 18 7.26 -1.04 2.29
CA ASN A 18 8.43 -1.91 2.19
C ASN A 18 8.93 -1.95 0.75
N LEU A 19 8.48 -0.99 -0.06
CA LEU A 19 8.88 -0.91 -1.44
C LEU A 19 10.11 -0.05 -1.56
N PRO A 20 11.16 -0.57 -2.15
CA PRO A 20 12.42 0.18 -2.27
C PRO A 20 12.42 1.26 -3.35
N ASN A 21 11.28 1.50 -4.04
CA ASN A 21 11.28 2.49 -5.10
C ASN A 21 10.15 3.51 -4.94
N LEU A 22 9.33 3.37 -3.89
CA LEU A 22 8.24 4.31 -3.65
C LEU A 22 8.70 5.62 -3.05
N ASN A 23 7.78 6.57 -3.10
CA ASN A 23 7.94 7.89 -2.52
C ASN A 23 6.81 8.06 -1.51
N GLY A 24 7.05 8.84 -0.45
CA GLY A 24 6.03 9.06 0.58
C GLY A 24 4.68 9.39 -0.04
N VAL A 25 4.71 10.01 -1.22
CA VAL A 25 3.49 10.36 -1.93
C VAL A 25 2.76 9.12 -2.45
N GLN A 26 3.50 8.26 -3.15
CA GLN A 26 2.95 7.03 -3.70
C GLN A 26 2.47 6.10 -2.62
N VAL A 27 3.30 5.92 -1.61
CA VAL A 27 2.95 5.05 -0.50
C VAL A 27 1.68 5.55 0.15
N LYS A 28 1.68 6.85 0.46
CA LYS A 28 0.52 7.48 1.06
C LYS A 28 -0.69 7.30 0.16
N ALA A 29 -0.46 7.35 -1.15
CA ALA A 29 -1.52 7.20 -2.13
C ALA A 29 -2.14 5.81 -2.05
N PHE A 30 -1.29 4.81 -1.84
CA PHE A 30 -1.75 3.45 -1.74
C PHE A 30 -2.47 3.27 -0.41
N ILE A 31 -1.89 3.85 0.62
CA ILE A 31 -2.47 3.83 1.94
C ILE A 31 -3.74 4.68 1.95
N ASP A 32 -3.76 5.75 1.14
CA ASP A 32 -4.96 6.58 1.04
C ASP A 32 -6.10 5.72 0.53
N SER A 33 -5.77 4.86 -0.44
CA SER A 33 -6.74 3.93 -1.03
C SER A 33 -7.18 2.90 0.01
N LEU A 34 -6.29 2.59 0.95
CA LEU A 34 -6.57 1.61 2.01
C LEU A 34 -7.83 2.02 2.79
N ARG A 35 -7.92 3.31 3.07
CA ARG A 35 -9.05 3.87 3.81
C ARG A 35 -10.33 3.73 3.00
N ASP A 36 -10.20 3.89 1.69
CA ASP A 36 -11.32 3.78 0.77
C ASP A 36 -11.82 2.35 0.68
N ASP A 37 -10.91 1.41 0.98
CA ASP A 37 -11.24 -0.01 0.93
C ASP A 37 -10.14 -0.81 1.62
N PRO A 38 -10.44 -1.39 2.75
CA PRO A 38 -9.46 -2.21 3.52
C PRO A 38 -9.22 -3.59 2.91
N SER A 39 -10.19 -4.08 2.15
CA SER A 39 -10.08 -5.40 1.53
C SER A 39 -9.18 -5.34 0.29
N GLN A 40 -9.11 -4.16 -0.33
CA GLN A 40 -8.30 -3.98 -1.53
C GLN A 40 -6.84 -3.69 -1.22
N SER A 41 -6.48 -3.67 0.07
CA SER A 41 -5.11 -3.41 0.49
C SER A 41 -4.06 -4.12 -0.38
N ALA A 42 -4.36 -5.35 -0.77
CA ALA A 42 -3.45 -6.13 -1.61
C ALA A 42 -3.34 -5.51 -3.01
N ASN A 43 -4.44 -4.90 -3.45
CA ASN A 43 -4.49 -4.26 -4.75
C ASN A 43 -3.66 -2.99 -4.71
N LEU A 44 -3.72 -2.34 -3.57
CA LEU A 44 -2.99 -1.12 -3.28
C LEU A 44 -1.54 -1.47 -3.25
N LEU A 45 -1.32 -2.66 -2.72
CA LEU A 45 -0.02 -3.25 -2.68
C LEU A 45 0.42 -3.49 -4.10
N ALA A 46 -0.53 -4.01 -4.88
CA ALA A 46 -0.33 -4.33 -6.27
C ALA A 46 0.05 -3.09 -7.03
N GLU A 47 -0.73 -2.06 -6.76
CA GLU A 47 -0.54 -0.75 -7.32
C GLU A 47 0.80 -0.21 -6.85
N ALA A 48 1.14 -0.60 -5.64
CA ALA A 48 2.39 -0.18 -5.03
C ALA A 48 3.54 -0.85 -5.73
N LYS A 49 3.39 -2.15 -5.94
CA LYS A 49 4.41 -2.93 -6.64
C LYS A 49 4.53 -2.36 -8.02
N LYS A 50 3.38 -1.94 -8.54
CA LYS A 50 3.30 -1.34 -9.87
C LYS A 50 4.09 -0.05 -9.89
N LEU A 51 3.93 0.74 -8.84
CA LEU A 51 4.65 2.01 -8.74
C LEU A 51 6.14 1.75 -8.50
N ASN A 52 6.43 0.84 -7.58
CA ASN A 52 7.79 0.49 -7.25
C ASN A 52 8.49 -0.15 -8.45
N ASP A 53 7.79 -1.06 -9.12
CA ASP A 53 8.35 -1.75 -10.28
C ASP A 53 8.70 -0.73 -11.35
N ALA A 54 7.80 0.22 -11.51
CA ALA A 54 7.97 1.30 -12.46
C ALA A 54 9.14 2.18 -12.01
N GLN A 55 9.30 2.28 -10.68
CA GLN A 55 10.37 3.09 -10.09
C GLN A 55 11.62 2.25 -9.87
N ALA A 56 11.56 0.98 -10.29
CA ALA A 56 12.68 0.06 -10.12
C ALA A 56 13.72 0.28 -11.22
N PRO A 57 14.90 -0.25 -11.03
CA PRO A 57 16.03 -0.11 -12.00
C PRO A 57 15.90 -1.09 -13.17
N LYS A 58 14.66 -1.33 -13.56
CA LYS A 58 14.33 -2.22 -14.67
C LYS A 58 14.88 -3.64 -14.41
N VAL A 1 -6.11 -6.54 20.48
CA VAL A 1 -7.38 -6.88 21.17
C VAL A 1 -8.48 -5.92 20.68
N ASP A 2 -8.24 -4.63 20.87
CA ASP A 2 -9.19 -3.60 20.45
C ASP A 2 -9.03 -3.27 18.96
N ASN A 3 -8.15 -4.01 18.29
CA ASN A 3 -7.90 -3.82 16.86
C ASN A 3 -9.15 -4.11 16.05
N LYS A 4 -9.40 -3.26 15.05
CA LYS A 4 -10.58 -3.41 14.18
C LYS A 4 -10.13 -3.59 12.73
N PHE A 5 -11.02 -3.29 11.78
CA PHE A 5 -10.71 -3.40 10.36
C PHE A 5 -9.51 -2.51 10.01
N ASN A 6 -9.32 -1.49 10.84
CA ASN A 6 -8.22 -0.53 10.68
C ASN A 6 -6.88 -1.26 10.66
N LYS A 7 -6.82 -2.40 11.33
CA LYS A 7 -5.60 -3.21 11.40
C LYS A 7 -5.12 -3.57 10.00
N GLU A 8 -6.08 -3.86 9.13
CA GLU A 8 -5.78 -4.23 7.74
C GLU A 8 -5.15 -3.06 7.01
N LEU A 9 -5.53 -1.85 7.40
CA LEU A 9 -4.97 -0.66 6.78
C LEU A 9 -3.53 -0.46 7.23
N GLY A 10 -3.24 -0.87 8.46
CA GLY A 10 -1.90 -0.78 8.99
C GLY A 10 -1.07 -1.87 8.36
N TRP A 11 -1.78 -2.95 8.03
CA TRP A 11 -1.17 -4.10 7.42
C TRP A 11 -0.56 -3.76 6.07
N ALA A 12 -1.35 -3.20 5.19
CA ALA A 12 -0.83 -2.85 3.88
C ALA A 12 0.14 -1.67 3.95
N THR A 13 -0.08 -0.75 4.88
CA THR A 13 0.75 0.46 4.94
C THR A 13 2.21 0.13 5.03
N TRP A 14 2.58 -0.76 5.91
CA TRP A 14 3.97 -1.15 6.00
C TRP A 14 4.37 -1.95 4.72
N GLU A 15 3.46 -2.81 4.23
CA GLU A 15 3.73 -3.61 3.01
C GLU A 15 4.05 -2.73 1.80
N ILE A 16 3.21 -1.72 1.60
CA ILE A 16 3.37 -0.76 0.50
C ILE A 16 4.70 -0.05 0.69
N PHE A 17 4.84 0.45 1.89
CA PHE A 17 6.05 1.16 2.32
C PHE A 17 7.30 0.29 2.22
N ASN A 18 7.12 -1.02 2.15
CA ASN A 18 8.25 -1.95 2.06
C ASN A 18 8.61 -2.21 0.62
N LEU A 19 8.55 -1.16 -0.20
CA LEU A 19 8.88 -1.26 -1.60
C LEU A 19 10.20 -0.59 -1.89
N PRO A 20 10.99 -1.18 -2.75
CA PRO A 20 12.33 -0.65 -3.08
C PRO A 20 12.37 0.72 -3.79
N ASN A 21 11.25 1.23 -4.34
CA ASN A 21 11.36 2.51 -5.06
C ASN A 21 10.21 3.49 -4.79
N LEU A 22 9.34 3.19 -3.82
CA LEU A 22 8.24 4.10 -3.53
C LEU A 22 8.69 5.39 -2.89
N ASN A 23 7.80 6.38 -3.00
CA ASN A 23 7.99 7.68 -2.41
C ASN A 23 6.85 7.88 -1.42
N GLY A 24 7.09 8.64 -0.35
CA GLY A 24 6.07 8.87 0.67
C GLY A 24 4.74 9.29 0.03
N VAL A 25 4.82 9.90 -1.16
CA VAL A 25 3.64 10.33 -1.88
C VAL A 25 2.87 9.14 -2.45
N GLN A 26 3.60 8.24 -3.14
CA GLN A 26 2.99 7.07 -3.73
C GLN A 26 2.47 6.13 -2.69
N VAL A 27 3.28 5.88 -1.66
CA VAL A 27 2.86 5.00 -0.59
C VAL A 27 1.59 5.53 0.03
N LYS A 28 1.64 6.82 0.40
CA LYS A 28 0.49 7.50 1.00
C LYS A 28 -0.71 7.37 0.09
N ALA A 29 -0.48 7.39 -1.22
CA ALA A 29 -1.55 7.25 -2.18
C ALA A 29 -2.21 5.90 -1.99
N PHE A 30 -1.39 4.88 -1.81
CA PHE A 30 -1.88 3.55 -1.58
C PHE A 30 -2.43 3.47 -0.16
N ILE A 31 -1.75 4.15 0.77
CA ILE A 31 -2.22 4.18 2.16
C ILE A 31 -3.60 4.86 2.13
N ASP A 32 -3.76 5.82 1.22
CA ASP A 32 -5.02 6.53 1.05
C ASP A 32 -6.08 5.59 0.48
N SER A 33 -5.65 4.77 -0.47
CA SER A 33 -6.54 3.79 -1.10
C SER A 33 -7.01 2.77 -0.07
N LEU A 34 -6.15 2.50 0.91
CA LEU A 34 -6.46 1.54 1.98
C LEU A 34 -7.74 1.96 2.70
N ARG A 35 -7.80 3.25 3.03
CA ARG A 35 -8.96 3.82 3.71
C ARG A 35 -10.20 3.69 2.84
N ASP A 36 -10.00 3.91 1.54
CA ASP A 36 -11.08 3.83 0.56
C ASP A 36 -11.60 2.40 0.44
N ASP A 37 -10.72 1.45 0.75
CA ASP A 37 -11.06 0.04 0.69
C ASP A 37 -9.99 -0.80 1.38
N PRO A 38 -10.32 -1.38 2.50
CA PRO A 38 -9.38 -2.22 3.27
C PRO A 38 -9.12 -3.59 2.64
N SER A 39 -10.10 -4.08 1.87
CA SER A 39 -9.97 -5.37 1.21
C SER A 39 -8.95 -5.27 0.07
N GLN A 40 -8.82 -4.08 -0.49
CA GLN A 40 -7.91 -3.82 -1.60
C GLN A 40 -6.47 -3.76 -1.17
N SER A 41 -6.20 -3.75 0.13
CA SER A 41 -4.82 -3.63 0.61
C SER A 41 -3.83 -4.41 -0.24
N ALA A 42 -4.18 -5.63 -0.62
CA ALA A 42 -3.31 -6.44 -1.46
C ALA A 42 -3.18 -5.84 -2.86
N ASN A 43 -4.28 -5.26 -3.34
CA ASN A 43 -4.31 -4.63 -4.63
C ASN A 43 -3.52 -3.33 -4.60
N LEU A 44 -3.66 -2.66 -3.47
CA LEU A 44 -2.96 -1.41 -3.22
C LEU A 44 -1.50 -1.72 -3.19
N LEU A 45 -1.21 -2.89 -2.64
CA LEU A 45 0.14 -3.41 -2.61
C LEU A 45 0.58 -3.64 -4.04
N ALA A 46 -0.37 -4.19 -4.79
CA ALA A 46 -0.16 -4.52 -6.19
C ALA A 46 0.14 -3.27 -6.98
N GLU A 47 -0.68 -2.28 -6.72
CA GLU A 47 -0.55 -0.99 -7.32
C GLU A 47 0.75 -0.37 -6.87
N ALA A 48 1.09 -0.69 -5.63
CA ALA A 48 2.32 -0.19 -5.03
C ALA A 48 3.51 -0.80 -5.73
N LYS A 49 3.44 -2.12 -5.96
CA LYS A 49 4.52 -2.80 -6.66
C LYS A 49 4.62 -2.21 -8.05
N LYS A 50 3.45 -1.92 -8.60
CA LYS A 50 3.37 -1.30 -9.91
C LYS A 50 4.02 0.07 -9.90
N LEU A 51 3.77 0.81 -8.82
CA LEU A 51 4.36 2.15 -8.68
C LEU A 51 5.85 2.04 -8.42
N ASN A 52 6.22 1.11 -7.55
CA ASN A 52 7.63 0.87 -7.23
C ASN A 52 8.35 0.35 -8.47
N ASP A 53 7.72 -0.59 -9.15
CA ASP A 53 8.28 -1.17 -10.37
C ASP A 53 8.47 -0.07 -11.39
N ALA A 54 7.52 0.85 -11.41
CA ALA A 54 7.57 2.00 -12.29
C ALA A 54 8.68 2.94 -11.84
N GLN A 55 8.90 3.02 -10.52
CA GLN A 55 9.94 3.86 -9.96
C GLN A 55 11.28 3.12 -9.92
N ALA A 56 11.23 1.84 -10.26
CA ALA A 56 12.43 1.00 -10.28
C ALA A 56 13.27 1.29 -11.52
N PRO A 57 14.57 1.22 -11.38
CA PRO A 57 15.51 1.49 -12.51
C PRO A 57 15.19 0.65 -13.73
N LYS A 58 15.53 1.19 -14.90
CA LYS A 58 15.29 0.51 -16.17
C LYS A 58 16.43 0.78 -17.16
N VAL A 1 -4.78 -14.08 17.26
CA VAL A 1 -4.44 -12.90 16.41
C VAL A 1 -5.50 -11.82 16.57
N ASP A 2 -5.14 -10.58 16.25
CA ASP A 2 -6.06 -9.45 16.36
C ASP A 2 -7.08 -9.50 15.22
N ASN A 3 -8.36 -9.54 15.60
CA ASN A 3 -9.45 -9.62 14.62
C ASN A 3 -9.88 -8.23 14.13
N LYS A 4 -9.15 -7.19 14.54
CA LYS A 4 -9.47 -5.82 14.14
C LYS A 4 -9.21 -5.63 12.65
N PHE A 5 -10.19 -5.09 11.94
CA PHE A 5 -10.07 -4.87 10.50
C PHE A 5 -9.04 -3.78 10.19
N ASN A 6 -8.92 -2.83 11.11
CA ASN A 6 -7.98 -1.72 10.97
C ASN A 6 -6.55 -2.24 10.80
N LYS A 7 -6.30 -3.42 11.37
CA LYS A 7 -4.98 -4.05 11.31
C LYS A 7 -4.50 -4.19 9.87
N GLU A 8 -5.41 -4.56 8.98
CA GLU A 8 -5.08 -4.76 7.57
C GLU A 8 -4.61 -3.46 6.92
N LEU A 9 -5.16 -2.35 7.38
CA LEU A 9 -4.80 -1.05 6.84
C LEU A 9 -3.37 -0.69 7.22
N GLY A 10 -2.99 -1.04 8.44
CA GLY A 10 -1.63 -0.79 8.89
C GLY A 10 -0.73 -1.80 8.25
N TRP A 11 -1.31 -2.98 8.02
CA TRP A 11 -0.61 -4.08 7.41
C TRP A 11 -0.18 -3.72 5.99
N ALA A 12 -1.14 -3.27 5.21
CA ALA A 12 -0.86 -2.90 3.83
C ALA A 12 -0.01 -1.65 3.76
N THR A 13 -0.16 -0.76 4.74
CA THR A 13 0.61 0.48 4.73
C THR A 13 2.08 0.16 4.78
N TRP A 14 2.45 -0.72 5.69
CA TRP A 14 3.84 -1.12 5.81
C TRP A 14 4.28 -1.98 4.60
N GLU A 15 3.36 -2.82 4.08
CA GLU A 15 3.68 -3.66 2.92
C GLU A 15 4.10 -2.79 1.73
N ILE A 16 3.29 -1.79 1.50
CA ILE A 16 3.49 -0.82 0.42
C ILE A 16 4.71 0.02 0.74
N PHE A 17 4.79 0.45 1.98
CA PHE A 17 5.92 1.25 2.44
C PHE A 17 7.24 0.45 2.39
N ASN A 18 7.13 -0.87 2.35
CA ASN A 18 8.33 -1.73 2.31
C ASN A 18 8.82 -1.89 0.88
N LEU A 19 8.33 -1.04 0.00
CA LEU A 19 8.73 -1.07 -1.39
C LEU A 19 10.00 -0.26 -1.56
N PRO A 20 11.02 -0.85 -2.14
CA PRO A 20 12.31 -0.17 -2.28
C PRO A 20 12.35 0.98 -3.29
N ASN A 21 11.23 1.31 -3.96
CA ASN A 21 11.28 2.39 -4.96
C ASN A 21 10.19 3.43 -4.73
N LEU A 22 9.28 3.19 -3.77
CA LEU A 22 8.22 4.15 -3.50
C LEU A 22 8.72 5.40 -2.80
N ASN A 23 7.86 6.40 -2.87
CA ASN A 23 8.08 7.67 -2.21
C ASN A 23 6.85 7.96 -1.35
N GLY A 24 6.99 8.82 -0.35
CA GLY A 24 5.89 9.15 0.55
C GLY A 24 4.61 9.49 -0.20
N VAL A 25 4.74 10.00 -1.44
CA VAL A 25 3.57 10.36 -2.23
C VAL A 25 2.84 9.12 -2.74
N GLN A 26 3.59 8.18 -3.33
CA GLN A 26 3.01 6.96 -3.87
C GLN A 26 2.46 6.07 -2.77
N VAL A 27 3.25 5.87 -1.74
CA VAL A 27 2.83 5.02 -0.64
C VAL A 27 1.55 5.58 -0.04
N LYS A 28 1.58 6.86 0.27
CA LYS A 28 0.42 7.56 0.83
C LYS A 28 -0.77 7.39 -0.07
N ALA A 29 -0.53 7.37 -1.37
CA ALA A 29 -1.60 7.18 -2.34
C ALA A 29 -2.23 5.81 -2.11
N PHE A 30 -1.38 4.82 -1.88
CA PHE A 30 -1.83 3.49 -1.63
C PHE A 30 -2.41 3.44 -0.22
N ILE A 31 -1.78 4.18 0.71
CA ILE A 31 -2.30 4.25 2.06
C ILE A 31 -3.66 4.93 2.02
N ASP A 32 -3.80 5.89 1.09
CA ASP A 32 -5.06 6.62 0.92
C ASP A 32 -6.14 5.68 0.42
N SER A 33 -5.75 4.75 -0.45
CA SER A 33 -6.67 3.78 -1.00
C SER A 33 -7.07 2.75 0.06
N LEU A 34 -6.16 2.49 1.00
CA LEU A 34 -6.39 1.51 2.07
C LEU A 34 -7.64 1.84 2.88
N ARG A 35 -7.69 3.07 3.39
CA ARG A 35 -8.82 3.52 4.21
C ARG A 35 -10.09 3.59 3.37
N ASP A 36 -9.92 3.97 2.10
CA ASP A 36 -11.04 4.07 1.17
C ASP A 36 -11.66 2.70 0.95
N ASP A 37 -10.80 1.69 0.95
CA ASP A 37 -11.20 0.31 0.78
C ASP A 37 -10.08 -0.61 1.22
N PRO A 38 -10.17 -1.12 2.43
CA PRO A 38 -9.14 -2.01 3.01
C PRO A 38 -9.10 -3.39 2.37
N SER A 39 -10.21 -3.78 1.74
CA SER A 39 -10.29 -5.07 1.06
C SER A 39 -9.34 -5.08 -0.12
N GLN A 40 -8.99 -3.88 -0.58
CA GLN A 40 -8.10 -3.70 -1.72
C GLN A 40 -6.65 -3.68 -1.31
N SER A 41 -6.34 -3.73 -0.02
CA SER A 41 -4.97 -3.65 0.45
C SER A 41 -4.00 -4.40 -0.44
N ALA A 42 -4.36 -5.62 -0.83
CA ALA A 42 -3.50 -6.41 -1.70
C ALA A 42 -3.36 -5.76 -3.07
N ASN A 43 -4.44 -5.13 -3.52
CA ASN A 43 -4.47 -4.45 -4.80
C ASN A 43 -3.63 -3.18 -4.71
N LEU A 44 -3.74 -2.51 -3.58
CA LEU A 44 -3.00 -1.30 -3.28
C LEU A 44 -1.56 -1.68 -3.25
N LEU A 45 -1.34 -2.86 -2.70
CA LEU A 45 -0.03 -3.46 -2.65
C LEU A 45 0.43 -3.69 -4.08
N ALA A 46 -0.53 -4.20 -4.86
CA ALA A 46 -0.31 -4.53 -6.25
C ALA A 46 0.06 -3.29 -7.02
N GLU A 47 -0.72 -2.26 -6.77
CA GLU A 47 -0.52 -0.98 -7.36
C GLU A 47 0.79 -0.41 -6.87
N ALA A 48 1.10 -0.75 -5.63
CA ALA A 48 2.32 -0.30 -5.01
C ALA A 48 3.50 -0.95 -5.68
N LYS A 49 3.40 -2.25 -5.92
CA LYS A 49 4.47 -2.96 -6.60
C LYS A 49 4.61 -2.38 -7.98
N LYS A 50 3.46 -2.05 -8.56
CA LYS A 50 3.41 -1.44 -9.87
C LYS A 50 4.10 -0.09 -9.86
N LEU A 51 3.85 0.67 -8.80
CA LEU A 51 4.48 1.99 -8.66
C LEU A 51 5.96 1.81 -8.38
N ASN A 52 6.27 0.87 -7.50
CA ASN A 52 7.65 0.54 -7.14
C ASN A 52 8.39 0.07 -8.38
N ASP A 53 7.73 -0.81 -9.13
CA ASP A 53 8.28 -1.37 -10.35
C ASP A 53 8.54 -0.23 -11.33
N ALA A 54 7.60 0.70 -11.35
CA ALA A 54 7.69 1.87 -12.19
C ALA A 54 8.83 2.77 -11.72
N GLN A 55 9.05 2.79 -10.40
CA GLN A 55 10.13 3.60 -9.82
C GLN A 55 11.41 2.78 -9.69
N ALA A 56 11.36 1.53 -10.16
CA ALA A 56 12.51 0.63 -10.10
C ALA A 56 13.55 1.02 -11.14
N PRO A 57 14.76 0.51 -11.01
CA PRO A 57 15.89 0.81 -11.91
C PRO A 57 15.84 -0.01 -13.21
N LYS A 58 14.62 -0.11 -13.73
CA LYS A 58 14.36 -0.84 -14.98
C LYS A 58 15.32 -0.38 -16.09
N VAL A 1 -15.95 -12.92 4.76
CA VAL A 1 -15.67 -11.66 4.00
C VAL A 1 -15.41 -10.52 4.99
N ASP A 2 -16.11 -10.57 6.14
CA ASP A 2 -15.96 -9.55 7.17
C ASP A 2 -14.71 -9.79 8.01
N ASN A 3 -14.01 -10.89 7.71
CA ASN A 3 -12.78 -11.26 8.42
C ASN A 3 -11.77 -10.12 8.34
N LYS A 4 -11.88 -9.34 7.27
CA LYS A 4 -11.00 -8.19 7.05
C LYS A 4 -11.19 -7.13 8.13
N PHE A 5 -10.12 -6.43 8.45
CA PHE A 5 -10.14 -5.39 9.49
C PHE A 5 -9.11 -4.31 9.17
N ASN A 6 -9.08 -3.24 9.97
CA ASN A 6 -8.12 -2.17 9.73
C ASN A 6 -6.69 -2.69 9.91
N LYS A 7 -6.54 -3.77 10.66
CA LYS A 7 -5.22 -4.36 10.87
C LYS A 7 -4.64 -4.71 9.50
N GLU A 8 -5.53 -5.10 8.60
CA GLU A 8 -5.19 -5.44 7.22
C GLU A 8 -4.76 -4.17 6.48
N LEU A 9 -5.44 -3.09 6.80
CA LEU A 9 -5.17 -1.79 6.22
C LEU A 9 -3.88 -1.21 6.81
N GLY A 10 -3.58 -1.57 8.06
CA GLY A 10 -2.33 -1.15 8.68
C GLY A 10 -1.21 -2.01 8.12
N TRP A 11 -1.61 -3.24 7.77
CA TRP A 11 -0.71 -4.23 7.21
C TRP A 11 -0.16 -3.78 5.87
N ALA A 12 -1.06 -3.39 4.98
CA ALA A 12 -0.68 -2.95 3.65
C ALA A 12 0.14 -1.67 3.68
N THR A 13 -0.11 -0.82 4.66
CA THR A 13 0.61 0.44 4.73
C THR A 13 2.09 0.19 4.84
N TRP A 14 2.45 -0.70 5.74
CA TRP A 14 3.85 -1.06 5.93
C TRP A 14 4.35 -1.88 4.72
N GLU A 15 3.50 -2.76 4.15
CA GLU A 15 3.88 -3.57 2.99
C GLU A 15 4.30 -2.70 1.83
N ILE A 16 3.45 -1.72 1.56
CA ILE A 16 3.66 -0.77 0.48
C ILE A 16 4.85 0.10 0.82
N PHE A 17 4.92 0.50 2.07
CA PHE A 17 6.04 1.30 2.55
C PHE A 17 7.37 0.54 2.46
N ASN A 18 7.29 -0.79 2.40
CA ASN A 18 8.49 -1.61 2.31
C ASN A 18 8.94 -1.78 0.87
N LEU A 19 8.44 -0.91 0.00
CA LEU A 19 8.81 -0.95 -1.40
C LEU A 19 10.07 -0.15 -1.60
N PRO A 20 11.08 -0.75 -2.21
CA PRO A 20 12.36 -0.06 -2.39
C PRO A 20 12.38 1.09 -3.40
N ASN A 21 11.25 1.42 -4.05
CA ASN A 21 11.29 2.51 -5.04
C ASN A 21 10.19 3.53 -4.84
N LEU A 22 9.29 3.29 -3.88
CA LEU A 22 8.21 4.23 -3.62
C LEU A 22 8.67 5.55 -3.04
N ASN A 23 7.76 6.50 -3.14
CA ASN A 23 7.94 7.83 -2.58
C ASN A 23 6.81 8.03 -1.59
N GLY A 24 7.04 8.81 -0.53
CA GLY A 24 6.02 9.07 0.49
C GLY A 24 4.68 9.44 -0.15
N VAL A 25 4.74 10.01 -1.35
CA VAL A 25 3.54 10.40 -2.08
C VAL A 25 2.79 9.18 -2.61
N GLN A 26 3.52 8.28 -3.27
CA GLN A 26 2.93 7.08 -3.84
C GLN A 26 2.44 6.14 -2.75
N VAL A 27 3.26 5.97 -1.73
CA VAL A 27 2.89 5.10 -0.63
C VAL A 27 1.62 5.61 0.01
N LYS A 28 1.62 6.90 0.32
CA LYS A 28 0.46 7.54 0.92
C LYS A 28 -0.75 7.33 0.02
N ALA A 29 -0.51 7.34 -1.30
CA ALA A 29 -1.57 7.14 -2.27
C ALA A 29 -2.18 5.76 -2.14
N PHE A 30 -1.34 4.76 -1.90
CA PHE A 30 -1.81 3.41 -1.75
C PHE A 30 -2.51 3.27 -0.43
N ILE A 31 -1.92 3.87 0.58
CA ILE A 31 -2.50 3.90 1.92
C ILE A 31 -3.78 4.73 1.89
N ASP A 32 -3.79 5.77 1.07
CA ASP A 32 -5.00 6.60 0.94
C ASP A 32 -6.14 5.70 0.47
N SER A 33 -5.79 4.80 -0.45
CA SER A 33 -6.75 3.84 -0.99
C SER A 33 -7.12 2.82 0.09
N LEU A 34 -6.18 2.52 1.00
CA LEU A 34 -6.45 1.57 2.09
C LEU A 34 -7.63 2.07 2.91
N ARG A 35 -7.60 3.36 3.18
CA ARG A 35 -8.66 4.02 3.96
C ARG A 35 -9.96 4.01 3.18
N ASP A 36 -9.84 4.28 1.87
CA ASP A 36 -10.97 4.31 0.98
C ASP A 36 -11.62 2.94 0.90
N ASP A 37 -10.77 1.93 0.90
CA ASP A 37 -11.21 0.53 0.85
C ASP A 37 -10.09 -0.38 1.35
N PRO A 38 -10.14 -0.72 2.61
CA PRO A 38 -9.12 -1.60 3.24
C PRO A 38 -9.15 -3.04 2.74
N SER A 39 -10.22 -3.42 2.06
CA SER A 39 -10.34 -4.77 1.52
C SER A 39 -9.39 -4.95 0.33
N GLN A 40 -9.00 -3.82 -0.27
CA GLN A 40 -8.12 -3.82 -1.43
C GLN A 40 -6.66 -3.75 -1.04
N SER A 41 -6.35 -3.79 0.26
CA SER A 41 -4.99 -3.66 0.74
C SER A 41 -3.98 -4.43 -0.12
N ALA A 42 -4.34 -5.61 -0.58
CA ALA A 42 -3.45 -6.41 -1.42
C ALA A 42 -3.31 -5.78 -2.82
N ASN A 43 -4.37 -5.17 -3.28
CA ASN A 43 -4.41 -4.51 -4.58
C ASN A 43 -3.57 -3.25 -4.53
N LEU A 44 -3.66 -2.56 -3.41
CA LEU A 44 -2.93 -1.34 -3.16
C LEU A 44 -1.48 -1.70 -3.14
N LEU A 45 -1.23 -2.87 -2.59
CA LEU A 45 0.09 -3.46 -2.57
C LEU A 45 0.51 -3.69 -4.00
N ALA A 46 -0.44 -4.22 -4.75
CA ALA A 46 -0.26 -4.57 -6.17
C ALA A 46 0.09 -3.34 -6.94
N GLU A 47 -0.69 -2.31 -6.68
CA GLU A 47 -0.52 -1.03 -7.30
C GLU A 47 0.78 -0.42 -6.81
N ALA A 48 1.11 -0.74 -5.58
CA ALA A 48 2.32 -0.26 -4.97
C ALA A 48 3.52 -0.89 -5.65
N LYS A 49 3.44 -2.21 -5.85
CA LYS A 49 4.51 -2.92 -6.53
C LYS A 49 4.61 -2.37 -7.93
N LYS A 50 3.45 -2.05 -8.48
CA LYS A 50 3.35 -1.48 -9.80
C LYS A 50 4.06 -0.13 -9.84
N LEU A 51 3.85 0.67 -8.79
CA LEU A 51 4.50 1.97 -8.71
C LEU A 51 5.98 1.79 -8.42
N ASN A 52 6.29 0.87 -7.51
CA ASN A 52 7.66 0.56 -7.17
C ASN A 52 8.40 0.05 -8.40
N ASP A 53 7.74 -0.85 -9.13
CA ASP A 53 8.28 -1.43 -10.34
C ASP A 53 8.52 -0.32 -11.35
N ALA A 54 7.58 0.61 -11.39
CA ALA A 54 7.67 1.76 -12.27
C ALA A 54 8.79 2.68 -11.81
N GLN A 55 9.01 2.74 -10.49
CA GLN A 55 10.05 3.57 -9.92
C GLN A 55 11.36 2.79 -9.79
N ALA A 56 11.33 1.53 -10.22
CA ALA A 56 12.50 0.66 -10.16
C ALA A 56 13.47 1.00 -11.28
N PRO A 57 14.70 0.54 -11.15
CA PRO A 57 15.77 0.81 -12.15
C PRO A 57 15.60 -0.05 -13.41
N LYS A 58 16.25 0.37 -14.49
CA LYS A 58 16.20 -0.34 -15.75
C LYS A 58 17.42 -1.24 -15.92
N VAL A 1 -7.01 -11.51 20.02
CA VAL A 1 -8.37 -11.57 20.65
C VAL A 1 -9.28 -10.57 19.95
N ASP A 2 -8.85 -9.30 19.92
CA ASP A 2 -9.62 -8.24 19.28
C ASP A 2 -9.66 -8.45 17.77
N ASN A 3 -10.82 -8.17 17.17
CA ASN A 3 -10.99 -8.32 15.72
C ASN A 3 -11.41 -7.01 15.08
N LYS A 4 -10.48 -6.40 14.34
CA LYS A 4 -10.75 -5.13 13.66
C LYS A 4 -10.22 -5.16 12.24
N PHE A 5 -10.99 -4.60 11.30
CA PHE A 5 -10.58 -4.57 9.90
C PHE A 5 -9.41 -3.60 9.72
N ASN A 6 -9.25 -2.71 10.70
CA ASN A 6 -8.20 -1.71 10.69
C ASN A 6 -6.81 -2.36 10.59
N LYS A 7 -6.71 -3.59 11.09
CA LYS A 7 -5.45 -4.33 11.07
C LYS A 7 -4.91 -4.47 9.65
N GLU A 8 -5.83 -4.65 8.71
CA GLU A 8 -5.47 -4.79 7.30
C GLU A 8 -4.86 -3.50 6.75
N LEU A 9 -5.33 -2.39 7.28
CA LEU A 9 -4.83 -1.08 6.85
C LEU A 9 -3.40 -0.89 7.31
N GLY A 10 -3.08 -1.40 8.50
CA GLY A 10 -1.73 -1.31 9.02
C GLY A 10 -0.87 -2.29 8.28
N TRP A 11 -1.53 -3.36 7.84
CA TRP A 11 -0.89 -4.43 7.12
C TRP A 11 -0.37 -3.94 5.77
N ALA A 12 -1.23 -3.35 4.97
CA ALA A 12 -0.80 -2.88 3.67
C ALA A 12 0.09 -1.65 3.75
N THR A 13 -0.13 -0.80 4.75
CA THR A 13 0.64 0.43 4.83
C THR A 13 2.12 0.16 4.94
N TRP A 14 2.50 -0.74 5.84
CA TRP A 14 3.89 -1.09 5.99
C TRP A 14 4.37 -1.90 4.74
N GLU A 15 3.52 -2.80 4.22
CA GLU A 15 3.89 -3.62 3.05
C GLU A 15 4.25 -2.74 1.85
N ILE A 16 3.41 -1.77 1.59
CA ILE A 16 3.58 -0.82 0.51
C ILE A 16 4.78 0.03 0.80
N PHE A 17 4.86 0.47 2.04
CA PHE A 17 5.99 1.28 2.51
C PHE A 17 7.31 0.50 2.42
N ASN A 18 7.23 -0.84 2.35
CA ASN A 18 8.42 -1.68 2.28
C ASN A 18 8.85 -1.90 0.84
N LEU A 19 8.49 -0.95 -0.03
CA LEU A 19 8.86 -1.05 -1.43
C LEU A 19 10.15 -0.31 -1.66
N PRO A 20 11.05 -0.88 -2.41
CA PRO A 20 12.37 -0.25 -2.65
C PRO A 20 12.36 0.96 -3.59
N ASN A 21 11.22 1.32 -4.20
CA ASN A 21 11.23 2.44 -5.13
C ASN A 21 10.10 3.44 -4.88
N LEU A 22 9.27 3.23 -3.86
CA LEU A 22 8.18 4.14 -3.58
C LEU A 22 8.63 5.45 -2.98
N ASN A 23 7.75 6.43 -3.14
CA ASN A 23 7.93 7.76 -2.59
C ASN A 23 6.78 7.97 -1.61
N GLY A 24 7.02 8.77 -0.57
CA GLY A 24 5.98 9.03 0.44
C GLY A 24 4.65 9.38 -0.22
N VAL A 25 4.71 9.96 -1.42
CA VAL A 25 3.50 10.33 -2.16
C VAL A 25 2.77 9.09 -2.66
N GLN A 26 3.51 8.17 -3.30
CA GLN A 26 2.93 6.96 -3.83
C GLN A 26 2.40 6.07 -2.73
N VAL A 27 3.23 5.85 -1.71
CA VAL A 27 2.82 5.02 -0.61
C VAL A 27 1.57 5.58 0.02
N LYS A 28 1.62 6.87 0.32
CA LYS A 28 0.49 7.58 0.91
C LYS A 28 -0.73 7.40 0.04
N ALA A 29 -0.51 7.36 -1.27
CA ALA A 29 -1.61 7.15 -2.20
C ALA A 29 -2.22 5.78 -1.95
N PHE A 30 -1.36 4.78 -1.74
CA PHE A 30 -1.82 3.46 -1.47
C PHE A 30 -2.37 3.41 -0.06
N ILE A 31 -1.71 4.13 0.85
CA ILE A 31 -2.18 4.20 2.22
C ILE A 31 -3.56 4.87 2.20
N ASP A 32 -3.73 5.82 1.27
CA ASP A 32 -5.00 6.52 1.11
C ASP A 32 -6.06 5.57 0.55
N SER A 33 -5.64 4.78 -0.43
CA SER A 33 -6.53 3.81 -1.05
C SER A 33 -7.00 2.78 -0.03
N LEU A 34 -6.13 2.50 0.96
CA LEU A 34 -6.46 1.55 2.03
C LEU A 34 -7.73 2.00 2.75
N ARG A 35 -7.77 3.29 3.07
CA ARG A 35 -8.91 3.89 3.76
C ARG A 35 -10.13 3.88 2.86
N ASP A 36 -9.89 4.18 1.59
CA ASP A 36 -10.93 4.22 0.57
C ASP A 36 -11.53 2.83 0.38
N ASP A 37 -10.69 1.82 0.54
CA ASP A 37 -11.09 0.44 0.42
C ASP A 37 -10.06 -0.46 1.08
N PRO A 38 -10.34 -0.89 2.28
CA PRO A 38 -9.42 -1.76 3.06
C PRO A 38 -9.34 -3.18 2.52
N SER A 39 -10.35 -3.60 1.77
CA SER A 39 -10.37 -4.94 1.18
C SER A 39 -9.35 -5.03 0.06
N GLN A 40 -8.93 -3.87 -0.44
CA GLN A 40 -7.98 -3.79 -1.54
C GLN A 40 -6.54 -3.75 -1.07
N SER A 41 -6.29 -3.74 0.23
CA SER A 41 -4.93 -3.63 0.75
C SER A 41 -3.92 -4.43 -0.08
N ALA A 42 -4.29 -5.63 -0.50
CA ALA A 42 -3.40 -6.44 -1.32
C ALA A 42 -3.25 -5.86 -2.73
N ASN A 43 -4.33 -5.26 -3.22
CA ASN A 43 -4.36 -4.64 -4.53
C ASN A 43 -3.55 -3.36 -4.50
N LEU A 44 -3.67 -2.66 -3.39
CA LEU A 44 -2.95 -1.41 -3.15
C LEU A 44 -1.50 -1.76 -3.13
N LEU A 45 -1.23 -2.93 -2.56
CA LEU A 45 0.09 -3.50 -2.52
C LEU A 45 0.53 -3.74 -3.95
N ALA A 46 -0.42 -4.28 -4.71
CA ALA A 46 -0.22 -4.61 -6.11
C ALA A 46 0.11 -3.37 -6.89
N GLU A 47 -0.68 -2.36 -6.65
CA GLU A 47 -0.53 -1.08 -7.25
C GLU A 47 0.77 -0.47 -6.80
N ALA A 48 1.12 -0.80 -5.56
CA ALA A 48 2.34 -0.32 -4.97
C ALA A 48 3.53 -0.96 -5.67
N LYS A 49 3.42 -2.26 -5.91
CA LYS A 49 4.46 -3.00 -6.61
C LYS A 49 4.59 -2.39 -7.99
N LYS A 50 3.43 -2.02 -8.53
CA LYS A 50 3.36 -1.40 -9.84
C LYS A 50 4.01 -0.03 -9.82
N LEU A 51 3.76 0.72 -8.75
CA LEU A 51 4.35 2.05 -8.63
C LEU A 51 5.84 1.94 -8.36
N ASN A 52 6.22 0.99 -7.51
CA ASN A 52 7.62 0.77 -7.20
C ASN A 52 8.34 0.27 -8.45
N ASP A 53 7.68 -0.63 -9.17
CA ASP A 53 8.23 -1.17 -10.40
C ASP A 53 8.44 -0.03 -11.38
N ALA A 54 7.50 0.89 -11.36
CA ALA A 54 7.55 2.07 -12.21
C ALA A 54 8.70 2.98 -11.76
N GLN A 55 8.94 3.03 -10.45
CA GLN A 55 10.03 3.84 -9.91
C GLN A 55 11.34 3.05 -9.85
N ALA A 56 11.27 1.80 -10.31
CA ALA A 56 12.44 0.92 -10.33
C ALA A 56 13.39 1.30 -11.46
N PRO A 57 14.60 0.82 -11.39
CA PRO A 57 15.65 1.12 -12.41
C PRO A 57 15.42 0.34 -13.70
N LYS A 58 16.07 0.82 -14.77
CA LYS A 58 15.96 0.17 -16.09
C LYS A 58 17.08 -0.85 -16.27
N VAL A 1 -12.99 -4.53 18.63
CA VAL A 1 -11.67 -4.12 19.20
C VAL A 1 -10.88 -3.36 18.13
N ASP A 2 -9.63 -3.01 18.47
CA ASP A 2 -8.77 -2.28 17.54
C ASP A 2 -8.60 -3.07 16.24
N ASN A 3 -8.55 -4.39 16.37
CA ASN A 3 -8.42 -5.28 15.21
C ASN A 3 -9.78 -5.44 14.52
N LYS A 4 -9.84 -4.97 13.27
CA LYS A 4 -11.06 -5.04 12.49
C LYS A 4 -10.73 -4.83 11.00
N PHE A 5 -11.64 -4.21 10.25
CA PHE A 5 -11.41 -3.96 8.83
C PHE A 5 -10.22 -3.02 8.62
N ASN A 6 -9.93 -2.22 9.64
CA ASN A 6 -8.83 -1.27 9.58
C ASN A 6 -7.50 -1.94 9.96
N LYS A 7 -7.56 -3.19 10.43
CA LYS A 7 -6.32 -3.91 10.78
C LYS A 7 -5.47 -4.05 9.53
N GLU A 8 -6.15 -4.16 8.40
CA GLU A 8 -5.50 -4.27 7.09
C GLU A 8 -4.72 -3.01 6.76
N LEU A 9 -5.24 -1.88 7.26
CA LEU A 9 -4.62 -0.58 7.00
C LEU A 9 -3.21 -0.51 7.55
N GLY A 10 -3.01 -1.03 8.76
CA GLY A 10 -1.70 -1.01 9.36
C GLY A 10 -0.82 -1.99 8.63
N TRP A 11 -1.48 -3.03 8.13
CA TRP A 11 -0.81 -4.10 7.43
C TRP A 11 -0.34 -3.68 6.04
N ALA A 12 -1.25 -3.14 5.23
CA ALA A 12 -0.91 -2.75 3.88
C ALA A 12 0.03 -1.55 3.84
N THR A 13 -0.08 -0.67 4.82
CA THR A 13 0.77 0.52 4.84
C THR A 13 2.21 0.11 4.88
N TRP A 14 2.53 -0.82 5.77
CA TRP A 14 3.89 -1.31 5.89
C TRP A 14 4.28 -2.15 4.65
N GLU A 15 3.32 -2.95 4.11
CA GLU A 15 3.58 -3.77 2.92
C GLU A 15 4.01 -2.90 1.75
N ILE A 16 3.26 -1.85 1.54
CA ILE A 16 3.49 -0.90 0.47
C ILE A 16 4.73 -0.09 0.77
N PHE A 17 4.86 0.30 2.03
CA PHE A 17 6.03 1.06 2.48
C PHE A 17 7.32 0.23 2.37
N ASN A 18 7.17 -1.09 2.28
CA ASN A 18 8.33 -1.98 2.19
C ASN A 18 8.81 -2.07 0.75
N LEU A 19 8.40 -1.11 -0.07
CA LEU A 19 8.80 -1.08 -1.46
C LEU A 19 10.05 -0.25 -1.60
N PRO A 20 11.10 -0.80 -2.18
CA PRO A 20 12.37 -0.10 -2.30
C PRO A 20 12.39 1.04 -3.34
N ASN A 21 11.27 1.35 -4.01
CA ASN A 21 11.30 2.42 -5.01
C ASN A 21 10.21 3.46 -4.78
N LEU A 22 9.30 3.20 -3.83
CA LEU A 22 8.24 4.16 -3.56
C LEU A 22 8.74 5.42 -2.90
N ASN A 23 7.87 6.43 -2.95
CA ASN A 23 8.11 7.71 -2.31
C ASN A 23 6.89 8.00 -1.44
N GLY A 24 7.05 8.88 -0.46
CA GLY A 24 5.97 9.23 0.46
C GLY A 24 4.66 9.54 -0.27
N VAL A 25 4.77 10.03 -1.51
CA VAL A 25 3.57 10.37 -2.29
C VAL A 25 2.84 9.11 -2.76
N GLN A 26 3.58 8.16 -3.34
CA GLN A 26 3.01 6.92 -3.83
C GLN A 26 2.50 6.06 -2.71
N VAL A 27 3.32 5.88 -1.69
CA VAL A 27 2.93 5.04 -0.57
C VAL A 27 1.67 5.59 0.08
N LYS A 28 1.70 6.90 0.37
CA LYS A 28 0.54 7.56 0.97
C LYS A 28 -0.66 7.37 0.08
N ALA A 29 -0.44 7.38 -1.24
CA ALA A 29 -1.52 7.21 -2.20
C ALA A 29 -2.17 5.85 -2.05
N PHE A 30 -1.35 4.82 -1.82
CA PHE A 30 -1.85 3.49 -1.67
C PHE A 30 -2.52 3.37 -0.32
N ILE A 31 -1.91 3.96 0.67
CA ILE A 31 -2.49 3.98 2.00
C ILE A 31 -3.76 4.83 1.97
N ASP A 32 -3.76 5.87 1.14
CA ASP A 32 -4.95 6.71 0.98
C ASP A 32 -6.07 5.86 0.38
N SER A 33 -5.70 4.92 -0.49
CA SER A 33 -6.67 4.02 -1.10
C SER A 33 -7.10 2.92 -0.10
N LEU A 34 -6.20 2.62 0.85
CA LEU A 34 -6.44 1.59 1.88
C LEU A 34 -7.71 1.89 2.70
N ARG A 35 -7.79 3.12 3.21
CA ARG A 35 -8.93 3.55 4.02
C ARG A 35 -10.20 3.54 3.18
N ASP A 36 -10.02 3.87 1.91
CA ASP A 36 -11.13 3.87 0.96
C ASP A 36 -11.65 2.44 0.76
N ASP A 37 -10.74 1.49 0.95
CA ASP A 37 -11.07 0.07 0.82
C ASP A 37 -9.95 -0.80 1.39
N PRO A 38 -10.17 -1.35 2.56
CA PRO A 38 -9.17 -2.23 3.23
C PRO A 38 -9.01 -3.59 2.57
N SER A 39 -10.08 -4.05 1.90
CA SER A 39 -10.04 -5.33 1.21
C SER A 39 -9.09 -5.24 0.02
N GLN A 40 -8.96 -4.02 -0.50
CA GLN A 40 -8.10 -3.77 -1.65
C GLN A 40 -6.64 -3.71 -1.28
N SER A 41 -6.32 -3.72 0.02
CA SER A 41 -4.94 -3.61 0.46
C SER A 41 -3.97 -4.38 -0.43
N ALA A 42 -4.33 -5.60 -0.81
CA ALA A 42 -3.48 -6.40 -1.67
C ALA A 42 -3.34 -5.76 -3.05
N ASN A 43 -4.42 -5.15 -3.51
CA ASN A 43 -4.45 -4.47 -4.79
C ASN A 43 -3.63 -3.19 -4.71
N LEU A 44 -3.75 -2.52 -3.57
CA LEU A 44 -3.04 -1.29 -3.29
C LEU A 44 -1.59 -1.64 -3.23
N LEU A 45 -1.35 -2.82 -2.68
CA LEU A 45 -0.04 -3.40 -2.62
C LEU A 45 0.42 -3.62 -4.04
N ALA A 46 -0.51 -4.15 -4.83
CA ALA A 46 -0.28 -4.48 -6.23
C ALA A 46 0.07 -3.24 -7.00
N GLU A 47 -0.72 -2.21 -6.75
CA GLU A 47 -0.53 -0.94 -7.35
C GLU A 47 0.79 -0.37 -6.87
N ALA A 48 1.11 -0.72 -5.64
CA ALA A 48 2.35 -0.30 -5.03
C ALA A 48 3.51 -0.98 -5.72
N LYS A 49 3.35 -2.28 -5.95
CA LYS A 49 4.38 -3.05 -6.62
C LYS A 49 4.56 -2.47 -8.01
N LYS A 50 3.43 -2.04 -8.57
CA LYS A 50 3.40 -1.44 -9.88
C LYS A 50 4.09 -0.07 -9.86
N LEU A 51 3.83 0.69 -8.80
CA LEU A 51 4.46 2.00 -8.67
C LEU A 51 5.94 1.83 -8.38
N ASN A 52 6.25 0.87 -7.51
CA ASN A 52 7.62 0.55 -7.17
C ASN A 52 8.35 0.13 -8.43
N ASP A 53 7.68 -0.73 -9.20
CA ASP A 53 8.23 -1.21 -10.46
C ASP A 53 8.46 -0.02 -11.38
N ALA A 54 7.51 0.90 -11.35
CA ALA A 54 7.59 2.10 -12.15
C ALA A 54 8.78 2.94 -11.70
N GLN A 55 9.06 2.89 -10.39
CA GLN A 55 10.19 3.64 -9.83
C GLN A 55 11.44 2.76 -9.77
N ALA A 56 11.30 1.52 -10.23
CA ALA A 56 12.42 0.57 -10.25
C ALA A 56 13.21 0.72 -11.53
N PRO A 57 14.52 0.65 -11.44
CA PRO A 57 15.43 0.77 -12.60
C PRO A 57 15.05 -0.18 -13.74
N LYS A 58 15.24 0.30 -14.96
CA LYS A 58 14.95 -0.47 -16.17
C LYS A 58 15.92 -0.10 -17.29
N VAL A 1 -14.99 5.34 17.59
CA VAL A 1 -15.82 4.11 17.49
C VAL A 1 -14.91 2.87 17.52
N ASP A 2 -15.47 1.75 17.97
CA ASP A 2 -14.71 0.50 18.05
C ASP A 2 -14.39 -0.01 16.65
N ASN A 3 -13.17 -0.53 16.49
CA ASN A 3 -12.72 -1.06 15.19
C ASN A 3 -11.75 -2.23 15.39
N LYS A 4 -11.49 -2.95 14.29
CA LYS A 4 -10.57 -4.09 14.33
C LYS A 4 -10.00 -4.36 12.95
N PHE A 5 -10.76 -3.95 11.95
CA PHE A 5 -10.38 -4.12 10.55
C PHE A 5 -9.19 -3.23 10.20
N ASN A 6 -8.87 -2.30 11.09
CA ASN A 6 -7.75 -1.37 10.90
C ASN A 6 -6.43 -2.13 10.73
N LYS A 7 -6.37 -3.35 11.27
CA LYS A 7 -5.16 -4.18 11.19
C LYS A 7 -4.75 -4.37 9.73
N GLU A 8 -5.74 -4.62 8.89
CA GLU A 8 -5.52 -4.83 7.46
C GLU A 8 -4.98 -3.58 6.80
N LEU A 9 -5.40 -2.44 7.31
CA LEU A 9 -4.96 -1.15 6.78
C LEU A 9 -3.50 -0.91 7.16
N GLY A 10 -3.13 -1.35 8.37
CA GLY A 10 -1.77 -1.21 8.83
C GLY A 10 -0.92 -2.23 8.11
N TRP A 11 -1.57 -3.32 7.77
CA TRP A 11 -0.94 -4.40 7.07
C TRP A 11 -0.40 -3.96 5.73
N ALA A 12 -1.26 -3.38 4.92
CA ALA A 12 -0.83 -2.92 3.61
C ALA A 12 0.09 -1.71 3.70
N THR A 13 -0.14 -0.84 4.69
CA THR A 13 0.64 0.39 4.79
C THR A 13 2.12 0.09 4.91
N TRP A 14 2.50 -0.81 5.79
CA TRP A 14 3.90 -1.15 5.95
C TRP A 14 4.38 -1.96 4.71
N GLU A 15 3.52 -2.86 4.18
CA GLU A 15 3.89 -3.67 3.00
C GLU A 15 4.27 -2.77 1.82
N ILE A 16 3.43 -1.80 1.57
CA ILE A 16 3.63 -0.84 0.49
C ILE A 16 4.83 0.02 0.80
N PHE A 17 4.91 0.42 2.05
CA PHE A 17 6.03 1.24 2.52
C PHE A 17 7.36 0.49 2.41
N ASN A 18 7.30 -0.85 2.32
CA ASN A 18 8.51 -1.66 2.21
C ASN A 18 8.98 -1.77 0.78
N LEU A 19 8.47 -0.87 -0.07
CA LEU A 19 8.85 -0.88 -1.47
C LEU A 19 10.08 -0.01 -1.65
N PRO A 20 11.13 -0.56 -2.22
CA PRO A 20 12.39 0.18 -2.38
C PRO A 20 12.38 1.29 -3.43
N ASN A 21 11.24 1.57 -4.10
CA ASN A 21 11.26 2.61 -5.12
C ASN A 21 10.13 3.62 -4.92
N LEU A 22 9.24 3.38 -3.94
CA LEU A 22 8.14 4.29 -3.69
C LEU A 22 8.59 5.61 -3.10
N ASN A 23 7.66 6.56 -3.16
CA ASN A 23 7.83 7.87 -2.59
C ASN A 23 6.76 8.02 -1.52
N GLY A 24 7.02 8.83 -0.50
CA GLY A 24 6.03 9.03 0.55
C GLY A 24 4.68 9.40 -0.05
N VAL A 25 4.72 9.97 -1.26
CA VAL A 25 3.50 10.36 -1.97
C VAL A 25 2.77 9.14 -2.52
N GLN A 26 3.52 8.26 -3.21
CA GLN A 26 2.93 7.06 -3.80
C GLN A 26 2.46 6.11 -2.72
N VAL A 27 3.29 5.92 -1.70
CA VAL A 27 2.91 5.04 -0.61
C VAL A 27 1.63 5.56 0.01
N LYS A 28 1.65 6.85 0.35
CA LYS A 28 0.50 7.52 0.96
C LYS A 28 -0.71 7.34 0.07
N ALA A 29 -0.49 7.34 -1.24
CA ALA A 29 -1.57 7.15 -2.18
C ALA A 29 -2.18 5.77 -1.95
N PHE A 30 -1.31 4.78 -1.76
CA PHE A 30 -1.75 3.45 -1.50
C PHE A 30 -2.30 3.37 -0.09
N ILE A 31 -1.65 4.10 0.83
CA ILE A 31 -2.12 4.16 2.21
C ILE A 31 -3.50 4.82 2.21
N ASP A 32 -3.68 5.79 1.29
CA ASP A 32 -4.95 6.50 1.15
C ASP A 32 -6.00 5.55 0.58
N SER A 33 -5.57 4.75 -0.39
CA SER A 33 -6.45 3.78 -1.03
C SER A 33 -6.93 2.76 0.00
N LEU A 34 -6.07 2.47 0.98
CA LEU A 34 -6.41 1.53 2.05
C LEU A 34 -7.66 2.00 2.77
N ARG A 35 -7.65 3.28 3.12
CA ARG A 35 -8.77 3.91 3.81
C ARG A 35 -10.01 3.94 2.90
N ASP A 36 -9.75 4.24 1.63
CA ASP A 36 -10.81 4.31 0.63
C ASP A 36 -11.45 2.94 0.44
N ASP A 37 -10.61 1.92 0.55
CA ASP A 37 -11.06 0.54 0.42
C ASP A 37 -10.07 -0.40 1.12
N PRO A 38 -10.39 -0.81 2.32
CA PRO A 38 -9.53 -1.71 3.12
C PRO A 38 -9.61 -3.17 2.64
N SER A 39 -10.58 -3.46 1.79
CA SER A 39 -10.77 -4.82 1.27
C SER A 39 -9.77 -5.14 0.16
N GLN A 40 -9.12 -4.10 -0.38
CA GLN A 40 -8.16 -4.29 -1.47
C GLN A 40 -6.72 -3.98 -1.08
N SER A 41 -6.42 -3.96 0.22
CA SER A 41 -5.07 -3.67 0.71
C SER A 41 -3.99 -4.37 -0.12
N ALA A 42 -4.26 -5.61 -0.52
CA ALA A 42 -3.30 -6.38 -1.32
C ALA A 42 -3.20 -5.82 -2.74
N ASN A 43 -4.30 -5.25 -3.21
CA ASN A 43 -4.38 -4.67 -4.54
C ASN A 43 -3.57 -3.38 -4.55
N LEU A 44 -3.63 -2.69 -3.44
CA LEU A 44 -2.93 -1.45 -3.20
C LEU A 44 -1.47 -1.77 -3.18
N LEU A 45 -1.21 -2.94 -2.62
CA LEU A 45 0.12 -3.49 -2.59
C LEU A 45 0.54 -3.74 -4.02
N ALA A 46 -0.42 -4.27 -4.77
CA ALA A 46 -0.22 -4.61 -6.17
C ALA A 46 0.10 -3.35 -6.94
N GLU A 47 -0.69 -2.34 -6.68
CA GLU A 47 -0.54 -1.05 -7.27
C GLU A 47 0.78 -0.45 -6.81
N ALA A 48 1.12 -0.79 -5.58
CA ALA A 48 2.35 -0.32 -4.99
C ALA A 48 3.52 -0.96 -5.69
N LYS A 49 3.41 -2.27 -5.92
CA LYS A 49 4.44 -3.01 -6.61
C LYS A 49 4.58 -2.40 -7.99
N LYS A 50 3.42 -2.04 -8.54
CA LYS A 50 3.35 -1.41 -9.86
C LYS A 50 4.04 -0.06 -9.85
N LEU A 51 3.81 0.71 -8.79
CA LEU A 51 4.45 2.02 -8.68
C LEU A 51 5.93 1.84 -8.41
N ASN A 52 6.25 0.90 -7.53
CA ASN A 52 7.64 0.59 -7.22
C ASN A 52 8.35 0.08 -8.46
N ASP A 53 7.68 -0.81 -9.17
CA ASP A 53 8.22 -1.38 -10.41
C ASP A 53 8.44 -0.27 -11.42
N ALA A 54 7.49 0.65 -11.44
CA ALA A 54 7.57 1.80 -12.32
C ALA A 54 8.72 2.70 -11.88
N GLN A 55 8.96 2.73 -10.56
CA GLN A 55 10.05 3.54 -10.00
C GLN A 55 11.33 2.71 -9.89
N ALA A 56 11.25 1.46 -10.33
CA ALA A 56 12.41 0.55 -10.29
C ALA A 56 13.28 0.73 -11.52
N PRO A 57 14.47 0.19 -11.49
CA PRO A 57 15.44 0.30 -12.62
C PRO A 57 15.14 -0.69 -13.74
N LYS A 58 13.85 -0.94 -13.93
CA LYS A 58 13.38 -1.86 -14.96
C LYS A 58 13.45 -1.20 -16.34
N VAL A 1 -16.97 -5.76 19.30
CA VAL A 1 -18.13 -6.20 18.48
C VAL A 1 -17.63 -6.51 17.07
N ASP A 2 -17.33 -5.45 16.31
CA ASP A 2 -16.85 -5.60 14.94
C ASP A 2 -15.40 -6.08 14.92
N ASN A 3 -15.07 -6.89 13.91
CA ASN A 3 -13.71 -7.42 13.77
C ASN A 3 -12.76 -6.33 13.31
N LYS A 4 -11.46 -6.51 13.58
CA LYS A 4 -10.45 -5.53 13.18
C LYS A 4 -10.18 -5.61 11.68
N PHE A 5 -11.07 -4.97 10.90
CA PHE A 5 -10.94 -4.95 9.45
C PHE A 5 -9.80 -4.02 9.02
N ASN A 6 -9.42 -3.12 9.92
CA ASN A 6 -8.35 -2.17 9.62
C ASN A 6 -7.00 -2.87 9.73
N LYS A 7 -7.01 -4.13 10.18
CA LYS A 7 -5.77 -4.90 10.32
C LYS A 7 -5.09 -4.98 8.96
N GLU A 8 -5.89 -5.30 7.95
CA GLU A 8 -5.40 -5.38 6.58
C GLU A 8 -4.98 -4.02 6.06
N LEU A 9 -5.66 -3.00 6.55
CA LEU A 9 -5.37 -1.64 6.17
C LEU A 9 -4.06 -1.18 6.84
N GLY A 10 -3.80 -1.69 8.04
CA GLY A 10 -2.54 -1.40 8.72
C GLY A 10 -1.46 -2.27 8.06
N TRP A 11 -1.92 -3.43 7.61
CA TRP A 11 -1.08 -4.42 6.96
C TRP A 11 -0.44 -3.89 5.69
N ALA A 12 -1.26 -3.33 4.82
CA ALA A 12 -0.77 -2.82 3.55
C ALA A 12 0.12 -1.59 3.69
N THR A 13 -0.14 -0.76 4.69
CA THR A 13 0.63 0.48 4.81
C THR A 13 2.12 0.20 4.95
N TRP A 14 2.48 -0.69 5.84
CA TRP A 14 3.88 -1.04 6.01
C TRP A 14 4.37 -1.84 4.77
N GLU A 15 3.51 -2.75 4.23
CA GLU A 15 3.90 -3.57 3.05
C GLU A 15 4.29 -2.69 1.88
N ILE A 16 3.45 -1.71 1.61
CA ILE A 16 3.66 -0.77 0.52
C ILE A 16 4.86 0.09 0.82
N PHE A 17 4.97 0.46 2.08
CA PHE A 17 6.10 1.26 2.55
C PHE A 17 7.43 0.51 2.44
N ASN A 18 7.36 -0.82 2.33
CA ASN A 18 8.57 -1.64 2.22
C ASN A 18 9.05 -1.70 0.79
N LEU A 19 8.53 -0.81 -0.04
CA LEU A 19 8.92 -0.75 -1.43
C LEU A 19 10.12 0.13 -1.59
N PRO A 20 11.20 -0.39 -2.12
CA PRO A 20 12.44 0.40 -2.26
C PRO A 20 12.42 1.41 -3.41
N ASN A 21 11.27 1.59 -4.09
CA ASN A 21 11.24 2.52 -5.21
C ASN A 21 10.11 3.54 -5.05
N LEU A 22 9.31 3.42 -3.97
CA LEU A 22 8.22 4.36 -3.74
C LEU A 22 8.69 5.68 -3.15
N ASN A 23 7.75 6.62 -3.19
CA ASN A 23 7.92 7.93 -2.62
C ASN A 23 6.78 8.11 -1.61
N GLY A 24 7.03 8.89 -0.56
CA GLY A 24 6.01 9.12 0.46
C GLY A 24 4.65 9.44 -0.15
N VAL A 25 4.68 10.05 -1.34
CA VAL A 25 3.45 10.40 -2.06
C VAL A 25 2.73 9.15 -2.56
N GLN A 26 3.48 8.28 -3.25
CA GLN A 26 2.91 7.05 -3.80
C GLN A 26 2.43 6.13 -2.71
N VAL A 27 3.27 5.96 -1.69
CA VAL A 27 2.91 5.10 -0.58
C VAL A 27 1.64 5.64 0.06
N LYS A 28 1.65 6.94 0.34
CA LYS A 28 0.50 7.61 0.93
C LYS A 28 -0.71 7.40 0.03
N ALA A 29 -0.47 7.36 -1.28
CA ALA A 29 -1.52 7.17 -2.27
C ALA A 29 -2.15 5.78 -2.13
N PHE A 30 -1.30 4.78 -1.89
CA PHE A 30 -1.77 3.43 -1.75
C PHE A 30 -2.47 3.29 -0.42
N ILE A 31 -1.88 3.89 0.59
CA ILE A 31 -2.46 3.92 1.92
C ILE A 31 -3.72 4.76 1.90
N ASP A 32 -3.72 5.81 1.06
CA ASP A 32 -4.90 6.67 0.93
C ASP A 32 -6.06 5.81 0.46
N SER A 33 -5.73 4.83 -0.39
CA SER A 33 -6.73 3.90 -0.91
C SER A 33 -7.11 2.87 0.16
N LEU A 34 -6.17 2.58 1.07
CA LEU A 34 -6.41 1.60 2.14
C LEU A 34 -7.60 2.01 2.99
N ARG A 35 -7.56 3.25 3.47
CA ARG A 35 -8.62 3.78 4.31
C ARG A 35 -9.93 3.86 3.51
N ASP A 36 -9.81 4.20 2.23
CA ASP A 36 -10.96 4.28 1.34
C ASP A 36 -11.57 2.90 1.16
N ASP A 37 -10.71 1.89 1.11
CA ASP A 37 -11.13 0.52 0.97
C ASP A 37 -10.04 -0.43 1.49
N PRO A 38 -10.14 -0.80 2.73
CA PRO A 38 -9.18 -1.72 3.39
C PRO A 38 -9.19 -3.15 2.84
N SER A 39 -10.24 -3.50 2.11
CA SER A 39 -10.34 -4.83 1.52
C SER A 39 -9.42 -4.96 0.30
N GLN A 40 -8.96 -3.82 -0.20
CA GLN A 40 -8.09 -3.79 -1.38
C GLN A 40 -6.62 -3.72 -1.00
N SER A 41 -6.32 -3.77 0.29
CA SER A 41 -4.95 -3.65 0.77
C SER A 41 -3.93 -4.40 -0.10
N ALA A 42 -4.30 -5.59 -0.55
CA ALA A 42 -3.41 -6.38 -1.41
C ALA A 42 -3.27 -5.75 -2.80
N ASN A 43 -4.36 -5.13 -3.25
CA ASN A 43 -4.40 -4.47 -4.55
C ASN A 43 -3.57 -3.20 -4.50
N LEU A 44 -3.67 -2.52 -3.37
CA LEU A 44 -2.94 -1.29 -3.12
C LEU A 44 -1.49 -1.64 -3.11
N LEU A 45 -1.23 -2.82 -2.55
CA LEU A 45 0.09 -3.39 -2.55
C LEU A 45 0.51 -3.60 -3.98
N ALA A 46 -0.44 -4.15 -4.74
CA ALA A 46 -0.25 -4.48 -6.14
C ALA A 46 0.08 -3.23 -6.92
N GLU A 47 -0.71 -2.21 -6.65
CA GLU A 47 -0.54 -0.94 -7.25
C GLU A 47 0.79 -0.34 -6.81
N ALA A 48 1.14 -0.70 -5.58
CA ALA A 48 2.39 -0.24 -5.00
C ALA A 48 3.55 -0.90 -5.70
N LYS A 49 3.42 -2.22 -5.89
CA LYS A 49 4.44 -2.99 -6.57
C LYS A 49 4.57 -2.44 -7.97
N LYS A 50 3.42 -2.05 -8.51
CA LYS A 50 3.36 -1.48 -9.85
C LYS A 50 4.09 -0.15 -9.88
N LEU A 51 3.90 0.64 -8.83
CA LEU A 51 4.57 1.94 -8.74
C LEU A 51 6.06 1.73 -8.52
N ASN A 52 6.38 0.83 -7.58
CA ASN A 52 7.76 0.52 -7.27
C ASN A 52 8.46 -0.13 -8.45
N ASP A 53 7.78 -1.07 -9.11
CA ASP A 53 8.35 -1.76 -10.27
C ASP A 53 8.66 -0.76 -11.34
N ALA A 54 7.72 0.16 -11.53
CA ALA A 54 7.88 1.22 -12.51
C ALA A 54 9.02 2.13 -12.08
N GLN A 55 9.20 2.26 -10.77
CA GLN A 55 10.26 3.09 -10.21
C GLN A 55 11.54 2.28 -10.05
N ALA A 56 11.46 0.98 -10.33
CA ALA A 56 12.61 0.09 -10.23
C ALA A 56 13.38 0.06 -11.55
N PRO A 57 14.69 -0.02 -11.48
CA PRO A 57 15.55 -0.06 -12.69
C PRO A 57 15.11 -1.15 -13.66
N LYS A 58 15.39 -0.91 -14.95
CA LYS A 58 15.03 -1.86 -16.00
C LYS A 58 16.11 -1.89 -17.08
N VAL A 1 -10.24 -8.81 5.33
CA VAL A 1 -9.35 -10.00 5.52
C VAL A 1 -9.16 -10.23 7.03
N ASP A 2 -8.54 -9.23 7.67
CA ASP A 2 -8.28 -9.31 9.12
C ASP A 2 -9.58 -9.24 9.91
N ASN A 3 -9.54 -9.74 11.16
CA ASN A 3 -10.72 -9.73 12.03
C ASN A 3 -11.28 -8.32 12.13
N LYS A 4 -10.38 -7.35 12.05
CA LYS A 4 -10.74 -5.94 12.06
C LYS A 4 -10.23 -5.31 10.78
N PHE A 5 -11.11 -4.61 10.07
CA PHE A 5 -10.74 -3.99 8.80
C PHE A 5 -9.58 -3.01 8.97
N ASN A 6 -9.50 -2.40 10.15
CA ASN A 6 -8.45 -1.44 10.45
C ASN A 6 -7.07 -2.08 10.34
N LYS A 7 -6.94 -3.33 10.78
CA LYS A 7 -5.66 -4.04 10.73
C LYS A 7 -5.16 -4.12 9.31
N GLU A 8 -6.10 -4.26 8.37
CA GLU A 8 -5.75 -4.35 6.95
C GLU A 8 -5.02 -3.09 6.50
N LEU A 9 -5.39 -1.96 7.11
CA LEU A 9 -4.76 -0.69 6.76
C LEU A 9 -3.34 -0.63 7.30
N GLY A 10 -3.11 -1.24 8.47
CA GLY A 10 -1.78 -1.27 9.04
C GLY A 10 -0.98 -2.29 8.28
N TRP A 11 -1.71 -3.28 7.78
CA TRP A 11 -1.13 -4.36 7.03
C TRP A 11 -0.55 -3.89 5.71
N ALA A 12 -1.34 -3.21 4.91
CA ALA A 12 -0.86 -2.74 3.62
C ALA A 12 0.14 -1.60 3.73
N THR A 13 -0.04 -0.75 4.74
CA THR A 13 0.82 0.42 4.86
C THR A 13 2.27 0.04 4.96
N TRP A 14 2.58 -0.90 5.83
CA TRP A 14 3.96 -1.35 5.96
C TRP A 14 4.38 -2.13 4.69
N GLU A 15 3.47 -2.96 4.14
CA GLU A 15 3.78 -3.76 2.96
C GLU A 15 4.18 -2.87 1.78
N ILE A 16 3.38 -1.85 1.56
CA ILE A 16 3.60 -0.88 0.50
C ILE A 16 4.83 -0.05 0.81
N PHE A 17 4.96 0.31 2.08
CA PHE A 17 6.12 1.08 2.53
C PHE A 17 7.41 0.29 2.39
N ASN A 18 7.31 -1.04 2.29
CA ASN A 18 8.49 -1.90 2.15
C ASN A 18 8.96 -1.95 0.71
N LEU A 19 8.47 -1.02 -0.10
CA LEU A 19 8.86 -0.96 -1.49
C LEU A 19 10.08 -0.10 -1.63
N PRO A 20 11.14 -0.64 -2.20
CA PRO A 20 12.40 0.11 -2.33
C PRO A 20 12.40 1.22 -3.39
N ASN A 21 11.27 1.50 -4.07
CA ASN A 21 11.28 2.53 -5.08
C ASN A 21 10.15 3.55 -4.89
N LEU A 22 9.30 3.33 -3.87
CA LEU A 22 8.21 4.27 -3.61
C LEU A 22 8.69 5.58 -3.01
N ASN A 23 7.75 6.52 -3.02
CA ASN A 23 7.93 7.84 -2.45
C ASN A 23 6.77 8.08 -1.48
N GLY A 24 7.00 8.90 -0.47
CA GLY A 24 5.96 9.18 0.54
C GLY A 24 4.62 9.52 -0.12
N VAL A 25 4.67 10.03 -1.35
CA VAL A 25 3.45 10.40 -2.08
C VAL A 25 2.72 9.14 -2.57
N GLN A 26 3.47 8.24 -3.21
CA GLN A 26 2.90 7.01 -3.75
C GLN A 26 2.43 6.09 -2.64
N VAL A 27 3.28 5.93 -1.63
CA VAL A 27 2.92 5.06 -0.51
C VAL A 27 1.65 5.59 0.14
N LYS A 28 1.65 6.89 0.44
CA LYS A 28 0.49 7.54 1.03
C LYS A 28 -0.71 7.34 0.13
N ALA A 29 -0.48 7.34 -1.18
CA ALA A 29 -1.54 7.17 -2.16
C ALA A 29 -2.16 5.77 -2.05
N PHE A 30 -1.31 4.76 -1.82
CA PHE A 30 -1.78 3.42 -1.70
C PHE A 30 -2.49 3.25 -0.39
N ILE A 31 -1.89 3.83 0.64
CA ILE A 31 -2.46 3.83 1.97
C ILE A 31 -3.73 4.70 1.98
N ASP A 32 -3.72 5.75 1.15
CA ASP A 32 -4.91 6.61 1.05
C ASP A 32 -6.07 5.76 0.54
N SER A 33 -5.76 4.88 -0.41
CA SER A 33 -6.76 3.97 -0.98
C SER A 33 -7.18 2.92 0.05
N LEU A 34 -6.27 2.63 0.99
CA LEU A 34 -6.55 1.65 2.05
C LEU A 34 -7.79 2.06 2.83
N ARG A 35 -7.86 3.35 3.11
CA ARG A 35 -8.99 3.94 3.84
C ARG A 35 -10.28 3.76 3.02
N ASP A 36 -10.16 3.99 1.72
CA ASP A 36 -11.28 3.87 0.81
C ASP A 36 -11.74 2.42 0.69
N ASP A 37 -10.82 1.50 0.96
CA ASP A 37 -11.10 0.08 0.89
C ASP A 37 -10.00 -0.71 1.58
N PRO A 38 -10.31 -1.32 2.70
CA PRO A 38 -9.34 -2.13 3.47
C PRO A 38 -9.06 -3.49 2.82
N SER A 39 -10.06 -4.01 2.11
CA SER A 39 -9.91 -5.30 1.43
C SER A 39 -8.97 -5.18 0.24
N GLN A 40 -8.89 -3.95 -0.31
CA GLN A 40 -8.04 -3.68 -1.47
C GLN A 40 -6.58 -3.63 -1.10
N SER A 41 -6.26 -3.66 0.19
CA SER A 41 -4.87 -3.55 0.63
C SER A 41 -3.91 -4.33 -0.25
N ALA A 42 -4.29 -5.53 -0.68
CA ALA A 42 -3.44 -6.32 -1.55
C ALA A 42 -3.31 -5.68 -2.93
N ASN A 43 -4.39 -5.05 -3.38
CA ASN A 43 -4.42 -4.38 -4.66
C ASN A 43 -3.60 -3.10 -4.60
N LEU A 44 -3.70 -2.44 -3.46
CA LEU A 44 -2.97 -1.22 -3.17
C LEU A 44 -1.51 -1.58 -3.16
N LEU A 45 -1.28 -2.76 -2.63
CA LEU A 45 0.04 -3.36 -2.62
C LEU A 45 0.47 -3.55 -4.06
N ALA A 46 -0.49 -4.08 -4.82
CA ALA A 46 -0.29 -4.38 -6.24
C ALA A 46 0.06 -3.12 -7.00
N GLU A 47 -0.73 -2.10 -6.71
CA GLU A 47 -0.55 -0.81 -7.30
C GLU A 47 0.78 -0.24 -6.84
N ALA A 48 1.12 -0.61 -5.62
CA ALA A 48 2.37 -0.19 -5.03
C ALA A 48 3.52 -0.88 -5.73
N LYS A 49 3.35 -2.19 -5.94
CA LYS A 49 4.36 -2.97 -6.64
C LYS A 49 4.52 -2.39 -8.03
N LYS A 50 3.38 -1.95 -8.56
CA LYS A 50 3.35 -1.34 -9.88
C LYS A 50 4.09 -0.02 -9.88
N LEU A 51 3.91 0.75 -8.80
CA LEU A 51 4.60 2.03 -8.68
C LEU A 51 6.08 1.77 -8.47
N ASN A 52 6.36 0.84 -7.56
CA ASN A 52 7.73 0.46 -7.24
C ASN A 52 8.43 -0.11 -8.47
N ASP A 53 7.74 -1.00 -9.18
CA ASP A 53 8.28 -1.63 -10.38
C ASP A 53 8.62 -0.57 -11.41
N ALA A 54 7.70 0.37 -11.54
CA ALA A 54 7.87 1.48 -12.46
C ALA A 54 9.02 2.36 -12.00
N GLN A 55 9.18 2.43 -10.67
CA GLN A 55 10.25 3.22 -10.07
C GLN A 55 11.52 2.40 -9.89
N ALA A 56 11.44 1.11 -10.23
CA ALA A 56 12.59 0.21 -10.12
C ALA A 56 13.52 0.41 -11.31
N PRO A 57 14.81 0.31 -11.08
CA PRO A 57 15.83 0.48 -12.14
C PRO A 57 15.54 -0.42 -13.35
N LYS A 58 15.99 0.06 -14.52
CA LYS A 58 15.78 -0.67 -15.77
C LYS A 58 17.00 -0.51 -16.69
N VAL A 1 -15.09 -0.72 17.93
CA VAL A 1 -15.46 -1.85 17.05
C VAL A 1 -15.01 -3.16 17.70
N ASP A 2 -15.80 -4.22 17.53
CA ASP A 2 -15.49 -5.54 18.09
C ASP A 2 -14.19 -6.09 17.50
N ASN A 3 -14.02 -5.89 16.19
CA ASN A 3 -12.83 -6.36 15.47
C ASN A 3 -12.01 -5.18 14.98
N LYS A 4 -10.73 -5.17 15.33
CA LYS A 4 -9.83 -4.10 14.91
C LYS A 4 -9.50 -4.22 13.42
N PHE A 5 -10.45 -3.76 12.59
CA PHE A 5 -10.29 -3.80 11.14
C PHE A 5 -9.10 -2.94 10.72
N ASN A 6 -8.76 -1.99 11.58
CA ASN A 6 -7.65 -1.07 11.33
C ASN A 6 -6.34 -1.84 11.15
N LYS A 7 -6.26 -3.03 11.75
CA LYS A 7 -5.07 -3.87 11.65
C LYS A 7 -4.73 -4.15 10.19
N GLU A 8 -5.76 -4.36 9.38
CA GLU A 8 -5.58 -4.63 7.95
C GLU A 8 -5.00 -3.41 7.26
N LEU A 9 -5.36 -2.23 7.74
CA LEU A 9 -4.86 -1.00 7.17
C LEU A 9 -3.39 -0.80 7.53
N GLY A 10 -2.98 -1.31 8.69
CA GLY A 10 -1.60 -1.22 9.11
C GLY A 10 -0.80 -2.21 8.30
N TRP A 11 -1.49 -3.27 7.92
CA TRP A 11 -0.92 -4.35 7.14
C TRP A 11 -0.40 -3.86 5.79
N ALA A 12 -1.25 -3.22 5.03
CA ALA A 12 -0.85 -2.73 3.72
C ALA A 12 0.12 -1.56 3.79
N THR A 13 -0.02 -0.73 4.80
CA THR A 13 0.81 0.46 4.89
C THR A 13 2.27 0.10 4.96
N TRP A 14 2.63 -0.84 5.83
CA TRP A 14 4.01 -1.25 5.95
C TRP A 14 4.40 -2.06 4.68
N GLU A 15 3.49 -2.92 4.16
CA GLU A 15 3.79 -3.73 2.96
C GLU A 15 4.17 -2.85 1.78
N ILE A 16 3.37 -1.83 1.56
CA ILE A 16 3.56 -0.88 0.48
C ILE A 16 4.79 -0.05 0.78
N PHE A 17 4.92 0.35 2.03
CA PHE A 17 6.08 1.13 2.47
C PHE A 17 7.38 0.33 2.36
N ASN A 18 7.26 -1.00 2.27
CA ASN A 18 8.44 -1.86 2.17
C ASN A 18 8.91 -1.96 0.73
N LEU A 19 8.47 -1.01 -0.10
CA LEU A 19 8.85 -0.99 -1.49
C LEU A 19 10.11 -0.15 -1.66
N PRO A 20 11.13 -0.71 -2.25
CA PRO A 20 12.40 0.01 -2.40
C PRO A 20 12.41 1.16 -3.41
N ASN A 21 11.28 1.48 -4.07
CA ASN A 21 11.30 2.55 -5.05
C ASN A 21 10.18 3.56 -4.82
N LEU A 22 9.29 3.29 -3.87
CA LEU A 22 8.18 4.20 -3.60
C LEU A 22 8.63 5.50 -2.98
N ASN A 23 7.73 6.48 -3.10
CA ASN A 23 7.91 7.79 -2.52
C ASN A 23 6.77 7.96 -1.50
N GLY A 24 7.02 8.73 -0.44
CA GLY A 24 6.01 8.95 0.60
C GLY A 24 4.66 9.32 -0.02
N VAL A 25 4.71 9.92 -1.21
CA VAL A 25 3.49 10.31 -1.92
C VAL A 25 2.75 9.08 -2.47
N GLN A 26 3.49 8.21 -3.16
CA GLN A 26 2.90 7.01 -3.75
C GLN A 26 2.43 6.05 -2.68
N VAL A 27 3.26 5.87 -1.65
CA VAL A 27 2.90 4.97 -0.57
C VAL A 27 1.62 5.47 0.08
N LYS A 28 1.61 6.76 0.41
CA LYS A 28 0.46 7.38 1.02
C LYS A 28 -0.75 7.19 0.12
N ALA A 29 -0.51 7.23 -1.19
CA ALA A 29 -1.58 7.06 -2.18
C ALA A 29 -2.20 5.68 -2.07
N PHE A 30 -1.35 4.67 -1.85
CA PHE A 30 -1.82 3.32 -1.73
C PHE A 30 -2.53 3.16 -0.40
N ILE A 31 -1.95 3.76 0.62
CA ILE A 31 -2.55 3.76 1.93
C ILE A 31 -3.83 4.60 1.91
N ASP A 32 -3.83 5.64 1.08
CA ASP A 32 -5.03 6.49 0.94
C ASP A 32 -6.17 5.63 0.41
N SER A 33 -5.82 4.76 -0.55
CA SER A 33 -6.79 3.83 -1.14
C SER A 33 -7.32 2.88 -0.07
N LEU A 34 -6.46 2.54 0.88
CA LEU A 34 -6.81 1.64 1.97
C LEU A 34 -8.02 2.16 2.72
N ARG A 35 -7.98 3.45 3.03
CA ARG A 35 -9.08 4.11 3.76
C ARG A 35 -10.36 4.00 2.96
N ASP A 36 -10.23 4.20 1.66
CA ASP A 36 -11.36 4.12 0.74
C ASP A 36 -11.89 2.69 0.69
N ASP A 37 -10.96 1.75 0.79
CA ASP A 37 -11.27 0.33 0.78
C ASP A 37 -10.05 -0.47 1.21
N PRO A 38 -10.02 -0.89 2.46
CA PRO A 38 -8.88 -1.65 3.02
C PRO A 38 -8.80 -3.09 2.51
N SER A 39 -9.93 -3.60 2.01
CA SER A 39 -9.96 -4.95 1.46
C SER A 39 -9.08 -5.03 0.24
N GLN A 40 -8.86 -3.87 -0.39
CA GLN A 40 -8.05 -3.77 -1.58
C GLN A 40 -6.58 -3.67 -1.25
N SER A 41 -6.23 -3.65 0.04
CA SER A 41 -4.83 -3.50 0.46
C SER A 41 -3.87 -4.29 -0.41
N ALA A 42 -4.24 -5.51 -0.78
CA ALA A 42 -3.38 -6.32 -1.62
C ALA A 42 -3.25 -5.72 -3.02
N ASN A 43 -4.35 -5.12 -3.48
CA ASN A 43 -4.39 -4.46 -4.77
C ASN A 43 -3.57 -3.18 -4.72
N LEU A 44 -3.68 -2.52 -3.58
CA LEU A 44 -2.96 -1.28 -3.31
C LEU A 44 -1.51 -1.63 -3.26
N LEU A 45 -1.27 -2.81 -2.70
CA LEU A 45 0.05 -3.39 -2.66
C LEU A 45 0.51 -3.63 -4.08
N ALA A 46 -0.44 -4.16 -4.86
CA ALA A 46 -0.22 -4.50 -6.26
C ALA A 46 0.13 -3.25 -7.02
N GLU A 47 -0.67 -2.24 -6.77
CA GLU A 47 -0.49 -0.95 -7.36
C GLU A 47 0.82 -0.36 -6.87
N ALA A 48 1.16 -0.73 -5.65
CA ALA A 48 2.39 -0.29 -5.04
C ALA A 48 3.55 -0.96 -5.73
N LYS A 49 3.41 -2.27 -5.95
CA LYS A 49 4.45 -3.03 -6.64
C LYS A 49 4.59 -2.44 -8.02
N LYS A 50 3.44 -2.03 -8.55
CA LYS A 50 3.35 -1.43 -9.87
C LYS A 50 4.08 -0.09 -9.88
N LEU A 51 3.86 0.70 -8.84
CA LEU A 51 4.51 1.99 -8.73
C LEU A 51 5.99 1.81 -8.45
N ASN A 52 6.29 0.88 -7.54
CA ASN A 52 7.68 0.57 -7.21
C ASN A 52 8.41 0.08 -8.45
N ASP A 53 7.74 -0.81 -9.19
CA ASP A 53 8.31 -1.36 -10.41
C ASP A 53 8.56 -0.23 -11.40
N ALA A 54 7.62 0.69 -11.44
CA ALA A 54 7.70 1.84 -12.30
C ALA A 54 8.82 2.76 -11.81
N GLN A 55 9.02 2.81 -10.49
CA GLN A 55 10.07 3.63 -9.91
C GLN A 55 11.38 2.85 -9.79
N ALA A 56 11.34 1.59 -10.19
CA ALA A 56 12.52 0.72 -10.16
C ALA A 56 13.42 1.02 -11.34
N PRO A 57 14.71 0.94 -11.13
CA PRO A 57 15.72 1.21 -12.19
C PRO A 57 15.44 0.39 -13.45
N LYS A 58 15.83 0.95 -14.59
CA LYS A 58 15.64 0.30 -15.89
C LYS A 58 16.81 0.59 -16.82
N VAL A 1 -15.36 -9.27 16.95
CA VAL A 1 -15.70 -7.86 17.31
C VAL A 1 -14.44 -7.14 17.79
N ASP A 2 -13.62 -7.86 18.56
CA ASP A 2 -12.37 -7.30 19.09
C ASP A 2 -11.43 -6.91 17.95
N ASN A 3 -11.49 -7.69 16.87
CA ASN A 3 -10.67 -7.44 15.69
C ASN A 3 -11.44 -6.63 14.66
N LYS A 4 -10.73 -5.72 13.99
CA LYS A 4 -11.35 -4.85 12.98
C LYS A 4 -10.51 -4.83 11.70
N PHE A 5 -11.14 -4.41 10.60
CA PHE A 5 -10.47 -4.32 9.31
C PHE A 5 -9.36 -3.27 9.33
N ASN A 6 -9.36 -2.44 10.37
CA ASN A 6 -8.36 -1.38 10.50
C ASN A 6 -6.95 -1.97 10.45
N LYS A 7 -6.81 -3.19 10.97
CA LYS A 7 -5.52 -3.88 10.99
C LYS A 7 -4.98 -4.02 9.58
N GLU A 8 -5.89 -4.21 8.63
CA GLU A 8 -5.53 -4.38 7.23
C GLU A 8 -4.82 -3.13 6.70
N LEU A 9 -5.25 -1.98 7.21
CA LEU A 9 -4.67 -0.71 6.78
C LEU A 9 -3.25 -0.54 7.29
N GLY A 10 -2.99 -1.02 8.51
CA GLY A 10 -1.65 -0.92 9.06
C GLY A 10 -0.78 -1.91 8.36
N TRP A 11 -1.40 -3.03 8.02
CA TRP A 11 -0.74 -4.12 7.34
C TRP A 11 -0.29 -3.72 5.95
N ALA A 12 -1.21 -3.19 5.16
CA ALA A 12 -0.89 -2.79 3.80
C ALA A 12 0.02 -1.58 3.77
N THR A 13 -0.11 -0.70 4.76
CA THR A 13 0.70 0.50 4.78
C THR A 13 2.16 0.14 4.81
N TRP A 14 2.51 -0.78 5.71
CA TRP A 14 3.88 -1.23 5.83
C TRP A 14 4.29 -2.05 4.59
N GLU A 15 3.36 -2.87 4.06
CA GLU A 15 3.64 -3.69 2.86
C GLU A 15 4.06 -2.81 1.68
N ILE A 16 3.27 -1.79 1.47
CA ILE A 16 3.48 -0.82 0.40
C ILE A 16 4.71 0.01 0.71
N PHE A 17 4.82 0.41 1.95
CA PHE A 17 5.97 1.19 2.41
C PHE A 17 7.26 0.36 2.35
N ASN A 18 7.12 -0.96 2.29
CA ASN A 18 8.29 -1.84 2.24
C ASN A 18 8.78 -2.00 0.80
N LEU A 19 8.38 -1.05 -0.05
CA LEU A 19 8.78 -1.09 -1.43
C LEU A 19 10.08 -0.31 -1.61
N PRO A 20 11.06 -0.90 -2.25
CA PRO A 20 12.37 -0.26 -2.41
C PRO A 20 12.41 0.95 -3.35
N ASN A 21 11.28 1.34 -3.99
CA ASN A 21 11.35 2.47 -4.92
C ASN A 21 10.23 3.49 -4.67
N LEU A 22 9.33 3.22 -3.74
CA LEU A 22 8.25 4.17 -3.45
C LEU A 22 8.74 5.39 -2.70
N ASN A 23 7.93 6.43 -2.77
CA ASN A 23 8.17 7.66 -2.03
C ASN A 23 6.91 7.97 -1.23
N GLY A 24 7.05 8.83 -0.23
CA GLY A 24 5.93 9.19 0.64
C GLY A 24 4.66 9.54 -0.14
N VAL A 25 4.79 10.03 -1.37
CA VAL A 25 3.63 10.39 -2.18
C VAL A 25 2.90 9.14 -2.69
N GLN A 26 3.65 8.21 -3.28
CA GLN A 26 3.06 6.99 -3.83
C GLN A 26 2.51 6.11 -2.74
N VAL A 27 3.30 5.89 -1.70
CA VAL A 27 2.87 5.04 -0.61
C VAL A 27 1.59 5.59 0.00
N LYS A 28 1.63 6.87 0.34
CA LYS A 28 0.49 7.56 0.91
C LYS A 28 -0.72 7.41 0.02
N ALA A 29 -0.49 7.41 -1.29
CA ALA A 29 -1.56 7.23 -2.25
C ALA A 29 -2.18 5.86 -2.05
N PHE A 30 -1.33 4.86 -1.84
CA PHE A 30 -1.80 3.53 -1.61
C PHE A 30 -2.38 3.46 -0.20
N ILE A 31 -1.73 4.18 0.73
CA ILE A 31 -2.23 4.25 2.10
C ILE A 31 -3.61 4.93 2.06
N ASP A 32 -3.76 5.88 1.13
CA ASP A 32 -5.04 6.60 0.98
C ASP A 32 -6.11 5.64 0.48
N SER A 33 -5.73 4.82 -0.51
CA SER A 33 -6.64 3.84 -1.09
C SER A 33 -7.07 2.81 -0.03
N LEU A 34 -6.16 2.55 0.92
CA LEU A 34 -6.42 1.59 1.99
C LEU A 34 -7.68 1.99 2.76
N ARG A 35 -7.75 3.28 3.08
CA ARG A 35 -8.89 3.82 3.82
C ARG A 35 -10.17 3.68 3.00
N ASP A 36 -10.03 3.89 1.69
CA ASP A 36 -11.15 3.78 0.77
C ASP A 36 -11.65 2.35 0.68
N ASP A 37 -10.75 1.41 0.96
CA ASP A 37 -11.08 0.00 0.92
C ASP A 37 -9.95 -0.82 1.56
N PRO A 38 -10.24 -1.46 2.66
CA PRO A 38 -9.24 -2.29 3.40
C PRO A 38 -8.99 -3.63 2.71
N SER A 39 -10.02 -4.16 2.05
CA SER A 39 -9.90 -5.44 1.34
C SER A 39 -8.99 -5.28 0.14
N GLN A 40 -8.93 -4.06 -0.38
CA GLN A 40 -8.11 -3.76 -1.55
C GLN A 40 -6.64 -3.70 -1.21
N SER A 41 -6.30 -3.72 0.07
CA SER A 41 -4.91 -3.61 0.49
C SER A 41 -3.96 -4.38 -0.42
N ALA A 42 -4.33 -5.59 -0.80
CA ALA A 42 -3.49 -6.38 -1.68
C ALA A 42 -3.38 -5.74 -3.06
N ASN A 43 -4.47 -5.12 -3.49
CA ASN A 43 -4.52 -4.44 -4.77
C ASN A 43 -3.70 -3.16 -4.71
N LEU A 44 -3.80 -2.50 -3.56
CA LEU A 44 -3.07 -1.27 -3.29
C LEU A 44 -1.62 -1.63 -3.28
N LEU A 45 -1.39 -2.81 -2.73
CA LEU A 45 -0.07 -3.40 -2.71
C LEU A 45 0.34 -3.63 -4.15
N ALA A 46 -0.60 -4.17 -4.90
CA ALA A 46 -0.40 -4.49 -6.30
C ALA A 46 -0.02 -3.24 -7.05
N GLU A 47 -0.79 -2.22 -6.78
CA GLU A 47 -0.58 -0.93 -7.36
C GLU A 47 0.74 -0.36 -6.88
N ALA A 48 1.06 -0.70 -5.64
CA ALA A 48 2.28 -0.25 -5.01
C ALA A 48 3.47 -0.88 -5.69
N LYS A 49 3.35 -2.18 -5.92
CA LYS A 49 4.39 -2.95 -6.58
C LYS A 49 4.52 -2.42 -7.99
N LYS A 50 3.37 -2.07 -8.54
CA LYS A 50 3.33 -1.49 -9.88
C LYS A 50 4.03 -0.15 -9.89
N LEU A 51 3.79 0.64 -8.84
CA LEU A 51 4.43 1.94 -8.72
C LEU A 51 5.92 1.77 -8.44
N ASN A 52 6.23 0.86 -7.53
CA ASN A 52 7.61 0.56 -7.18
C ASN A 52 8.34 0.07 -8.42
N ASP A 53 7.67 -0.80 -9.19
CA ASP A 53 8.24 -1.34 -10.41
C ASP A 53 8.54 -0.20 -11.37
N ALA A 54 7.62 0.76 -11.38
CA ALA A 54 7.76 1.94 -12.20
C ALA A 54 8.93 2.79 -11.72
N GLN A 55 9.13 2.79 -10.39
CA GLN A 55 10.21 3.54 -9.79
C GLN A 55 11.48 2.67 -9.67
N ALA A 56 11.36 1.41 -10.07
CA ALA A 56 12.48 0.48 -10.03
C ALA A 56 13.20 0.44 -11.37
N PRO A 57 14.51 0.33 -11.32
CA PRO A 57 15.36 0.28 -12.55
C PRO A 57 14.88 -0.78 -13.53
N LYS A 58 15.21 -0.57 -14.80
CA LYS A 58 14.83 -1.51 -15.88
C LYS A 58 15.99 -1.64 -16.89
N VAL A 1 -7.02 -8.32 11.88
CA VAL A 1 -6.78 -9.56 12.67
C VAL A 1 -7.69 -9.55 13.89
N ASP A 2 -7.60 -8.48 14.68
CA ASP A 2 -8.43 -8.32 15.88
C ASP A 2 -9.81 -7.82 15.50
N ASN A 3 -10.61 -7.46 16.51
CA ASN A 3 -11.97 -6.96 16.29
C ASN A 3 -11.94 -5.77 15.32
N LYS A 4 -10.84 -5.04 15.35
CA LYS A 4 -10.66 -3.86 14.48
C LYS A 4 -10.02 -4.28 13.16
N PHE A 5 -10.67 -3.92 12.06
CA PHE A 5 -10.18 -4.22 10.72
C PHE A 5 -9.03 -3.27 10.35
N ASN A 6 -8.85 -2.23 11.15
CA ASN A 6 -7.82 -1.23 10.94
C ASN A 6 -6.43 -1.84 10.80
N LYS A 7 -6.21 -2.97 11.48
CA LYS A 7 -4.92 -3.65 11.43
C LYS A 7 -4.52 -4.00 10.00
N GLU A 8 -5.51 -4.32 9.20
CA GLU A 8 -5.30 -4.67 7.79
C GLU A 8 -4.80 -3.48 7.00
N LEU A 9 -5.26 -2.31 7.39
CA LEU A 9 -4.87 -1.08 6.72
C LEU A 9 -3.42 -0.76 7.06
N GLY A 10 -3.01 -1.08 8.28
CA GLY A 10 -1.65 -0.86 8.71
C GLY A 10 -0.78 -1.91 8.07
N TRP A 11 -1.40 -3.06 7.84
CA TRP A 11 -0.74 -4.18 7.23
C TRP A 11 -0.25 -3.83 5.84
N ALA A 12 -1.15 -3.32 5.01
CA ALA A 12 -0.78 -2.93 3.67
C ALA A 12 0.12 -1.70 3.69
N THR A 13 -0.07 -0.83 4.68
CA THR A 13 0.72 0.39 4.74
C THR A 13 2.18 0.05 4.83
N TRP A 14 2.51 -0.87 5.73
CA TRP A 14 3.88 -1.30 5.89
C TRP A 14 4.34 -2.11 4.66
N GLU A 15 3.44 -2.95 4.10
CA GLU A 15 3.77 -3.75 2.91
C GLU A 15 4.20 -2.87 1.75
N ILE A 16 3.39 -1.85 1.52
CA ILE A 16 3.61 -0.88 0.47
C ILE A 16 4.83 -0.03 0.80
N PHE A 17 4.91 0.36 2.06
CA PHE A 17 6.05 1.14 2.54
C PHE A 17 7.37 0.36 2.43
N ASN A 18 7.26 -0.97 2.36
CA ASN A 18 8.45 -1.81 2.26
C ASN A 18 8.93 -1.91 0.82
N LEU A 19 8.44 -1.00 -0.02
CA LEU A 19 8.83 -0.97 -1.42
C LEU A 19 10.06 -0.11 -1.57
N PRO A 20 11.11 -0.66 -2.13
CA PRO A 20 12.37 0.09 -2.28
C PRO A 20 12.38 1.20 -3.33
N ASN A 21 11.24 1.49 -4.00
CA ASN A 21 11.25 2.52 -5.02
C ASN A 21 10.16 3.56 -4.79
N LEU A 22 9.25 3.31 -3.85
CA LEU A 22 8.17 4.26 -3.57
C LEU A 22 8.68 5.53 -2.92
N ASN A 23 7.81 6.53 -2.96
CA ASN A 23 8.05 7.81 -2.32
C ASN A 23 6.83 8.09 -1.44
N GLY A 24 7.00 8.96 -0.46
CA GLY A 24 5.92 9.30 0.47
C GLY A 24 4.61 9.62 -0.25
N VAL A 25 4.70 10.09 -1.50
CA VAL A 25 3.50 10.43 -2.26
C VAL A 25 2.76 9.17 -2.74
N GLN A 26 3.51 8.23 -3.33
CA GLN A 26 2.93 7.00 -3.84
C GLN A 26 2.46 6.09 -2.73
N VAL A 27 3.27 5.94 -1.69
CA VAL A 27 2.90 5.08 -0.58
C VAL A 27 1.61 5.58 0.06
N LYS A 28 1.59 6.87 0.38
CA LYS A 28 0.42 7.49 0.97
C LYS A 28 -0.79 7.30 0.07
N ALA A 29 -0.54 7.30 -1.24
CA ALA A 29 -1.60 7.13 -2.22
C ALA A 29 -2.22 5.73 -2.10
N PHE A 30 -1.35 4.73 -1.88
CA PHE A 30 -1.82 3.38 -1.75
C PHE A 30 -2.52 3.21 -0.43
N ILE A 31 -1.94 3.79 0.60
CA ILE A 31 -2.53 3.78 1.92
C ILE A 31 -3.80 4.62 1.91
N ASP A 32 -3.81 5.69 1.12
CA ASP A 32 -5.01 6.53 1.01
C ASP A 32 -6.16 5.68 0.48
N SER A 33 -5.81 4.72 -0.37
CA SER A 33 -6.79 3.80 -0.92
C SER A 33 -7.17 2.74 0.13
N LEU A 34 -6.25 2.46 1.07
CA LEU A 34 -6.50 1.45 2.13
C LEU A 34 -7.74 1.86 2.92
N ARG A 35 -7.71 3.09 3.42
CA ARG A 35 -8.82 3.63 4.21
C ARG A 35 -10.08 3.76 3.34
N ASP A 36 -9.87 4.10 2.06
CA ASP A 36 -10.97 4.22 1.11
C ASP A 36 -11.62 2.86 0.88
N ASP A 37 -10.78 1.83 0.91
CA ASP A 37 -11.22 0.46 0.72
C ASP A 37 -10.13 -0.49 1.21
N PRO A 38 -10.29 -1.02 2.39
CA PRO A 38 -9.30 -1.94 3.01
C PRO A 38 -9.26 -3.31 2.34
N SER A 39 -10.34 -3.67 1.65
CA SER A 39 -10.41 -4.95 0.96
C SER A 39 -9.38 -4.98 -0.16
N GLN A 40 -9.00 -3.79 -0.61
CA GLN A 40 -8.06 -3.64 -1.71
C GLN A 40 -6.62 -3.63 -1.24
N SER A 41 -6.38 -3.69 0.07
CA SER A 41 -5.02 -3.62 0.59
C SER A 41 -4.01 -4.39 -0.25
N ALA A 42 -4.39 -5.57 -0.72
CA ALA A 42 -3.51 -6.36 -1.57
C ALA A 42 -3.34 -5.72 -2.95
N ASN A 43 -4.41 -5.09 -3.42
CA ASN A 43 -4.43 -4.41 -4.70
C ASN A 43 -3.58 -3.15 -4.63
N LEU A 44 -3.68 -2.48 -3.50
CA LEU A 44 -2.93 -1.27 -3.22
C LEU A 44 -1.49 -1.66 -3.19
N LEU A 45 -1.28 -2.84 -2.65
CA LEU A 45 0.02 -3.44 -2.63
C LEU A 45 0.47 -3.68 -4.06
N ALA A 46 -0.50 -4.18 -4.84
CA ALA A 46 -0.29 -4.51 -6.23
C ALA A 46 0.08 -3.27 -7.00
N GLU A 47 -0.69 -2.23 -6.73
CA GLU A 47 -0.48 -0.94 -7.33
C GLU A 47 0.83 -0.38 -6.84
N ALA A 48 1.15 -0.74 -5.61
CA ALA A 48 2.39 -0.31 -5.00
C ALA A 48 3.55 -0.98 -5.67
N LYS A 49 3.40 -2.29 -5.89
CA LYS A 49 4.44 -3.05 -6.56
C LYS A 49 4.60 -2.46 -7.95
N LYS A 50 3.46 -2.09 -8.51
CA LYS A 50 3.39 -1.48 -9.83
C LYS A 50 4.11 -0.15 -9.83
N LEU A 51 3.88 0.65 -8.79
CA LEU A 51 4.53 1.95 -8.68
C LEU A 51 6.01 1.76 -8.40
N ASN A 52 6.31 0.83 -7.50
CA ASN A 52 7.69 0.51 -7.15
C ASN A 52 8.42 0.02 -8.40
N ASP A 53 7.75 -0.88 -9.13
CA ASP A 53 8.29 -1.44 -10.35
C ASP A 53 8.53 -0.32 -11.35
N ALA A 54 7.60 0.61 -11.36
CA ALA A 54 7.68 1.77 -12.23
C ALA A 54 8.80 2.69 -11.77
N GLN A 55 9.02 2.75 -10.45
CA GLN A 55 10.07 3.58 -9.87
C GLN A 55 11.37 2.78 -9.72
N ALA A 56 11.34 1.53 -10.18
CA ALA A 56 12.52 0.66 -10.11
C ALA A 56 13.55 1.03 -11.17
N PRO A 57 14.76 0.56 -11.01
CA PRO A 57 15.87 0.85 -11.95
C PRO A 57 15.75 0.05 -13.25
N LYS A 58 16.50 0.48 -14.26
CA LYS A 58 16.51 -0.19 -15.58
C LYS A 58 15.10 -0.21 -16.20
N VAL A 1 -10.76 -10.31 22.42
CA VAL A 1 -9.90 -9.27 21.79
C VAL A 1 -10.72 -8.48 20.77
N ASP A 2 -10.46 -7.17 20.68
CA ASP A 2 -11.18 -6.31 19.75
C ASP A 2 -10.68 -6.55 18.32
N ASN A 3 -11.63 -6.81 17.42
CA ASN A 3 -11.30 -7.06 16.02
C ASN A 3 -11.69 -5.85 15.18
N LYS A 4 -10.71 -5.26 14.51
CA LYS A 4 -10.95 -4.07 13.67
C LYS A 4 -10.38 -4.28 12.28
N PHE A 5 -11.09 -3.76 11.27
CA PHE A 5 -10.65 -3.87 9.88
C PHE A 5 -9.41 -3.00 9.65
N ASN A 6 -9.24 -2.03 10.56
CA ASN A 6 -8.11 -1.09 10.49
C ASN A 6 -6.77 -1.84 10.50
N LYS A 7 -6.76 -3.03 11.10
CA LYS A 7 -5.55 -3.84 11.19
C LYS A 7 -4.97 -4.11 9.79
N GLU A 8 -5.86 -4.33 8.85
CA GLU A 8 -5.45 -4.59 7.46
C GLU A 8 -4.82 -3.36 6.83
N LEU A 9 -5.28 -2.19 7.24
CA LEU A 9 -4.77 -0.93 6.71
C LEU A 9 -3.34 -0.71 7.16
N GLY A 10 -3.02 -1.10 8.39
CA GLY A 10 -1.67 -0.94 8.89
C GLY A 10 -0.80 -1.97 8.23
N TRP A 11 -1.43 -3.09 7.91
CA TRP A 11 -0.75 -4.18 7.27
C TRP A 11 -0.24 -3.80 5.89
N ALA A 12 -1.13 -3.27 5.06
CA ALA A 12 -0.76 -2.86 3.72
C ALA A 12 0.15 -1.64 3.75
N THR A 13 -0.02 -0.79 4.75
CA THR A 13 0.79 0.42 4.82
C THR A 13 2.24 0.07 4.89
N TRP A 14 2.57 -0.87 5.76
CA TRP A 14 3.94 -1.32 5.91
C TRP A 14 4.38 -2.12 4.67
N GLU A 15 3.46 -2.94 4.10
CA GLU A 15 3.76 -3.73 2.91
C GLU A 15 4.17 -2.83 1.75
N ILE A 16 3.38 -1.80 1.54
CA ILE A 16 3.59 -0.83 0.48
C ILE A 16 4.81 0.00 0.81
N PHE A 17 4.93 0.37 2.07
CA PHE A 17 6.08 1.14 2.54
C PHE A 17 7.37 0.33 2.42
N ASN A 18 7.25 -1.00 2.34
CA ASN A 18 8.41 -1.87 2.23
C ASN A 18 8.89 -1.96 0.78
N LEU A 19 8.40 -1.05 -0.05
CA LEU A 19 8.79 -1.01 -1.45
C LEU A 19 10.03 -0.16 -1.58
N PRO A 20 11.08 -0.70 -2.15
CA PRO A 20 12.35 0.04 -2.29
C PRO A 20 12.36 1.14 -3.35
N ASN A 21 11.23 1.43 -4.03
CA ASN A 21 11.26 2.46 -5.06
C ASN A 21 10.14 3.48 -4.88
N LEU A 22 9.29 3.29 -3.87
CA LEU A 22 8.19 4.23 -3.62
C LEU A 22 8.67 5.55 -3.03
N ASN A 23 7.74 6.50 -3.04
CA ASN A 23 7.93 7.81 -2.47
C ASN A 23 6.78 8.05 -1.50
N GLY A 24 7.01 8.86 -0.48
CA GLY A 24 5.98 9.15 0.52
C GLY A 24 4.64 9.50 -0.13
N VAL A 25 4.68 10.01 -1.36
CA VAL A 25 3.47 10.38 -2.09
C VAL A 25 2.73 9.15 -2.58
N GLN A 26 3.47 8.23 -3.23
CA GLN A 26 2.89 7.01 -3.76
C GLN A 26 2.41 6.10 -2.65
N VAL A 27 3.25 5.92 -1.65
CA VAL A 27 2.90 5.07 -0.52
C VAL A 27 1.64 5.60 0.13
N LYS A 28 1.65 6.90 0.42
CA LYS A 28 0.50 7.55 1.03
C LYS A 28 -0.72 7.37 0.15
N ALA A 29 -0.51 7.37 -1.16
CA ALA A 29 -1.58 7.19 -2.13
C ALA A 29 -2.18 5.80 -2.02
N PHE A 30 -1.33 4.80 -1.81
CA PHE A 30 -1.80 3.45 -1.70
C PHE A 30 -2.50 3.27 -0.37
N ILE A 31 -1.91 3.85 0.65
CA ILE A 31 -2.49 3.84 1.98
C ILE A 31 -3.76 4.68 2.00
N ASP A 32 -3.78 5.74 1.19
CA ASP A 32 -4.98 6.58 1.11
C ASP A 32 -6.14 5.72 0.60
N SER A 33 -5.82 4.85 -0.37
CA SER A 33 -6.80 3.94 -0.94
C SER A 33 -7.22 2.88 0.08
N LEU A 34 -6.30 2.56 1.02
CA LEU A 34 -6.59 1.57 2.06
C LEU A 34 -7.82 1.97 2.85
N ARG A 35 -7.86 3.25 3.20
CA ARG A 35 -8.97 3.81 3.96
C ARG A 35 -10.25 3.75 3.13
N ASP A 36 -10.09 3.98 1.83
CA ASP A 36 -11.18 3.97 0.88
C ASP A 36 -11.69 2.54 0.66
N ASP A 37 -10.80 1.58 0.91
CA ASP A 37 -11.13 0.17 0.75
C ASP A 37 -10.07 -0.69 1.41
N PRO A 38 -10.41 -1.33 2.51
CA PRO A 38 -9.48 -2.21 3.26
C PRO A 38 -9.24 -3.55 2.57
N SER A 39 -10.21 -3.99 1.77
CA SER A 39 -10.09 -5.25 1.04
C SER A 39 -9.06 -5.11 -0.07
N GLN A 40 -8.92 -3.88 -0.56
CA GLN A 40 -7.99 -3.57 -1.64
C GLN A 40 -6.56 -3.56 -1.21
N SER A 41 -6.29 -3.60 0.09
CA SER A 41 -4.92 -3.52 0.59
C SER A 41 -3.93 -4.30 -0.29
N ALA A 42 -4.31 -5.50 -0.71
CA ALA A 42 -3.46 -6.30 -1.58
C ALA A 42 -3.31 -5.66 -2.96
N ASN A 43 -4.40 -5.03 -3.41
CA ASN A 43 -4.42 -4.35 -4.69
C ASN A 43 -3.59 -3.08 -4.61
N LEU A 44 -3.71 -2.41 -3.48
CA LEU A 44 -2.97 -1.19 -3.20
C LEU A 44 -1.52 -1.55 -3.19
N LEU A 45 -1.30 -2.74 -2.65
CA LEU A 45 0.02 -3.33 -2.63
C LEU A 45 0.46 -3.55 -4.05
N ALA A 46 -0.50 -4.06 -4.83
CA ALA A 46 -0.28 -4.39 -6.23
C ALA A 46 0.06 -3.15 -7.00
N GLU A 47 -0.73 -2.12 -6.73
CA GLU A 47 -0.55 -0.84 -7.32
C GLU A 47 0.76 -0.26 -6.85
N ALA A 48 1.10 -0.61 -5.62
CA ALA A 48 2.33 -0.17 -5.01
C ALA A 48 3.50 -0.84 -5.70
N LYS A 49 3.37 -2.15 -5.91
CA LYS A 49 4.41 -2.90 -6.60
C LYS A 49 4.54 -2.32 -7.99
N LYS A 50 3.39 -1.96 -8.55
CA LYS A 50 3.35 -1.37 -9.88
C LYS A 50 4.08 -0.04 -9.89
N LEU A 51 3.90 0.73 -8.81
CA LEU A 51 4.59 2.02 -8.69
C LEU A 51 6.07 1.76 -8.46
N ASN A 52 6.36 0.83 -7.56
CA ASN A 52 7.73 0.45 -7.23
C ASN A 52 8.43 -0.12 -8.45
N ASP A 53 7.74 -1.02 -9.14
CA ASP A 53 8.26 -1.67 -10.34
C ASP A 53 8.59 -0.62 -11.39
N ALA A 54 7.69 0.33 -11.51
CA ALA A 54 7.85 1.43 -12.44
C ALA A 54 9.01 2.31 -11.98
N GLN A 55 9.19 2.37 -10.65
CA GLN A 55 10.26 3.15 -10.05
C GLN A 55 11.53 2.32 -9.86
N ALA A 56 11.45 1.05 -10.26
CA ALA A 56 12.60 0.14 -10.14
C ALA A 56 13.60 0.36 -11.26
N PRO A 57 14.80 -0.16 -11.08
CA PRO A 57 15.89 -0.01 -12.08
C PRO A 57 15.71 -0.94 -13.27
N LYS A 58 16.44 -0.65 -14.34
CA LYS A 58 16.39 -1.45 -15.58
C LYS A 58 14.97 -1.48 -16.17
N VAL A 1 -20.75 1.13 16.19
CA VAL A 1 -19.59 1.39 15.28
C VAL A 1 -18.97 0.06 14.87
N ASP A 2 -18.34 0.05 13.69
CA ASP A 2 -17.70 -1.16 13.17
C ASP A 2 -16.48 -1.53 14.02
N ASN A 3 -16.00 -2.77 13.84
CA ASN A 3 -14.84 -3.27 14.59
C ASN A 3 -13.57 -2.50 14.21
N LYS A 4 -12.45 -2.89 14.84
CA LYS A 4 -11.15 -2.24 14.59
C LYS A 4 -10.43 -2.91 13.41
N PHE A 5 -11.13 -3.00 12.28
CA PHE A 5 -10.56 -3.61 11.06
C PHE A 5 -9.42 -2.76 10.52
N ASN A 6 -9.30 -1.54 11.03
CA ASN A 6 -8.25 -0.63 10.58
C ASN A 6 -6.86 -1.19 10.91
N LYS A 7 -6.81 -2.20 11.78
CA LYS A 7 -5.53 -2.82 12.13
C LYS A 7 -4.85 -3.31 10.85
N GLU A 8 -5.67 -3.77 9.92
CA GLU A 8 -5.22 -4.25 8.63
C GLU A 8 -4.63 -3.11 7.80
N LEU A 9 -5.17 -1.91 8.02
CA LEU A 9 -4.73 -0.72 7.29
C LEU A 9 -3.25 -0.47 7.53
N GLY A 10 -2.77 -0.81 8.74
CA GLY A 10 -1.38 -0.62 9.08
C GLY A 10 -0.57 -1.68 8.37
N TRP A 11 -1.22 -2.82 8.15
CA TRP A 11 -0.60 -3.94 7.50
C TRP A 11 -0.20 -3.60 6.07
N ALA A 12 -1.14 -3.10 5.29
CA ALA A 12 -0.84 -2.75 3.90
C ALA A 12 0.08 -1.54 3.84
N THR A 13 -0.05 -0.65 4.81
CA THR A 13 0.76 0.56 4.82
C THR A 13 2.21 0.19 4.84
N TRP A 14 2.57 -0.71 5.74
CA TRP A 14 3.95 -1.16 5.84
C TRP A 14 4.32 -2.02 4.62
N GLU A 15 3.38 -2.85 4.12
CA GLU A 15 3.65 -3.70 2.94
C GLU A 15 4.04 -2.85 1.74
N ILE A 16 3.24 -1.82 1.51
CA ILE A 16 3.42 -0.89 0.42
C ILE A 16 4.67 -0.06 0.67
N PHE A 17 4.82 0.35 1.92
CA PHE A 17 6.00 1.12 2.33
C PHE A 17 7.29 0.28 2.23
N ASN A 18 7.14 -1.04 2.18
CA ASN A 18 8.28 -1.94 2.10
C ASN A 18 8.64 -2.21 0.64
N LEU A 19 8.61 -1.16 -0.17
CA LEU A 19 8.93 -1.28 -1.57
C LEU A 19 10.27 -0.64 -1.87
N PRO A 20 11.03 -1.23 -2.75
CA PRO A 20 12.38 -0.72 -3.09
C PRO A 20 12.44 0.69 -3.69
N ASN A 21 11.33 1.24 -4.24
CA ASN A 21 11.44 2.57 -4.85
C ASN A 21 10.24 3.47 -4.58
N LEU A 22 9.37 3.11 -3.63
CA LEU A 22 8.22 3.92 -3.33
C LEU A 22 8.58 5.23 -2.62
N ASN A 23 7.75 6.24 -2.86
CA ASN A 23 7.90 7.54 -2.24
C ASN A 23 6.74 7.74 -1.28
N GLY A 24 6.95 8.50 -0.21
CA GLY A 24 5.90 8.76 0.78
C GLY A 24 4.58 9.14 0.10
N VAL A 25 4.69 9.79 -1.07
CA VAL A 25 3.51 10.20 -1.83
C VAL A 25 2.79 8.99 -2.42
N GLN A 26 3.57 8.13 -3.10
CA GLN A 26 3.01 6.94 -3.74
C GLN A 26 2.48 5.97 -2.70
N VAL A 27 3.25 5.79 -1.64
CA VAL A 27 2.84 4.89 -0.57
C VAL A 27 1.54 5.39 0.02
N LYS A 28 1.53 6.69 0.35
CA LYS A 28 0.35 7.33 0.90
C LYS A 28 -0.82 7.14 -0.04
N ALA A 29 -0.54 7.15 -1.34
CA ALA A 29 -1.57 7.00 -2.36
C ALA A 29 -2.24 5.64 -2.22
N PHE A 30 -1.44 4.61 -1.98
CA PHE A 30 -1.97 3.28 -1.83
C PHE A 30 -2.68 3.15 -0.52
N ILE A 31 -2.09 3.74 0.51
CA ILE A 31 -2.70 3.77 1.81
C ILE A 31 -3.97 4.62 1.76
N ASP A 32 -3.92 5.65 0.91
CA ASP A 32 -5.09 6.53 0.72
C ASP A 32 -6.24 5.70 0.17
N SER A 33 -5.89 4.69 -0.62
CA SER A 33 -6.88 3.78 -1.19
C SER A 33 -7.38 2.81 -0.12
N LEU A 34 -6.49 2.47 0.82
CA LEU A 34 -6.79 1.55 1.91
C LEU A 34 -8.00 2.02 2.72
N ARG A 35 -7.93 3.24 3.21
CA ARG A 35 -9.01 3.81 4.02
C ARG A 35 -10.31 3.82 3.21
N ASP A 36 -10.20 4.11 1.92
CA ASP A 36 -11.36 4.12 1.04
C ASP A 36 -11.92 2.71 0.89
N ASP A 37 -11.00 1.75 0.82
CA ASP A 37 -11.33 0.33 0.71
C ASP A 37 -10.12 -0.51 1.08
N PRO A 38 -10.06 -0.97 2.30
CA PRO A 38 -8.92 -1.77 2.81
C PRO A 38 -8.90 -3.19 2.27
N SER A 39 -10.03 -3.64 1.74
CA SER A 39 -10.12 -4.98 1.18
C SER A 39 -9.18 -5.06 -0.02
N GLN A 40 -8.90 -3.90 -0.58
CA GLN A 40 -8.02 -3.77 -1.74
C GLN A 40 -6.56 -3.73 -1.35
N SER A 41 -6.25 -3.70 -0.06
CA SER A 41 -4.86 -3.60 0.40
C SER A 41 -3.92 -4.41 -0.47
N ALA A 42 -4.28 -5.63 -0.81
CA ALA A 42 -3.43 -6.45 -1.65
C ALA A 42 -3.28 -5.84 -3.04
N ASN A 43 -4.36 -5.24 -3.52
CA ASN A 43 -4.37 -4.58 -4.82
C ASN A 43 -3.56 -3.31 -4.76
N LEU A 44 -3.72 -2.59 -3.65
CA LEU A 44 -3.01 -1.36 -3.37
C LEU A 44 -1.56 -1.71 -3.30
N LEU A 45 -1.33 -2.87 -2.72
CA LEU A 45 -0.02 -3.46 -2.64
C LEU A 45 0.48 -3.72 -4.04
N ALA A 46 -0.44 -4.28 -4.83
CA ALA A 46 -0.18 -4.66 -6.20
C ALA A 46 0.18 -3.44 -7.01
N GLU A 47 -0.61 -2.42 -6.82
CA GLU A 47 -0.42 -1.16 -7.47
C GLU A 47 0.85 -0.53 -6.96
N ALA A 48 1.15 -0.83 -5.71
CA ALA A 48 2.34 -0.32 -5.07
C ALA A 48 3.56 -0.89 -5.74
N LYS A 49 3.54 -2.20 -5.99
CA LYS A 49 4.65 -2.86 -6.67
C LYS A 49 4.76 -2.26 -8.05
N LYS A 50 3.60 -1.97 -8.62
CA LYS A 50 3.53 -1.36 -9.93
C LYS A 50 4.14 0.02 -9.91
N LEU A 51 3.84 0.78 -8.85
CA LEU A 51 4.39 2.13 -8.72
C LEU A 51 5.87 2.07 -8.41
N ASN A 52 6.25 1.16 -7.50
CA ASN A 52 7.65 0.98 -7.14
C ASN A 52 8.42 0.53 -8.36
N ASP A 53 7.81 -0.38 -9.13
CA ASP A 53 8.43 -0.88 -10.35
C ASP A 53 8.67 0.29 -11.29
N ALA A 54 7.70 1.19 -11.30
CA ALA A 54 7.77 2.39 -12.11
C ALA A 54 8.89 3.28 -11.59
N GLN A 55 9.04 3.32 -10.26
CA GLN A 55 10.09 4.13 -9.63
C GLN A 55 11.42 3.38 -9.63
N ALA A 56 11.36 2.09 -9.97
CA ALA A 56 12.55 1.25 -10.03
C ALA A 56 13.30 1.47 -11.33
N PRO A 57 14.61 1.45 -11.28
CA PRO A 57 15.46 1.64 -12.48
C PRO A 57 15.06 0.70 -13.63
N LYS A 58 15.31 1.16 -14.85
CA LYS A 58 14.98 0.38 -16.04
C LYS A 58 16.06 0.57 -17.12
N VAL A 1 -14.12 2.18 15.91
CA VAL A 1 -15.01 1.26 15.16
C VAL A 1 -15.08 -0.08 15.88
N ASP A 2 -16.27 -0.69 15.86
CA ASP A 2 -16.49 -1.98 16.52
C ASP A 2 -15.57 -3.05 15.92
N ASN A 3 -15.34 -2.95 14.61
CA ASN A 3 -14.48 -3.90 13.91
C ASN A 3 -13.03 -3.43 13.94
N LYS A 4 -12.12 -4.38 14.20
CA LYS A 4 -10.68 -4.08 14.27
C LYS A 4 -10.02 -4.28 12.91
N PHE A 5 -10.79 -4.11 11.84
CA PHE A 5 -10.28 -4.28 10.48
C PHE A 5 -9.16 -3.27 10.19
N ASN A 6 -9.05 -2.26 11.06
CA ASN A 6 -8.04 -1.21 10.91
C ASN A 6 -6.63 -1.81 10.83
N LYS A 7 -6.46 -2.97 11.45
CA LYS A 7 -5.17 -3.65 11.47
C LYS A 7 -4.65 -3.90 10.05
N GLU A 8 -5.58 -4.25 9.15
CA GLU A 8 -5.24 -4.51 7.75
C GLU A 8 -4.69 -3.27 7.07
N LEU A 9 -5.19 -2.11 7.48
CA LEU A 9 -4.75 -0.85 6.90
C LEU A 9 -3.33 -0.54 7.34
N GLY A 10 -2.98 -0.90 8.58
CA GLY A 10 -1.63 -0.69 9.07
C GLY A 10 -0.75 -1.73 8.45
N TRP A 11 -1.37 -2.88 8.22
CA TRP A 11 -0.68 -4.01 7.63
C TRP A 11 -0.24 -3.68 6.22
N ALA A 12 -1.17 -3.22 5.42
CA ALA A 12 -0.87 -2.88 4.05
C ALA A 12 0.03 -1.66 3.98
N THR A 13 -0.11 -0.73 4.93
CA THR A 13 0.68 0.49 4.90
C THR A 13 2.15 0.15 4.91
N TRP A 14 2.53 -0.76 5.81
CA TRP A 14 3.91 -1.18 5.88
C TRP A 14 4.27 -2.02 4.63
N GLU A 15 3.32 -2.84 4.12
CA GLU A 15 3.55 -3.66 2.92
C GLU A 15 3.91 -2.77 1.72
N ILE A 16 3.11 -1.74 1.53
CA ILE A 16 3.29 -0.77 0.45
C ILE A 16 4.62 -0.08 0.64
N PHE A 17 4.77 0.39 1.85
CA PHE A 17 5.98 1.09 2.28
C PHE A 17 7.24 0.19 2.21
N ASN A 18 7.03 -1.13 2.15
CA ASN A 18 8.16 -2.06 2.09
C ASN A 18 8.69 -2.17 0.66
N LEU A 19 8.33 -1.18 -0.16
CA LEU A 19 8.77 -1.15 -1.54
C LEU A 19 10.03 -0.32 -1.66
N PRO A 20 11.05 -0.86 -2.28
CA PRO A 20 12.34 -0.15 -2.41
C PRO A 20 12.36 1.02 -3.39
N ASN A 21 11.23 1.36 -4.06
CA ASN A 21 11.27 2.46 -5.02
C ASN A 21 10.20 3.51 -4.75
N LEU A 22 9.29 3.25 -3.81
CA LEU A 22 8.24 4.20 -3.50
C LEU A 22 8.74 5.43 -2.78
N ASN A 23 7.89 6.44 -2.79
CA ASN A 23 8.13 7.68 -2.09
C ASN A 23 6.90 7.94 -1.21
N GLY A 24 7.07 8.74 -0.17
CA GLY A 24 5.97 9.04 0.76
C GLY A 24 4.69 9.41 0.03
N VAL A 25 4.80 9.96 -1.18
CA VAL A 25 3.62 10.36 -1.96
C VAL A 25 2.88 9.15 -2.52
N GLN A 26 3.62 8.25 -3.17
CA GLN A 26 3.02 7.06 -3.76
C GLN A 26 2.49 6.13 -2.72
N VAL A 27 3.28 5.89 -1.68
CA VAL A 27 2.84 5.02 -0.61
C VAL A 27 1.57 5.55 0.00
N LYS A 28 1.60 6.84 0.35
CA LYS A 28 0.47 7.55 0.93
C LYS A 28 -0.74 7.41 0.04
N ALA A 29 -0.51 7.41 -1.26
CA ALA A 29 -1.59 7.26 -2.22
C ALA A 29 -2.23 5.89 -2.03
N PHE A 30 -1.40 4.87 -1.85
CA PHE A 30 -1.88 3.55 -1.63
C PHE A 30 -2.43 3.45 -0.21
N ILE A 31 -1.76 4.14 0.72
CA ILE A 31 -2.24 4.18 2.10
C ILE A 31 -3.64 4.82 2.08
N ASP A 32 -3.81 5.79 1.14
CA ASP A 32 -5.08 6.47 0.99
C ASP A 32 -6.11 5.50 0.41
N SER A 33 -5.65 4.68 -0.54
CA SER A 33 -6.52 3.68 -1.17
C SER A 33 -6.99 2.68 -0.12
N LEU A 34 -6.11 2.41 0.86
CA LEU A 34 -6.40 1.49 1.96
C LEU A 34 -7.66 1.96 2.69
N ARG A 35 -7.69 3.25 2.98
CA ARG A 35 -8.81 3.87 3.68
C ARG A 35 -10.08 3.79 2.83
N ASP A 36 -9.91 4.06 1.53
CA ASP A 36 -11.02 4.03 0.59
C ASP A 36 -11.62 2.63 0.52
N ASP A 37 -10.75 1.64 0.61
CA ASP A 37 -11.13 0.25 0.58
C ASP A 37 -10.00 -0.62 1.09
N PRO A 38 -10.08 -1.04 2.34
CA PRO A 38 -9.04 -1.87 2.98
C PRO A 38 -9.00 -3.30 2.46
N SER A 39 -10.11 -3.75 1.88
CA SER A 39 -10.19 -5.11 1.34
C SER A 39 -9.26 -5.23 0.14
N GLN A 40 -8.91 -4.09 -0.44
CA GLN A 40 -8.05 -4.04 -1.60
C GLN A 40 -6.58 -3.95 -1.24
N SER A 41 -6.25 -3.94 0.05
CA SER A 41 -4.86 -3.79 0.48
C SER A 41 -3.90 -4.56 -0.42
N ALA A 42 -4.22 -5.78 -0.78
CA ALA A 42 -3.37 -6.57 -1.65
C ALA A 42 -3.25 -5.92 -3.03
N ASN A 43 -4.36 -5.34 -3.49
CA ASN A 43 -4.41 -4.66 -4.77
C ASN A 43 -3.63 -3.37 -4.68
N LEU A 44 -3.77 -2.71 -3.53
CA LEU A 44 -3.10 -1.46 -3.24
C LEU A 44 -1.63 -1.77 -3.20
N LEU A 45 -1.35 -2.95 -2.66
CA LEU A 45 0.00 -3.46 -2.62
C LEU A 45 0.46 -3.67 -4.05
N ALA A 46 -0.48 -4.21 -4.83
CA ALA A 46 -0.25 -4.53 -6.22
C ALA A 46 0.06 -3.27 -6.98
N GLU A 47 -0.77 -2.29 -6.73
CA GLU A 47 -0.62 -1.00 -7.32
C GLU A 47 0.69 -0.39 -6.88
N ALA A 48 1.03 -0.71 -5.63
CA ALA A 48 2.26 -0.24 -5.04
C ALA A 48 3.43 -0.84 -5.75
N LYS A 49 3.35 -2.16 -5.99
CA LYS A 49 4.41 -2.85 -6.71
C LYS A 49 4.52 -2.26 -8.08
N LYS A 50 3.37 -1.90 -8.63
CA LYS A 50 3.30 -1.28 -9.94
C LYS A 50 4.01 0.06 -9.90
N LEU A 51 3.78 0.81 -8.83
CA LEU A 51 4.43 2.10 -8.68
C LEU A 51 5.92 1.91 -8.41
N ASN A 52 6.23 0.95 -7.54
CA ASN A 52 7.62 0.62 -7.22
C ASN A 52 8.33 0.15 -8.48
N ASP A 53 7.65 -0.72 -9.21
CA ASP A 53 8.18 -1.26 -10.46
C ASP A 53 8.43 -0.12 -11.43
N ALA A 54 7.51 0.83 -11.42
CA ALA A 54 7.60 2.01 -12.26
C ALA A 54 8.75 2.89 -11.77
N GLN A 55 8.96 2.91 -10.45
CA GLN A 55 10.04 3.72 -9.86
C GLN A 55 11.32 2.91 -9.76
N ALA A 56 11.28 1.67 -10.24
CA ALA A 56 12.43 0.78 -10.22
C ALA A 56 13.44 1.17 -11.29
N PRO A 57 14.65 0.66 -11.19
CA PRO A 57 15.75 0.98 -12.15
C PRO A 57 15.62 0.18 -13.45
N LYS A 58 14.37 -0.09 -13.82
CA LYS A 58 14.06 -0.83 -15.04
C LYS A 58 14.87 -2.13 -15.13
N VAL A 1 -9.53 -15.07 18.68
CA VAL A 1 -10.04 -13.77 19.23
C VAL A 1 -10.44 -12.85 18.08
N ASP A 2 -11.41 -11.98 18.34
CA ASP A 2 -11.88 -11.03 17.33
C ASP A 2 -10.82 -9.96 17.06
N ASN A 3 -10.61 -9.66 15.78
CA ASN A 3 -9.63 -8.65 15.37
C ASN A 3 -10.32 -7.49 14.64
N LYS A 4 -9.77 -6.29 14.81
CA LYS A 4 -10.32 -5.10 14.17
C LYS A 4 -9.84 -5.00 12.73
N PHE A 5 -10.69 -4.45 11.86
CA PHE A 5 -10.36 -4.28 10.46
C PHE A 5 -9.19 -3.31 10.28
N ASN A 6 -8.97 -2.49 11.31
CA ASN A 6 -7.90 -1.50 11.31
C ASN A 6 -6.54 -2.18 11.08
N LYS A 7 -6.41 -3.41 11.58
CA LYS A 7 -5.16 -4.16 11.43
C LYS A 7 -4.82 -4.32 9.96
N GLU A 8 -5.85 -4.47 9.15
CA GLU A 8 -5.68 -4.62 7.70
C GLU A 8 -5.04 -3.38 7.10
N LEU A 9 -5.39 -2.23 7.66
CA LEU A 9 -4.84 -0.97 7.18
C LEU A 9 -3.38 -0.81 7.55
N GLY A 10 -3.00 -1.38 8.70
CA GLY A 10 -1.61 -1.32 9.13
C GLY A 10 -0.82 -2.30 8.30
N TRP A 11 -1.53 -3.33 7.88
CA TRP A 11 -0.96 -4.39 7.08
C TRP A 11 -0.43 -3.87 5.74
N ALA A 12 -1.28 -3.19 4.99
CA ALA A 12 -0.84 -2.69 3.69
C ALA A 12 0.14 -1.53 3.79
N THR A 13 0.01 -0.72 4.81
CA THR A 13 0.86 0.46 4.92
C THR A 13 2.31 0.07 4.98
N TRP A 14 2.65 -0.87 5.84
CA TRP A 14 4.03 -1.33 5.93
C TRP A 14 4.42 -2.12 4.66
N GLU A 15 3.49 -2.95 4.13
CA GLU A 15 3.76 -3.75 2.93
C GLU A 15 4.14 -2.86 1.75
N ILE A 16 3.35 -1.84 1.55
CA ILE A 16 3.54 -0.88 0.48
C ILE A 16 4.78 -0.05 0.76
N PHE A 17 4.94 0.31 2.02
CA PHE A 17 6.10 1.08 2.46
C PHE A 17 7.40 0.28 2.31
N ASN A 18 7.29 -1.04 2.22
CA ASN A 18 8.47 -1.91 2.09
C ASN A 18 8.96 -1.93 0.65
N LEU A 19 8.47 -0.97 -0.14
CA LEU A 19 8.87 -0.88 -1.53
C LEU A 19 10.08 0.02 -1.65
N PRO A 20 11.17 -0.51 -2.18
CA PRO A 20 12.41 0.27 -2.29
C PRO A 20 12.41 1.34 -3.39
N ASN A 21 11.26 1.60 -4.06
CA ASN A 21 11.27 2.59 -5.11
C ASN A 21 10.11 3.59 -4.95
N LEU A 22 9.27 3.38 -3.92
CA LEU A 22 8.16 4.30 -3.68
C LEU A 22 8.61 5.61 -3.06
N ASN A 23 7.68 6.55 -3.11
CA ASN A 23 7.84 7.86 -2.52
C ASN A 23 6.73 8.02 -1.49
N GLY A 24 6.98 8.77 -0.42
CA GLY A 24 5.98 8.98 0.63
C GLY A 24 4.62 9.31 0.03
N VAL A 25 4.62 9.94 -1.14
CA VAL A 25 3.39 10.30 -1.84
C VAL A 25 2.68 9.05 -2.37
N GLN A 26 3.42 8.21 -3.09
CA GLN A 26 2.87 6.99 -3.67
C GLN A 26 2.40 6.04 -2.60
N VAL A 27 3.24 5.85 -1.58
CA VAL A 27 2.90 4.97 -0.49
C VAL A 27 1.62 5.45 0.16
N LYS A 28 1.61 6.75 0.48
CA LYS A 28 0.45 7.37 1.08
C LYS A 28 -0.75 7.20 0.17
N ALA A 29 -0.51 7.24 -1.14
CA ALA A 29 -1.57 7.08 -2.12
C ALA A 29 -2.19 5.70 -2.04
N PHE A 30 -1.34 4.69 -1.82
CA PHE A 30 -1.81 3.34 -1.73
C PHE A 30 -2.53 3.16 -0.40
N ILE A 31 -1.95 3.74 0.63
CA ILE A 31 -2.55 3.73 1.95
C ILE A 31 -3.82 4.58 1.95
N ASP A 32 -3.82 5.64 1.13
CA ASP A 32 -5.00 6.49 1.03
C ASP A 32 -6.16 5.67 0.48
N SER A 33 -5.84 4.82 -0.51
CA SER A 33 -6.83 3.94 -1.12
C SER A 33 -7.36 2.96 -0.07
N LEU A 34 -6.48 2.59 0.88
CA LEU A 34 -6.84 1.68 1.95
C LEU A 34 -8.05 2.20 2.72
N ARG A 35 -8.01 3.50 2.97
CA ARG A 35 -9.08 4.18 3.70
C ARG A 35 -10.40 4.02 2.96
N ASP A 36 -10.32 4.19 1.65
CA ASP A 36 -11.48 4.05 0.77
C ASP A 36 -11.98 2.62 0.78
N ASP A 37 -11.03 1.70 0.85
CA ASP A 37 -11.32 0.27 0.89
C ASP A 37 -10.06 -0.50 1.31
N PRO A 38 -10.02 -0.91 2.56
CA PRO A 38 -8.85 -1.64 3.11
C PRO A 38 -8.74 -3.08 2.60
N SER A 39 -9.85 -3.63 2.11
CA SER A 39 -9.84 -4.99 1.59
C SER A 39 -8.99 -5.04 0.33
N GLN A 40 -8.84 -3.88 -0.30
CA GLN A 40 -8.06 -3.75 -1.52
C GLN A 40 -6.58 -3.64 -1.22
N SER A 41 -6.21 -3.62 0.06
CA SER A 41 -4.81 -3.46 0.45
C SER A 41 -3.86 -4.26 -0.42
N ALA A 42 -4.23 -5.48 -0.78
CA ALA A 42 -3.38 -6.30 -1.63
C ALA A 42 -3.27 -5.69 -3.02
N ASN A 43 -4.36 -5.08 -3.48
CA ASN A 43 -4.41 -4.43 -4.77
C ASN A 43 -3.59 -3.15 -4.71
N LEU A 44 -3.70 -2.47 -3.59
CA LEU A 44 -2.99 -1.24 -3.32
C LEU A 44 -1.53 -1.59 -3.27
N LEU A 45 -1.29 -2.76 -2.71
CA LEU A 45 0.03 -3.34 -2.67
C LEU A 45 0.48 -3.58 -4.09
N ALA A 46 -0.46 -4.10 -4.86
CA ALA A 46 -0.23 -4.43 -6.27
C ALA A 46 0.12 -3.18 -7.03
N GLU A 47 -0.68 -2.16 -6.79
CA GLU A 47 -0.50 -0.88 -7.38
C GLU A 47 0.82 -0.30 -6.90
N ALA A 48 1.15 -0.66 -5.68
CA ALA A 48 2.39 -0.24 -5.07
C ALA A 48 3.54 -0.90 -5.76
N LYS A 49 3.40 -2.21 -5.99
CA LYS A 49 4.42 -2.98 -6.67
C LYS A 49 4.57 -2.40 -8.06
N LYS A 50 3.42 -1.98 -8.60
CA LYS A 50 3.38 -1.37 -9.92
C LYS A 50 4.12 -0.04 -9.92
N LEU A 51 3.93 0.73 -8.85
CA LEU A 51 4.62 2.02 -8.73
C LEU A 51 6.10 1.77 -8.49
N ASN A 52 6.38 0.85 -7.57
CA ASN A 52 7.75 0.48 -7.24
C ASN A 52 8.47 -0.11 -8.45
N ASP A 53 7.79 -1.02 -9.16
CA ASP A 53 8.36 -1.66 -10.33
C ASP A 53 8.71 -0.61 -11.38
N ALA A 54 7.79 0.31 -11.54
CA ALA A 54 7.96 1.41 -12.48
C ALA A 54 9.11 2.30 -12.02
N GLN A 55 9.27 2.37 -10.69
CA GLN A 55 10.33 3.18 -10.09
C GLN A 55 11.59 2.35 -9.87
N ALA A 56 11.50 1.06 -10.17
CA ALA A 56 12.64 0.15 -10.02
C ALA A 56 13.42 0.04 -11.32
N PRO A 57 14.72 -0.06 -11.22
CA PRO A 57 15.61 -0.17 -12.41
C PRO A 57 15.18 -1.32 -13.34
N LYS A 58 15.52 -1.17 -14.61
CA LYS A 58 15.20 -2.16 -15.63
C LYS A 58 16.36 -2.32 -16.61
N VAL A 1 -8.02 -5.44 24.73
CA VAL A 1 -8.39 -4.52 23.60
C VAL A 1 -8.30 -5.28 22.28
N ASP A 2 -8.83 -4.68 21.22
CA ASP A 2 -8.81 -5.29 19.88
C ASP A 2 -8.79 -4.21 18.81
N ASN A 3 -8.76 -4.64 17.54
CA ASN A 3 -8.75 -3.73 16.40
C ASN A 3 -9.85 -4.10 15.41
N LYS A 4 -10.21 -3.14 14.57
CA LYS A 4 -11.25 -3.35 13.56
C LYS A 4 -10.60 -3.71 12.22
N PHE A 5 -11.29 -3.36 11.12
CA PHE A 5 -10.77 -3.63 9.77
C PHE A 5 -9.45 -2.91 9.56
N ASN A 6 -9.14 -1.99 10.48
CA ASN A 6 -7.91 -1.20 10.44
C ASN A 6 -6.67 -2.10 10.34
N LYS A 7 -6.81 -3.36 10.77
CA LYS A 7 -5.68 -4.31 10.70
C LYS A 7 -5.17 -4.39 9.27
N GLU A 8 -6.10 -4.36 8.33
CA GLU A 8 -5.79 -4.43 6.91
C GLU A 8 -4.97 -3.21 6.49
N LEU A 9 -5.31 -2.08 7.09
CA LEU A 9 -4.63 -0.82 6.80
C LEU A 9 -3.24 -0.82 7.40
N GLY A 10 -3.08 -1.47 8.55
CA GLY A 10 -1.78 -1.55 9.19
C GLY A 10 -0.93 -2.52 8.40
N TRP A 11 -1.63 -3.46 7.79
CA TRP A 11 -1.01 -4.50 7.01
C TRP A 11 -0.46 -3.99 5.69
N ALA A 12 -1.29 -3.35 4.89
CA ALA A 12 -0.85 -2.86 3.60
C ALA A 12 0.07 -1.64 3.69
N THR A 13 -0.15 -0.80 4.68
CA THR A 13 0.64 0.42 4.79
C THR A 13 2.11 0.12 4.90
N TRP A 14 2.48 -0.80 5.79
CA TRP A 14 3.87 -1.18 5.94
C TRP A 14 4.34 -1.95 4.69
N GLU A 15 3.47 -2.85 4.15
CA GLU A 15 3.84 -3.65 2.96
C GLU A 15 4.21 -2.77 1.79
N ILE A 16 3.37 -1.79 1.54
CA ILE A 16 3.57 -0.84 0.46
C ILE A 16 4.77 0.03 0.78
N PHE A 17 4.85 0.44 2.02
CA PHE A 17 5.98 1.25 2.49
C PHE A 17 7.30 0.47 2.40
N ASN A 18 7.21 -0.86 2.32
CA ASN A 18 8.41 -1.70 2.25
C ASN A 18 8.89 -1.84 0.82
N LEU A 19 8.43 -0.93 -0.04
CA LEU A 19 8.82 -0.95 -1.44
C LEU A 19 10.07 -0.11 -1.62
N PRO A 20 11.10 -0.68 -2.18
CA PRO A 20 12.38 0.03 -2.35
C PRO A 20 12.38 1.16 -3.39
N ASN A 21 11.25 1.45 -4.06
CA ASN A 21 11.26 2.51 -5.07
C ASN A 21 10.16 3.54 -4.82
N LEU A 22 9.26 3.27 -3.88
CA LEU A 22 8.19 4.22 -3.59
C LEU A 22 8.70 5.48 -2.91
N ASN A 23 7.84 6.49 -2.96
CA ASN A 23 8.07 7.76 -2.32
C ASN A 23 6.85 8.05 -1.44
N GLY A 24 7.03 8.89 -0.43
CA GLY A 24 5.94 9.23 0.49
C GLY A 24 4.65 9.57 -0.25
N VAL A 25 4.76 10.07 -1.49
CA VAL A 25 3.57 10.43 -2.26
C VAL A 25 2.83 9.19 -2.75
N GLN A 26 3.57 8.25 -3.35
CA GLN A 26 2.97 7.03 -3.88
C GLN A 26 2.48 6.11 -2.78
N VAL A 27 3.29 5.93 -1.74
CA VAL A 27 2.88 5.05 -0.66
C VAL A 27 1.61 5.57 -0.03
N LYS A 28 1.61 6.85 0.33
CA LYS A 28 0.46 7.51 0.92
C LYS A 28 -0.74 7.35 0.02
N ALA A 29 -0.51 7.37 -1.29
CA ALA A 29 -1.58 7.18 -2.24
C ALA A 29 -2.20 5.81 -2.03
N PHE A 30 -1.34 4.81 -1.83
CA PHE A 30 -1.78 3.49 -1.58
C PHE A 30 -2.35 3.41 -0.17
N ILE A 31 -1.70 4.13 0.76
CA ILE A 31 -2.19 4.19 2.13
C ILE A 31 -3.57 4.86 2.11
N ASP A 32 -3.74 5.81 1.18
CA ASP A 32 -5.01 6.53 1.03
C ASP A 32 -6.08 5.59 0.51
N SER A 33 -5.69 4.77 -0.48
CA SER A 33 -6.60 3.79 -1.07
C SER A 33 -7.03 2.79 -0.01
N LEU A 34 -6.12 2.53 0.94
CA LEU A 34 -6.40 1.59 2.03
C LEU A 34 -7.63 2.02 2.82
N ARG A 35 -7.67 3.32 3.12
CA ARG A 35 -8.79 3.90 3.86
C ARG A 35 -10.05 3.85 3.03
N ASP A 36 -9.87 4.10 1.73
CA ASP A 36 -10.96 4.08 0.77
C ASP A 36 -11.50 2.68 0.59
N ASP A 37 -10.65 1.70 0.88
CA ASP A 37 -11.02 0.30 0.78
C ASP A 37 -9.98 -0.57 1.48
N PRO A 38 -10.34 -1.14 2.60
CA PRO A 38 -9.43 -2.02 3.39
C PRO A 38 -9.20 -3.40 2.77
N SER A 39 -10.19 -3.87 1.99
CA SER A 39 -10.07 -5.19 1.36
C SER A 39 -9.11 -5.12 0.17
N GLN A 40 -8.94 -3.91 -0.36
CA GLN A 40 -8.07 -3.68 -1.51
C GLN A 40 -6.61 -3.67 -1.12
N SER A 41 -6.32 -3.68 0.17
CA SER A 41 -4.93 -3.59 0.64
C SER A 41 -3.97 -4.39 -0.22
N ALA A 42 -4.36 -5.59 -0.64
CA ALA A 42 -3.50 -6.40 -1.49
C ALA A 42 -3.35 -5.79 -2.88
N ASN A 43 -4.43 -5.17 -3.35
CA ASN A 43 -4.45 -4.52 -4.65
C ASN A 43 -3.61 -3.25 -4.60
N LEU A 44 -3.71 -2.57 -3.46
CA LEU A 44 -2.98 -1.34 -3.20
C LEU A 44 -1.53 -1.72 -3.18
N LEU A 45 -1.30 -2.90 -2.63
CA LEU A 45 0.02 -3.49 -2.60
C LEU A 45 0.46 -3.72 -4.02
N ALA A 46 -0.50 -4.25 -4.79
CA ALA A 46 -0.30 -4.58 -6.20
C ALA A 46 0.06 -3.33 -6.97
N GLU A 47 -0.72 -2.30 -6.70
CA GLU A 47 -0.53 -1.01 -7.28
C GLU A 47 0.79 -0.44 -6.82
N ALA A 48 1.12 -0.80 -5.59
CA ALA A 48 2.36 -0.35 -4.98
C ALA A 48 3.52 -1.02 -5.66
N LYS A 49 3.40 -2.33 -5.89
CA LYS A 49 4.43 -3.08 -6.57
C LYS A 49 4.59 -2.50 -7.96
N LYS A 50 3.44 -2.11 -8.51
CA LYS A 50 3.37 -1.51 -9.82
C LYS A 50 4.06 -0.15 -9.83
N LEU A 51 3.81 0.63 -8.79
CA LEU A 51 4.42 1.95 -8.68
C LEU A 51 5.91 1.80 -8.40
N ASN A 52 6.23 0.86 -7.50
CA ASN A 52 7.61 0.57 -7.16
C ASN A 52 8.35 0.11 -8.41
N ASP A 53 7.70 -0.78 -9.16
CA ASP A 53 8.27 -1.29 -10.40
C ASP A 53 8.49 -0.14 -11.36
N ALA A 54 7.51 0.75 -11.38
CA ALA A 54 7.57 1.93 -12.22
C ALA A 54 8.71 2.84 -11.76
N GLN A 55 8.96 2.85 -10.44
CA GLN A 55 10.04 3.65 -9.89
C GLN A 55 11.34 2.84 -9.82
N ALA A 56 11.27 1.58 -10.27
CA ALA A 56 12.42 0.70 -10.30
C ALA A 56 13.21 0.89 -11.58
N PRO A 57 14.43 0.39 -11.62
CA PRO A 57 15.31 0.52 -12.80
C PRO A 57 14.89 -0.39 -13.95
N LYS A 58 15.38 -0.07 -15.14
CA LYS A 58 15.07 -0.85 -16.34
C LYS A 58 16.29 -0.85 -17.29
N VAL A 1 -14.57 -6.61 20.04
CA VAL A 1 -14.19 -5.17 19.93
C VAL A 1 -12.83 -5.06 19.25
N ASP A 2 -12.00 -6.09 19.41
CA ASP A 2 -10.67 -6.12 18.81
C ASP A 2 -10.72 -6.63 17.38
N ASN A 3 -11.94 -6.73 16.84
CA ASN A 3 -12.17 -7.21 15.48
C ASN A 3 -12.02 -6.05 14.48
N LYS A 4 -11.36 -4.98 14.93
CA LYS A 4 -11.16 -3.79 14.09
C LYS A 4 -10.45 -4.14 12.78
N PHE A 5 -11.07 -3.73 11.67
CA PHE A 5 -10.52 -3.97 10.34
C PHE A 5 -9.31 -3.06 10.08
N ASN A 6 -9.15 -2.08 10.95
CA ASN A 6 -8.07 -1.10 10.84
C ASN A 6 -6.71 -1.80 10.73
N LYS A 7 -6.61 -2.99 11.31
CA LYS A 7 -5.37 -3.76 11.29
C LYS A 7 -4.93 -4.02 9.86
N GLU A 8 -5.91 -4.25 8.98
CA GLU A 8 -5.65 -4.50 7.57
C GLU A 8 -5.02 -3.28 6.91
N LEU A 9 -5.40 -2.11 7.37
CA LEU A 9 -4.87 -0.87 6.82
C LEU A 9 -3.42 -0.70 7.24
N GLY A 10 -3.08 -1.19 8.43
CA GLY A 10 -1.71 -1.13 8.91
C GLY A 10 -0.91 -2.17 8.18
N TRP A 11 -1.62 -3.22 7.79
CA TRP A 11 -1.02 -4.33 7.09
C TRP A 11 -0.48 -3.90 5.74
N ALA A 12 -1.32 -3.30 4.91
CA ALA A 12 -0.85 -2.87 3.61
C ALA A 12 0.09 -1.66 3.69
N THR A 13 -0.13 -0.81 4.68
CA THR A 13 0.68 0.41 4.78
C THR A 13 2.14 0.09 4.90
N TRP A 14 2.49 -0.82 5.80
CA TRP A 14 3.89 -1.20 5.94
C TRP A 14 4.35 -1.99 4.70
N GLU A 15 3.48 -2.88 4.15
CA GLU A 15 3.84 -3.69 2.98
C GLU A 15 4.22 -2.79 1.80
N ILE A 16 3.39 -1.81 1.55
CA ILE A 16 3.58 -0.84 0.48
C ILE A 16 4.79 0.00 0.79
N PHE A 17 4.88 0.42 2.03
CA PHE A 17 6.01 1.22 2.50
C PHE A 17 7.33 0.44 2.40
N ASN A 18 7.25 -0.88 2.31
CA ASN A 18 8.44 -1.72 2.22
C ASN A 18 8.90 -1.86 0.77
N LEU A 19 8.45 -0.94 -0.08
CA LEU A 19 8.83 -0.96 -1.47
C LEU A 19 10.07 -0.13 -1.66
N PRO A 20 11.10 -0.69 -2.26
CA PRO A 20 12.37 0.02 -2.44
C PRO A 20 12.37 1.16 -3.46
N ASN A 21 11.22 1.47 -4.11
CA ASN A 21 11.24 2.54 -5.10
C ASN A 21 10.12 3.55 -4.89
N LEU A 22 9.25 3.30 -3.91
CA LEU A 22 8.15 4.22 -3.64
C LEU A 22 8.60 5.53 -3.04
N ASN A 23 7.69 6.48 -3.13
CA ASN A 23 7.86 7.80 -2.56
C ASN A 23 6.78 7.96 -1.50
N GLY A 24 7.04 8.76 -0.48
CA GLY A 24 6.05 8.98 0.57
C GLY A 24 4.71 9.38 -0.05
N VAL A 25 4.77 9.95 -1.27
CA VAL A 25 3.57 10.36 -1.98
C VAL A 25 2.81 9.15 -2.53
N GLN A 26 3.53 8.24 -3.20
CA GLN A 26 2.93 7.06 -3.79
C GLN A 26 2.44 6.11 -2.71
N VAL A 27 3.26 5.91 -1.70
CA VAL A 27 2.88 5.04 -0.60
C VAL A 27 1.61 5.57 0.03
N LYS A 28 1.64 6.86 0.36
CA LYS A 28 0.51 7.56 0.96
C LYS A 28 -0.70 7.40 0.08
N ALA A 29 -0.49 7.38 -1.22
CA ALA A 29 -1.58 7.19 -2.16
C ALA A 29 -2.19 5.82 -1.95
N PHE A 30 -1.32 4.81 -1.76
CA PHE A 30 -1.77 3.48 -1.51
C PHE A 30 -2.32 3.39 -0.10
N ILE A 31 -1.66 4.12 0.82
CA ILE A 31 -2.13 4.18 2.20
C ILE A 31 -3.52 4.83 2.18
N ASP A 32 -3.71 5.78 1.26
CA ASP A 32 -5.00 6.47 1.12
C ASP A 32 -6.04 5.52 0.56
N SER A 33 -5.63 4.71 -0.41
CA SER A 33 -6.51 3.73 -1.03
C SER A 33 -6.98 2.71 0.02
N LEU A 34 -6.13 2.45 1.01
CA LEU A 34 -6.44 1.50 2.08
C LEU A 34 -7.70 1.95 2.80
N ARG A 35 -7.75 3.24 3.13
CA ARG A 35 -8.88 3.84 3.82
C ARG A 35 -10.10 3.81 2.91
N ASP A 36 -9.87 4.09 1.64
CA ASP A 36 -10.91 4.11 0.62
C ASP A 36 -11.50 2.72 0.45
N ASP A 37 -10.66 1.72 0.67
CA ASP A 37 -11.07 0.33 0.56
C ASP A 37 -10.01 -0.57 1.21
N PRO A 38 -10.32 -1.09 2.37
CA PRO A 38 -9.38 -1.97 3.13
C PRO A 38 -9.25 -3.37 2.52
N SER A 39 -10.26 -3.79 1.77
CA SER A 39 -10.23 -5.12 1.14
C SER A 39 -9.22 -5.12 -0.01
N GLN A 40 -8.91 -3.93 -0.50
CA GLN A 40 -7.98 -3.76 -1.61
C GLN A 40 -6.54 -3.74 -1.15
N SER A 41 -6.29 -3.77 0.15
CA SER A 41 -4.93 -3.69 0.67
C SER A 41 -3.93 -4.47 -0.18
N ALA A 42 -4.29 -5.66 -0.63
CA ALA A 42 -3.41 -6.45 -1.47
C ALA A 42 -3.27 -5.82 -2.87
N ASN A 43 -4.35 -5.22 -3.33
CA ASN A 43 -4.40 -4.56 -4.63
C ASN A 43 -3.56 -3.28 -4.57
N LEU A 44 -3.68 -2.61 -3.44
CA LEU A 44 -2.96 -1.37 -3.17
C LEU A 44 -1.50 -1.73 -3.15
N LEU A 45 -1.25 -2.91 -2.61
CA LEU A 45 0.07 -3.49 -2.60
C LEU A 45 0.50 -3.70 -4.02
N ALA A 46 -0.45 -4.22 -4.80
CA ALA A 46 -0.25 -4.53 -6.19
C ALA A 46 0.09 -3.27 -6.96
N GLU A 47 -0.71 -2.26 -6.68
CA GLU A 47 -0.54 -0.96 -7.27
C GLU A 47 0.77 -0.37 -6.79
N ALA A 48 1.12 -0.74 -5.57
CA ALA A 48 2.34 -0.29 -4.96
C ALA A 48 3.50 -0.94 -5.67
N LYS A 49 3.37 -2.25 -5.90
CA LYS A 49 4.41 -3.00 -6.61
C LYS A 49 4.54 -2.38 -7.98
N LYS A 50 3.38 -2.01 -8.52
CA LYS A 50 3.30 -1.40 -9.83
C LYS A 50 4.01 -0.06 -9.84
N LEU A 51 3.79 0.72 -8.78
CA LEU A 51 4.44 2.03 -8.66
C LEU A 51 5.92 1.83 -8.40
N ASN A 52 6.23 0.88 -7.53
CA ASN A 52 7.61 0.56 -7.21
C ASN A 52 8.34 0.07 -8.45
N ASP A 53 7.67 -0.83 -9.18
CA ASP A 53 8.19 -1.39 -10.41
C ASP A 53 8.42 -0.27 -11.41
N ALA A 54 7.48 0.66 -11.42
CA ALA A 54 7.55 1.82 -12.29
C ALA A 54 8.69 2.73 -11.83
N GLN A 55 8.91 2.78 -10.51
CA GLN A 55 9.97 3.61 -9.94
C GLN A 55 11.27 2.83 -9.84
N ALA A 56 11.22 1.56 -10.25
CA ALA A 56 12.40 0.69 -10.21
C ALA A 56 13.36 1.04 -11.34
N PRO A 57 14.65 0.92 -11.09
CA PRO A 57 15.69 1.23 -12.09
C PRO A 57 15.47 0.49 -13.41
N LYS A 58 16.02 1.05 -14.47
CA LYS A 58 15.90 0.48 -15.82
C LYS A 58 17.25 0.49 -16.53
N VAL A 1 -10.46 -9.91 22.51
CA VAL A 1 -9.54 -10.39 21.44
C VAL A 1 -9.28 -9.26 20.46
N ASP A 2 -8.01 -9.04 20.13
CA ASP A 2 -7.63 -7.98 19.19
C ASP A 2 -7.69 -8.51 17.76
N ASN A 3 -8.64 -7.98 16.99
CA ASN A 3 -8.81 -8.39 15.59
C ASN A 3 -9.54 -7.30 14.81
N LYS A 4 -9.11 -6.05 15.03
CA LYS A 4 -9.72 -4.91 14.36
C LYS A 4 -9.41 -4.95 12.87
N PHE A 5 -10.38 -4.51 12.05
CA PHE A 5 -10.21 -4.50 10.60
C PHE A 5 -9.09 -3.55 10.21
N ASN A 6 -8.87 -2.55 11.06
CA ASN A 6 -7.83 -1.54 10.86
C ASN A 6 -6.45 -2.18 10.76
N LYS A 7 -6.29 -3.34 11.39
CA LYS A 7 -5.01 -4.05 11.40
C LYS A 7 -4.54 -4.33 9.97
N GLU A 8 -5.48 -4.67 9.11
CA GLU A 8 -5.17 -4.95 7.71
C GLU A 8 -4.70 -3.70 6.98
N LEU A 9 -5.22 -2.56 7.38
CA LEU A 9 -4.85 -1.29 6.78
C LEU A 9 -3.42 -0.93 7.14
N GLY A 10 -3.03 -1.24 8.38
CA GLY A 10 -1.68 -0.97 8.82
C GLY A 10 -0.76 -1.98 8.19
N TRP A 11 -1.34 -3.15 7.93
CA TRP A 11 -0.61 -4.23 7.32
C TRP A 11 -0.15 -3.86 5.93
N ALA A 12 -1.09 -3.40 5.11
CA ALA A 12 -0.77 -3.01 3.75
C ALA A 12 0.08 -1.74 3.72
N THR A 13 -0.11 -0.88 4.71
CA THR A 13 0.63 0.37 4.75
C THR A 13 2.11 0.08 4.81
N TRP A 14 2.49 -0.83 5.70
CA TRP A 14 3.87 -1.21 5.84
C TRP A 14 4.33 -2.03 4.62
N GLU A 15 3.44 -2.89 4.08
CA GLU A 15 3.77 -3.70 2.90
C GLU A 15 4.17 -2.81 1.72
N ILE A 16 3.34 -1.81 1.50
CA ILE A 16 3.54 -0.84 0.44
C ILE A 16 4.75 0.00 0.75
N PHE A 17 4.85 0.41 2.01
CA PHE A 17 5.98 1.20 2.48
C PHE A 17 7.29 0.41 2.40
N ASN A 18 7.20 -0.92 2.30
CA ASN A 18 8.38 -1.77 2.24
C ASN A 18 8.91 -1.85 0.81
N LEU A 19 8.39 -0.96 -0.05
CA LEU A 19 8.83 -0.91 -1.44
C LEU A 19 10.05 -0.03 -1.55
N PRO A 20 11.12 -0.55 -2.09
CA PRO A 20 12.37 0.22 -2.20
C PRO A 20 12.38 1.30 -3.29
N ASN A 21 11.23 1.61 -3.93
CA ASN A 21 11.24 2.60 -5.00
C ASN A 21 10.16 3.65 -4.78
N LEU A 22 9.21 3.36 -3.88
CA LEU A 22 8.12 4.30 -3.62
C LEU A 22 8.59 5.60 -3.00
N ASN A 23 7.72 6.59 -3.14
CA ASN A 23 7.89 7.90 -2.56
C ASN A 23 6.75 8.08 -1.56
N GLY A 24 7.00 8.84 -0.51
CA GLY A 24 5.98 9.08 0.51
C GLY A 24 4.63 9.44 -0.12
N VAL A 25 4.69 10.02 -1.32
CA VAL A 25 3.48 10.41 -2.04
C VAL A 25 2.74 9.18 -2.58
N GLN A 26 3.48 8.27 -3.23
CA GLN A 26 2.89 7.08 -3.80
C GLN A 26 2.41 6.13 -2.72
N VAL A 27 3.24 5.94 -1.69
CA VAL A 27 2.86 5.06 -0.61
C VAL A 27 1.58 5.57 0.02
N LYS A 28 1.60 6.85 0.38
CA LYS A 28 0.44 7.50 0.98
C LYS A 28 -0.76 7.34 0.09
N ALA A 29 -0.54 7.36 -1.22
CA ALA A 29 -1.62 7.18 -2.16
C ALA A 29 -2.22 5.81 -1.96
N PHE A 30 -1.35 4.82 -1.77
CA PHE A 30 -1.78 3.48 -1.53
C PHE A 30 -2.34 3.37 -0.13
N ILE A 31 -1.70 4.10 0.80
CA ILE A 31 -2.18 4.13 2.18
C ILE A 31 -3.57 4.80 2.18
N ASP A 32 -3.74 5.77 1.26
CA ASP A 32 -5.01 6.48 1.14
C ASP A 32 -6.05 5.53 0.56
N SER A 33 -5.63 4.73 -0.42
CA SER A 33 -6.51 3.75 -1.04
C SER A 33 -6.98 2.74 0.00
N LEU A 34 -6.12 2.44 0.97
CA LEU A 34 -6.44 1.50 2.04
C LEU A 34 -7.69 1.98 2.78
N ARG A 35 -7.68 3.26 3.13
CA ARG A 35 -8.80 3.88 3.83
C ARG A 35 -10.03 3.90 2.95
N ASP A 36 -9.81 4.19 1.66
CA ASP A 36 -10.90 4.24 0.68
C ASP A 36 -11.54 2.87 0.52
N ASP A 37 -10.71 1.84 0.65
CA ASP A 37 -11.15 0.47 0.54
C ASP A 37 -10.09 -0.45 1.13
N PRO A 38 -10.33 -0.93 2.34
CA PRO A 38 -9.39 -1.82 3.06
C PRO A 38 -9.34 -3.23 2.48
N SER A 39 -10.38 -3.61 1.75
CA SER A 39 -10.44 -4.92 1.13
C SER A 39 -9.42 -5.00 -0.01
N GLN A 40 -9.03 -3.83 -0.51
CA GLN A 40 -8.10 -3.73 -1.63
C GLN A 40 -6.66 -3.70 -1.18
N SER A 41 -6.39 -3.71 0.12
CA SER A 41 -5.01 -3.62 0.61
C SER A 41 -4.02 -4.41 -0.25
N ALA A 42 -4.40 -5.60 -0.67
CA ALA A 42 -3.52 -6.41 -1.51
C ALA A 42 -3.37 -5.80 -2.91
N ASN A 43 -4.45 -5.18 -3.38
CA ASN A 43 -4.47 -4.53 -4.68
C ASN A 43 -3.64 -3.25 -4.62
N LEU A 44 -3.75 -2.57 -3.49
CA LEU A 44 -3.03 -1.34 -3.23
C LEU A 44 -1.58 -1.71 -3.20
N LEU A 45 -1.34 -2.87 -2.64
CA LEU A 45 -0.03 -3.48 -2.60
C LEU A 45 0.42 -3.70 -4.03
N ALA A 46 -0.53 -4.23 -4.81
CA ALA A 46 -0.32 -4.55 -6.20
C ALA A 46 0.05 -3.31 -6.96
N GLU A 47 -0.73 -2.28 -6.70
CA GLU A 47 -0.55 -1.00 -7.29
C GLU A 47 0.77 -0.43 -6.81
N ALA A 48 1.09 -0.78 -5.58
CA ALA A 48 2.31 -0.32 -4.96
C ALA A 48 3.49 -0.94 -5.67
N LYS A 49 3.39 -2.25 -5.91
CA LYS A 49 4.45 -2.96 -6.63
C LYS A 49 4.54 -2.38 -8.02
N LYS A 50 3.39 -2.05 -8.56
CA LYS A 50 3.31 -1.44 -9.88
C LYS A 50 4.06 -0.12 -9.87
N LEU A 51 3.86 0.65 -8.80
CA LEU A 51 4.54 1.92 -8.66
C LEU A 51 6.03 1.69 -8.38
N ASN A 52 6.33 0.73 -7.50
CA ASN A 52 7.73 0.41 -7.19
C ASN A 52 8.43 -0.08 -8.44
N ASP A 53 7.75 -0.96 -9.17
CA ASP A 53 8.26 -1.52 -10.41
C ASP A 53 8.51 -0.39 -11.39
N ALA A 54 7.59 0.56 -11.38
CA ALA A 54 7.68 1.73 -12.24
C ALA A 54 8.84 2.61 -11.78
N GLN A 55 9.09 2.65 -10.47
CA GLN A 55 10.18 3.45 -9.93
C GLN A 55 11.46 2.63 -9.82
N ALA A 56 11.40 1.38 -10.28
CA ALA A 56 12.55 0.48 -10.25
C ALA A 56 13.45 0.73 -11.44
N PRO A 57 14.67 0.23 -11.39
CA PRO A 57 15.67 0.41 -12.46
C PRO A 57 15.39 -0.50 -13.66
N LYS A 58 16.03 -0.18 -14.79
CA LYS A 58 15.88 -0.94 -16.04
C LYS A 58 14.45 -0.83 -16.59
N VAL A 1 -11.32 -14.10 14.03
CA VAL A 1 -12.35 -13.18 14.59
C VAL A 1 -11.66 -12.02 15.31
N ASP A 2 -10.59 -12.35 16.03
CA ASP A 2 -9.81 -11.35 16.77
C ASP A 2 -9.24 -10.31 15.81
N ASN A 3 -8.88 -10.77 14.62
CA ASN A 3 -8.32 -9.90 13.59
C ASN A 3 -9.38 -8.94 13.06
N LYS A 4 -9.16 -7.64 13.29
CA LYS A 4 -10.09 -6.61 12.84
C LYS A 4 -9.64 -6.02 11.51
N PHE A 5 -10.60 -5.45 10.80
CA PHE A 5 -10.35 -4.86 9.49
C PHE A 5 -9.30 -3.77 9.55
N ASN A 6 -9.32 -2.99 10.61
CA ASN A 6 -8.38 -1.89 10.77
C ASN A 6 -6.93 -2.40 10.69
N LYS A 7 -6.71 -3.61 11.20
CA LYS A 7 -5.38 -4.21 11.19
C LYS A 7 -4.88 -4.35 9.75
N GLU A 8 -5.82 -4.63 8.85
CA GLU A 8 -5.52 -4.79 7.43
C GLU A 8 -4.92 -3.51 6.84
N LEU A 9 -5.35 -2.37 7.37
CA LEU A 9 -4.86 -1.09 6.88
C LEU A 9 -3.42 -0.87 7.32
N GLY A 10 -3.08 -1.33 8.52
CA GLY A 10 -1.72 -1.21 9.02
C GLY A 10 -0.89 -2.24 8.31
N TRP A 11 -1.56 -3.34 7.96
CA TRP A 11 -0.93 -4.44 7.28
C TRP A 11 -0.42 -4.03 5.90
N ALA A 12 -1.32 -3.46 5.10
CA ALA A 12 -0.96 -3.03 3.77
C ALA A 12 0.00 -1.86 3.80
N THR A 13 -0.13 -1.01 4.82
CA THR A 13 0.72 0.16 4.92
C THR A 13 2.16 -0.27 4.99
N TRP A 14 2.43 -1.22 5.88
CA TRP A 14 3.78 -1.72 6.02
C TRP A 14 4.21 -2.46 4.75
N GLU A 15 3.30 -3.22 4.12
CA GLU A 15 3.62 -3.94 2.88
C GLU A 15 4.09 -2.98 1.78
N ILE A 16 3.32 -1.91 1.60
CA ILE A 16 3.59 -0.88 0.60
C ILE A 16 4.78 -0.04 1.05
N PHE A 17 4.80 0.23 2.34
CA PHE A 17 5.88 0.99 2.98
C PHE A 17 7.23 0.28 2.78
N ASN A 18 7.19 -1.03 2.51
CA ASN A 18 8.41 -1.82 2.33
C ASN A 18 8.87 -1.82 0.88
N LEU A 19 8.32 -0.90 0.07
CA LEU A 19 8.71 -0.82 -1.32
C LEU A 19 9.91 0.09 -1.47
N PRO A 20 11.00 -0.42 -1.98
CA PRO A 20 12.24 0.36 -2.11
C PRO A 20 12.25 1.40 -3.24
N ASN A 21 11.11 1.62 -3.95
CA ASN A 21 11.13 2.58 -5.04
C ASN A 21 10.02 3.63 -4.89
N LEU A 22 9.08 3.39 -3.98
CA LEU A 22 7.99 4.34 -3.77
C LEU A 22 8.48 5.67 -3.21
N ASN A 23 7.64 6.67 -3.36
CA ASN A 23 7.90 8.01 -2.84
C ASN A 23 6.72 8.41 -1.96
N GLY A 24 6.96 9.30 -1.01
CA GLY A 24 5.93 9.75 -0.07
C GLY A 24 4.55 9.92 -0.71
N VAL A 25 4.52 10.30 -1.99
CA VAL A 25 3.25 10.50 -2.70
C VAL A 25 2.58 9.17 -3.02
N GLN A 26 3.34 8.25 -3.63
CA GLN A 26 2.81 6.95 -4.03
C GLN A 26 2.49 6.07 -2.83
N VAL A 27 3.41 6.03 -1.87
CA VAL A 27 3.21 5.21 -0.69
C VAL A 27 1.93 5.64 0.03
N LYS A 28 1.86 6.93 0.32
CA LYS A 28 0.72 7.54 0.96
C LYS A 28 -0.54 7.32 0.15
N ALA A 29 -0.40 7.35 -1.17
CA ALA A 29 -1.52 7.16 -2.06
C ALA A 29 -2.08 5.77 -1.84
N PHE A 30 -1.19 4.79 -1.70
CA PHE A 30 -1.60 3.45 -1.47
C PHE A 30 -2.11 3.33 -0.05
N ILE A 31 -1.45 4.05 0.89
CA ILE A 31 -1.91 4.05 2.27
C ILE A 31 -3.31 4.70 2.29
N ASP A 32 -3.50 5.70 1.41
CA ASP A 32 -4.79 6.40 1.32
C ASP A 32 -5.86 5.46 0.76
N SER A 33 -5.46 4.64 -0.20
CA SER A 33 -6.37 3.70 -0.84
C SER A 33 -6.91 2.70 0.19
N LEU A 34 -6.08 2.38 1.20
CA LEU A 34 -6.51 1.45 2.25
C LEU A 34 -7.77 1.97 2.92
N ARG A 35 -7.77 3.28 3.21
CA ARG A 35 -8.90 3.93 3.86
C ARG A 35 -10.12 3.93 2.93
N ASP A 36 -9.85 4.17 1.65
CA ASP A 36 -10.89 4.20 0.63
C ASP A 36 -11.55 2.83 0.51
N ASP A 37 -10.71 1.82 0.63
CA ASP A 37 -11.16 0.43 0.57
C ASP A 37 -10.02 -0.46 1.08
N PRO A 38 -10.12 -0.89 2.31
CA PRO A 38 -9.08 -1.74 2.94
C PRO A 38 -9.04 -3.16 2.42
N SER A 39 -10.16 -3.63 1.87
CA SER A 39 -10.21 -4.98 1.32
C SER A 39 -9.32 -5.09 0.10
N GLN A 40 -8.96 -3.92 -0.44
CA GLN A 40 -8.12 -3.83 -1.61
C GLN A 40 -6.65 -3.78 -1.25
N SER A 41 -6.33 -3.86 0.04
CA SER A 41 -4.95 -3.76 0.50
C SER A 41 -3.98 -4.46 -0.43
N ALA A 42 -4.32 -5.67 -0.87
CA ALA A 42 -3.45 -6.42 -1.77
C ALA A 42 -3.33 -5.72 -3.12
N ASN A 43 -4.41 -5.09 -3.54
CA ASN A 43 -4.46 -4.35 -4.78
C ASN A 43 -3.63 -3.08 -4.67
N LEU A 44 -3.73 -2.47 -3.50
CA LEU A 44 -3.01 -1.25 -3.18
C LEU A 44 -1.55 -1.61 -3.17
N LEU A 45 -1.31 -2.81 -2.68
CA LEU A 45 0.00 -3.41 -2.67
C LEU A 45 0.43 -3.59 -4.11
N ALA A 46 -0.53 -4.10 -4.88
CA ALA A 46 -0.32 -4.39 -6.28
C ALA A 46 0.03 -3.13 -7.02
N GLU A 47 -0.74 -2.10 -6.72
CA GLU A 47 -0.54 -0.80 -7.28
C GLU A 47 0.80 -0.27 -6.81
N ALA A 48 1.11 -0.62 -5.57
CA ALA A 48 2.35 -0.22 -4.97
C ALA A 48 3.51 -0.92 -5.64
N LYS A 49 3.34 -2.23 -5.84
CA LYS A 49 4.36 -3.01 -6.51
C LYS A 49 4.54 -2.46 -7.91
N LYS A 50 3.41 -2.07 -8.48
CA LYS A 50 3.39 -1.50 -9.82
C LYS A 50 4.10 -0.15 -9.83
N LEU A 51 3.84 0.65 -8.81
CA LEU A 51 4.48 1.96 -8.71
C LEU A 51 5.96 1.78 -8.40
N ASN A 52 6.24 0.85 -7.49
CA ASN A 52 7.61 0.54 -7.12
C ASN A 52 8.37 0.00 -8.33
N ASP A 53 7.72 -0.92 -9.04
CA ASP A 53 8.30 -1.51 -10.24
C ASP A 53 8.55 -0.42 -11.26
N ALA A 54 7.61 0.51 -11.32
CA ALA A 54 7.71 1.64 -12.22
C ALA A 54 8.84 2.58 -11.77
N GLN A 55 9.03 2.67 -10.45
CA GLN A 55 10.08 3.52 -9.90
C GLN A 55 11.37 2.74 -9.69
N ALA A 56 11.35 1.47 -10.10
CA ALA A 56 12.51 0.59 -9.97
C ALA A 56 13.56 0.93 -11.01
N PRO A 57 14.77 0.46 -10.83
CA PRO A 57 15.91 0.72 -11.75
C PRO A 57 15.86 -0.19 -12.98
N LYS A 58 14.64 -0.52 -13.39
CA LYS A 58 14.40 -1.37 -14.56
C LYS A 58 15.27 -2.65 -14.51
N VAL A 1 -16.88 -5.79 22.50
CA VAL A 1 -15.60 -5.30 21.92
C VAL A 1 -15.04 -6.38 20.97
N ASP A 2 -14.37 -5.93 19.92
CA ASP A 2 -13.79 -6.83 18.93
C ASP A 2 -12.56 -6.20 18.28
N ASN A 3 -11.76 -7.04 17.61
CA ASN A 3 -10.55 -6.58 16.93
C ASN A 3 -10.91 -5.60 15.82
N LYS A 4 -10.10 -4.54 15.68
CA LYS A 4 -10.33 -3.52 14.66
C LYS A 4 -9.78 -3.97 13.32
N PHE A 5 -10.56 -3.76 12.26
CA PHE A 5 -10.15 -4.12 10.91
C PHE A 5 -9.02 -3.21 10.43
N ASN A 6 -8.84 -2.10 11.15
CA ASN A 6 -7.81 -1.11 10.84
C ASN A 6 -6.43 -1.74 10.78
N LYS A 7 -6.24 -2.83 11.53
CA LYS A 7 -4.95 -3.52 11.57
C LYS A 7 -4.52 -3.95 10.18
N GLU A 8 -5.49 -4.38 9.38
CA GLU A 8 -5.23 -4.81 8.00
C GLU A 8 -4.75 -3.64 7.15
N LEU A 9 -5.25 -2.46 7.46
CA LEU A 9 -4.88 -1.26 6.73
C LEU A 9 -3.45 -0.87 7.06
N GLY A 10 -3.05 -1.13 8.29
CA GLY A 10 -1.69 -0.84 8.73
C GLY A 10 -0.77 -1.87 8.11
N TRP A 11 -1.35 -3.05 7.90
CA TRP A 11 -0.62 -4.15 7.33
C TRP A 11 -0.14 -3.80 5.92
N ALA A 12 -1.07 -3.36 5.10
CA ALA A 12 -0.73 -2.98 3.73
C ALA A 12 0.11 -1.72 3.70
N THR A 13 -0.09 -0.85 4.69
CA THR A 13 0.64 0.40 4.74
C THR A 13 2.12 0.11 4.80
N TRP A 14 2.50 -0.78 5.71
CA TRP A 14 3.88 -1.16 5.85
C TRP A 14 4.35 -1.99 4.64
N GLU A 15 3.46 -2.86 4.09
CA GLU A 15 3.80 -3.67 2.91
C GLU A 15 4.20 -2.78 1.74
N ILE A 16 3.37 -1.79 1.51
CA ILE A 16 3.56 -0.82 0.44
C ILE A 16 4.77 0.04 0.76
N PHE A 17 4.85 0.44 2.00
CA PHE A 17 5.98 1.24 2.48
C PHE A 17 7.29 0.46 2.40
N ASN A 18 7.20 -0.87 2.33
CA ASN A 18 8.38 -1.72 2.26
C ASN A 18 8.86 -1.85 0.81
N LEU A 19 8.39 -0.94 -0.04
CA LEU A 19 8.78 -0.96 -1.44
C LEU A 19 10.02 -0.13 -1.62
N PRO A 20 11.05 -0.69 -2.20
CA PRO A 20 12.32 0.02 -2.37
C PRO A 20 12.33 1.15 -3.40
N ASN A 21 11.20 1.47 -4.06
CA ASN A 21 11.23 2.53 -5.06
C ASN A 21 10.13 3.56 -4.84
N LEU A 22 9.23 3.30 -3.88
CA LEU A 22 8.14 4.23 -3.61
C LEU A 22 8.61 5.53 -2.99
N ASN A 23 7.70 6.50 -3.07
CA ASN A 23 7.88 7.80 -2.46
C ASN A 23 6.79 7.94 -1.40
N GLY A 24 7.05 8.73 -0.36
CA GLY A 24 6.05 8.92 0.68
C GLY A 24 4.70 9.30 0.06
N VAL A 25 4.76 9.91 -1.13
CA VAL A 25 3.55 10.31 -1.85
C VAL A 25 2.83 9.09 -2.43
N GLN A 26 3.58 8.24 -3.13
CA GLN A 26 3.01 7.05 -3.75
C GLN A 26 2.51 6.08 -2.71
N VAL A 27 3.29 5.90 -1.65
CA VAL A 27 2.88 5.01 -0.59
C VAL A 27 1.60 5.55 0.03
N LYS A 28 1.64 6.83 0.38
CA LYS A 28 0.51 7.54 0.97
C LYS A 28 -0.71 7.38 0.07
N ALA A 29 -0.47 7.37 -1.24
CA ALA A 29 -1.55 7.19 -2.19
C ALA A 29 -2.19 5.83 -1.97
N PHE A 30 -1.34 4.82 -1.77
CA PHE A 30 -1.80 3.49 -1.53
C PHE A 30 -2.35 3.41 -0.12
N ILE A 31 -1.70 4.12 0.81
CA ILE A 31 -2.17 4.16 2.18
C ILE A 31 -3.56 4.83 2.16
N ASP A 32 -3.72 5.80 1.25
CA ASP A 32 -4.99 6.51 1.10
C ASP A 32 -6.04 5.56 0.51
N SER A 33 -5.60 4.75 -0.45
CA SER A 33 -6.49 3.78 -1.09
C SER A 33 -6.99 2.77 -0.06
N LEU A 34 -6.14 2.48 0.93
CA LEU A 34 -6.49 1.52 1.99
C LEU A 34 -7.77 1.99 2.70
N ARG A 35 -7.79 3.27 3.03
CA ARG A 35 -8.93 3.89 3.70
C ARG A 35 -10.16 3.85 2.80
N ASP A 36 -9.92 4.10 1.51
CA ASP A 36 -11.00 4.09 0.51
C ASP A 36 -11.60 2.70 0.37
N ASP A 37 -10.75 1.71 0.59
CA ASP A 37 -11.15 0.31 0.51
C ASP A 37 -10.11 -0.56 1.19
N PRO A 38 -10.39 -1.04 2.37
CA PRO A 38 -9.46 -1.90 3.14
C PRO A 38 -9.31 -3.30 2.56
N SER A 39 -10.31 -3.75 1.79
CA SER A 39 -10.26 -5.05 1.16
C SER A 39 -9.23 -5.06 0.04
N GLN A 40 -8.98 -3.87 -0.50
CA GLN A 40 -8.04 -3.71 -1.61
C GLN A 40 -6.60 -3.68 -1.17
N SER A 41 -6.33 -3.69 0.13
CA SER A 41 -4.96 -3.60 0.62
C SER A 41 -3.97 -4.40 -0.24
N ALA A 42 -4.36 -5.59 -0.67
CA ALA A 42 -3.50 -6.42 -1.50
C ALA A 42 -3.34 -5.80 -2.90
N ASN A 43 -4.42 -5.18 -3.37
CA ASN A 43 -4.44 -4.53 -4.66
C ASN A 43 -3.61 -3.26 -4.62
N LEU A 44 -3.72 -2.57 -3.49
CA LEU A 44 -2.98 -1.35 -3.23
C LEU A 44 -1.53 -1.72 -3.21
N LEU A 45 -1.30 -2.88 -2.65
CA LEU A 45 0.02 -3.48 -2.62
C LEU A 45 0.46 -3.70 -4.05
N ALA A 46 -0.49 -4.22 -4.82
CA ALA A 46 -0.29 -4.55 -6.22
C ALA A 46 0.06 -3.29 -6.99
N GLU A 47 -0.73 -2.27 -6.72
CA GLU A 47 -0.55 -0.99 -7.32
C GLU A 47 0.77 -0.40 -6.85
N ALA A 48 1.09 -0.73 -5.62
CA ALA A 48 2.32 -0.29 -5.00
C ALA A 48 3.48 -0.96 -5.69
N LYS A 49 3.34 -2.27 -5.91
CA LYS A 49 4.38 -3.02 -6.59
C LYS A 49 4.54 -2.43 -7.96
N LYS A 50 3.40 -2.06 -8.53
CA LYS A 50 3.36 -1.45 -9.86
C LYS A 50 4.04 -0.09 -9.85
N LEU A 51 3.78 0.70 -8.81
CA LEU A 51 4.41 2.02 -8.72
C LEU A 51 5.89 1.85 -8.43
N ASN A 52 6.20 0.91 -7.54
CA ASN A 52 7.58 0.60 -7.20
C ASN A 52 8.31 0.08 -8.43
N ASP A 53 7.66 -0.82 -9.15
CA ASP A 53 8.22 -1.41 -10.36
C ASP A 53 8.47 -0.31 -11.37
N ALA A 54 7.53 0.61 -11.43
CA ALA A 54 7.61 1.76 -12.31
C ALA A 54 8.74 2.68 -11.85
N GLN A 55 8.94 2.72 -10.52
CA GLN A 55 9.99 3.54 -9.92
C GLN A 55 11.29 2.76 -9.79
N ALA A 56 11.26 1.50 -10.24
CA ALA A 56 12.44 0.63 -10.19
C ALA A 56 13.42 0.96 -11.30
N PRO A 57 14.64 0.49 -11.18
CA PRO A 57 15.71 0.75 -12.18
C PRO A 57 15.54 -0.11 -13.43
N LYS A 58 16.25 0.28 -14.49
CA LYS A 58 16.22 -0.44 -15.78
C LYS A 58 14.77 -0.67 -16.24
N VAL A 1 -17.42 -1.07 3.26
CA VAL A 1 -16.22 -1.59 3.97
C VAL A 1 -15.82 -0.62 5.08
N ASP A 2 -15.13 -1.14 6.09
CA ASP A 2 -14.67 -0.31 7.21
C ASP A 2 -13.49 0.55 6.78
N ASN A 3 -13.73 1.85 6.66
CA ASN A 3 -12.68 2.79 6.24
C ASN A 3 -11.76 3.15 7.40
N LYS A 4 -12.01 2.56 8.57
CA LYS A 4 -11.19 2.81 9.76
C LYS A 4 -9.91 1.98 9.68
N PHE A 5 -8.78 2.62 9.94
CA PHE A 5 -7.48 1.94 9.91
C PHE A 5 -7.32 1.07 11.14
N ASN A 6 -6.86 -0.13 10.87
CA ASN A 6 -6.66 -1.14 11.89
C ASN A 6 -5.51 -2.03 11.45
N LYS A 7 -5.51 -3.26 11.94
CA LYS A 7 -4.48 -4.23 11.57
C LYS A 7 -4.49 -4.45 10.06
N GLU A 8 -5.65 -4.21 9.45
CA GLU A 8 -5.80 -4.40 7.99
C GLU A 8 -5.09 -3.31 7.22
N LEU A 9 -5.35 -2.09 7.63
CA LEU A 9 -4.76 -0.94 7.00
C LEU A 9 -3.29 -0.81 7.36
N GLY A 10 -2.92 -1.35 8.52
CA GLY A 10 -1.54 -1.32 8.94
C GLY A 10 -0.79 -2.35 8.15
N TRP A 11 -1.54 -3.39 7.75
CA TRP A 11 -0.98 -4.47 6.99
C TRP A 11 -0.47 -4.01 5.62
N ALA A 12 -1.32 -3.39 4.83
CA ALA A 12 -0.88 -2.93 3.52
C ALA A 12 0.04 -1.72 3.61
N THR A 13 -0.18 -0.86 4.60
CA THR A 13 0.61 0.36 4.70
C THR A 13 2.07 0.05 4.83
N TRP A 14 2.44 -0.86 5.73
CA TRP A 14 3.84 -1.22 5.88
C TRP A 14 4.32 -2.00 4.63
N GLU A 15 3.46 -2.90 4.07
CA GLU A 15 3.82 -3.68 2.88
C GLU A 15 4.21 -2.78 1.72
N ILE A 16 3.37 -1.79 1.49
CA ILE A 16 3.56 -0.81 0.43
C ILE A 16 4.76 0.05 0.77
N PHE A 17 4.83 0.44 2.01
CA PHE A 17 5.95 1.25 2.50
C PHE A 17 7.28 0.48 2.42
N ASN A 18 7.20 -0.84 2.33
CA ASN A 18 8.40 -1.67 2.25
C ASN A 18 8.90 -1.78 0.82
N LEU A 19 8.40 -0.89 -0.04
CA LEU A 19 8.81 -0.88 -1.42
C LEU A 19 10.04 -0.04 -1.58
N PRO A 20 11.10 -0.58 -2.12
CA PRO A 20 12.36 0.16 -2.26
C PRO A 20 12.37 1.26 -3.31
N ASN A 21 11.25 1.52 -4.01
CA ASN A 21 11.26 2.55 -5.04
C ASN A 21 10.13 3.56 -4.86
N LEU A 22 9.28 3.36 -3.84
CA LEU A 22 8.18 4.29 -3.59
C LEU A 22 8.66 5.59 -2.97
N ASN A 23 7.73 6.53 -2.97
CA ASN A 23 7.91 7.84 -2.39
C ASN A 23 6.74 8.06 -1.44
N GLY A 24 6.96 8.87 -0.40
CA GLY A 24 5.92 9.13 0.59
C GLY A 24 4.59 9.49 -0.08
N VAL A 25 4.65 10.03 -1.30
CA VAL A 25 3.45 10.39 -2.04
C VAL A 25 2.73 9.16 -2.57
N GLN A 26 3.48 8.26 -3.21
CA GLN A 26 2.93 7.05 -3.78
C GLN A 26 2.43 6.11 -2.71
N VAL A 27 3.24 5.93 -1.68
CA VAL A 27 2.84 5.05 -0.60
C VAL A 27 1.55 5.57 0.01
N LYS A 28 1.56 6.85 0.36
CA LYS A 28 0.39 7.52 0.93
C LYS A 28 -0.79 7.36 0.01
N ALA A 29 -0.54 7.37 -1.29
CA ALA A 29 -1.59 7.19 -2.27
C ALA A 29 -2.21 5.81 -2.07
N PHE A 30 -1.34 4.82 -1.86
CA PHE A 30 -1.78 3.48 -1.62
C PHE A 30 -2.37 3.40 -0.22
N ILE A 31 -1.76 4.14 0.72
CA ILE A 31 -2.27 4.20 2.08
C ILE A 31 -3.65 4.86 2.03
N ASP A 32 -3.80 5.83 1.11
CA ASP A 32 -5.07 6.53 0.94
C ASP A 32 -6.12 5.59 0.39
N SER A 33 -5.69 4.67 -0.45
CA SER A 33 -6.59 3.68 -1.02
C SER A 33 -7.02 2.68 0.06
N LEU A 34 -6.13 2.45 1.03
CA LEU A 34 -6.41 1.51 2.14
C LEU A 34 -7.67 1.92 2.89
N ARG A 35 -7.69 3.16 3.34
CA ARG A 35 -8.83 3.70 4.09
C ARG A 35 -10.06 3.76 3.18
N ASP A 36 -9.85 4.12 1.93
CA ASP A 36 -10.94 4.18 0.96
C ASP A 36 -11.57 2.81 0.80
N ASP A 37 -10.73 1.79 0.90
CA ASP A 37 -11.15 0.40 0.80
C ASP A 37 -10.01 -0.53 1.23
N PRO A 38 -10.09 -1.05 2.43
CA PRO A 38 -9.05 -1.94 3.00
C PRO A 38 -9.04 -3.33 2.36
N SER A 39 -10.16 -3.71 1.76
CA SER A 39 -10.26 -5.01 1.10
C SER A 39 -9.28 -5.05 -0.06
N GLN A 40 -8.96 -3.86 -0.56
CA GLN A 40 -8.04 -3.72 -1.68
C GLN A 40 -6.60 -3.71 -1.24
N SER A 41 -6.34 -3.74 0.07
CA SER A 41 -4.97 -3.68 0.59
C SER A 41 -3.98 -4.45 -0.27
N ALA A 42 -4.35 -5.64 -0.72
CA ALA A 42 -3.47 -6.43 -1.58
C ALA A 42 -3.32 -5.80 -2.96
N ASN A 43 -4.40 -5.17 -3.43
CA ASN A 43 -4.42 -4.49 -4.71
C ASN A 43 -3.60 -3.23 -4.64
N LEU A 44 -3.70 -2.55 -3.50
CA LEU A 44 -2.98 -1.33 -3.22
C LEU A 44 -1.52 -1.70 -3.21
N LEU A 45 -1.27 -2.88 -2.68
CA LEU A 45 0.04 -3.46 -2.67
C LEU A 45 0.48 -3.65 -4.11
N ALA A 46 -0.47 -4.17 -4.88
CA ALA A 46 -0.28 -4.46 -6.29
C ALA A 46 0.05 -3.19 -7.03
N GLU A 47 -0.73 -2.18 -6.73
CA GLU A 47 -0.55 -0.87 -7.30
C GLU A 47 0.76 -0.30 -6.82
N ALA A 48 1.12 -0.69 -5.61
CA ALA A 48 2.35 -0.25 -5.00
C ALA A 48 3.51 -0.91 -5.70
N LYS A 49 3.37 -2.22 -5.93
CA LYS A 49 4.39 -2.98 -6.64
C LYS A 49 4.52 -2.38 -8.01
N LYS A 50 3.36 -1.96 -8.53
CA LYS A 50 3.28 -1.35 -9.85
C LYS A 50 4.05 -0.04 -9.86
N LEU A 51 3.88 0.74 -8.79
CA LEU A 51 4.59 2.01 -8.67
C LEU A 51 6.07 1.74 -8.45
N ASN A 52 6.35 0.82 -7.53
CA ASN A 52 7.72 0.44 -7.22
C ASN A 52 8.43 -0.13 -8.44
N ASP A 53 7.74 -1.02 -9.16
CA ASP A 53 8.29 -1.65 -10.34
C ASP A 53 8.63 -0.59 -11.38
N ALA A 54 7.71 0.34 -11.52
CA ALA A 54 7.88 1.45 -12.44
C ALA A 54 9.03 2.33 -11.97
N GLN A 55 9.18 2.40 -10.64
CA GLN A 55 10.23 3.20 -10.03
C GLN A 55 11.51 2.38 -9.84
N ALA A 56 11.44 1.10 -10.19
CA ALA A 56 12.59 0.20 -10.07
C ALA A 56 13.55 0.42 -11.22
N PRO A 57 14.83 0.31 -10.96
CA PRO A 57 15.88 0.49 -12.00
C PRO A 57 15.63 -0.38 -13.23
N LYS A 58 16.08 0.12 -14.37
CA LYS A 58 15.92 -0.59 -15.65
C LYS A 58 17.13 -0.36 -16.55
N VAL A 1 -2.59 -14.75 14.46
CA VAL A 1 -3.98 -14.82 13.95
C VAL A 1 -4.67 -13.49 14.19
N ASP A 2 -5.29 -12.94 13.14
CA ASP A 2 -5.98 -11.66 13.23
C ASP A 2 -7.22 -11.64 12.33
N ASN A 3 -8.08 -10.65 12.55
CA ASN A 3 -9.32 -10.50 11.77
C ASN A 3 -9.15 -9.36 10.77
N LYS A 4 -10.16 -9.21 9.90
CA LYS A 4 -10.13 -8.15 8.88
C LYS A 4 -10.72 -6.87 9.44
N PHE A 5 -9.87 -5.86 9.64
CA PHE A 5 -10.30 -4.56 10.17
C PHE A 5 -9.17 -3.53 10.03
N ASN A 6 -9.14 -2.53 10.93
CA ASN A 6 -8.13 -1.47 10.91
C ASN A 6 -6.72 -2.04 10.80
N LYS A 7 -6.48 -3.20 11.41
CA LYS A 7 -5.15 -3.82 11.39
C LYS A 7 -4.70 -4.05 9.96
N GLU A 8 -5.64 -4.42 9.11
CA GLU A 8 -5.35 -4.67 7.69
C GLU A 8 -4.81 -3.41 7.02
N LEU A 9 -5.28 -2.27 7.46
CA LEU A 9 -4.83 -0.99 6.90
C LEU A 9 -3.41 -0.71 7.32
N GLY A 10 -3.04 -1.09 8.54
CA GLY A 10 -1.68 -0.89 9.02
C GLY A 10 -0.82 -1.92 8.36
N TRP A 11 -1.45 -3.07 8.12
CA TRP A 11 -0.79 -4.19 7.50
C TRP A 11 -0.31 -3.86 6.11
N ALA A 12 -1.21 -3.37 5.28
CA ALA A 12 -0.85 -3.03 3.93
C ALA A 12 0.06 -1.81 3.91
N THR A 13 -0.13 -0.88 4.83
CA THR A 13 0.66 0.34 4.85
C THR A 13 2.13 0.02 4.95
N TRP A 14 2.47 -0.89 5.83
CA TRP A 14 3.85 -1.28 5.97
C TRP A 14 4.30 -2.08 4.72
N GLU A 15 3.39 -2.89 4.14
CA GLU A 15 3.68 -3.65 2.92
C GLU A 15 4.05 -2.72 1.76
N ILE A 16 3.24 -1.70 1.57
CA ILE A 16 3.43 -0.70 0.51
C ILE A 16 4.75 0.00 0.76
N PHE A 17 4.87 0.44 1.99
CA PHE A 17 6.06 1.14 2.47
C PHE A 17 7.32 0.27 2.37
N ASN A 18 7.16 -1.04 2.26
CA ASN A 18 8.29 -1.95 2.18
C ASN A 18 8.77 -2.08 0.74
N LEU A 19 8.46 -1.06 -0.08
CA LEU A 19 8.87 -1.06 -1.46
C LEU A 19 10.14 -0.26 -1.63
N PRO A 20 11.13 -0.83 -2.29
CA PRO A 20 12.44 -0.16 -2.43
C PRO A 20 12.48 1.04 -3.41
N ASN A 21 11.36 1.43 -4.04
CA ASN A 21 11.43 2.55 -4.98
C ASN A 21 10.31 3.56 -4.79
N LEU A 22 9.40 3.30 -3.85
CA LEU A 22 8.29 4.23 -3.61
C LEU A 22 8.73 5.55 -3.02
N ASN A 23 7.81 6.51 -3.13
CA ASN A 23 7.97 7.82 -2.57
C ASN A 23 6.83 8.01 -1.57
N GLY A 24 7.05 8.79 -0.52
CA GLY A 24 6.01 9.02 0.49
C GLY A 24 4.68 9.38 -0.15
N VAL A 25 4.74 9.97 -1.35
CA VAL A 25 3.54 10.36 -2.09
C VAL A 25 2.80 9.14 -2.62
N GLN A 26 3.56 8.24 -3.29
CA GLN A 26 2.97 7.04 -3.86
C GLN A 26 2.48 6.10 -2.79
N VAL A 27 3.30 5.92 -1.76
CA VAL A 27 2.93 5.03 -0.67
C VAL A 27 1.63 5.53 -0.03
N LYS A 28 1.60 6.82 0.28
CA LYS A 28 0.42 7.44 0.87
C LYS A 28 -0.77 7.26 -0.05
N ALA A 29 -0.52 7.29 -1.35
CA ALA A 29 -1.57 7.13 -2.34
C ALA A 29 -2.23 5.77 -2.22
N PHE A 30 -1.40 4.75 -1.99
CA PHE A 30 -1.89 3.40 -1.87
C PHE A 30 -2.58 3.24 -0.54
N ILE A 31 -1.96 3.81 0.49
CA ILE A 31 -2.53 3.80 1.82
C ILE A 31 -3.79 4.63 1.83
N ASP A 32 -3.79 5.70 1.01
CA ASP A 32 -4.99 6.54 0.90
C ASP A 32 -6.14 5.68 0.39
N SER A 33 -5.78 4.70 -0.45
CA SER A 33 -6.76 3.77 -1.00
C SER A 33 -7.15 2.73 0.06
N LEU A 34 -6.23 2.45 1.00
CA LEU A 34 -6.47 1.47 2.07
C LEU A 34 -7.71 1.86 2.88
N ARG A 35 -7.71 3.10 3.36
CA ARG A 35 -8.82 3.61 4.17
C ARG A 35 -10.08 3.70 3.32
N ASP A 36 -9.92 4.10 2.06
CA ASP A 36 -11.03 4.21 1.13
C ASP A 36 -11.64 2.83 0.89
N ASP A 37 -10.76 1.83 0.88
CA ASP A 37 -11.16 0.45 0.68
C ASP A 37 -10.09 -0.48 1.24
N PRO A 38 -10.31 -1.02 2.40
CA PRO A 38 -9.35 -1.93 3.07
C PRO A 38 -9.35 -3.34 2.47
N SER A 39 -10.44 -3.69 1.81
CA SER A 39 -10.56 -5.02 1.20
C SER A 39 -9.56 -5.19 0.08
N GLN A 40 -9.16 -4.08 -0.54
CA GLN A 40 -8.23 -4.12 -1.65
C GLN A 40 -6.79 -3.82 -1.22
N SER A 41 -6.52 -3.79 0.09
CA SER A 41 -5.19 -3.50 0.61
C SER A 41 -4.08 -4.20 -0.20
N ALA A 42 -4.33 -5.44 -0.60
CA ALA A 42 -3.36 -6.20 -1.39
C ALA A 42 -3.23 -5.64 -2.81
N ASN A 43 -4.33 -5.09 -3.31
CA ASN A 43 -4.36 -4.50 -4.63
C ASN A 43 -3.56 -3.21 -4.65
N LEU A 44 -3.65 -2.52 -3.53
CA LEU A 44 -2.95 -1.28 -3.30
C LEU A 44 -1.50 -1.59 -3.26
N LEU A 45 -1.23 -2.75 -2.68
CA LEU A 45 0.10 -3.30 -2.64
C LEU A 45 0.52 -3.60 -4.06
N ALA A 46 -0.43 -4.14 -4.80
CA ALA A 46 -0.22 -4.53 -6.18
C ALA A 46 0.13 -3.31 -6.99
N GLU A 47 -0.67 -2.28 -6.77
CA GLU A 47 -0.49 -1.02 -7.40
C GLU A 47 0.82 -0.41 -6.93
N ALA A 48 1.15 -0.73 -5.69
CA ALA A 48 2.37 -0.25 -5.09
C ALA A 48 3.56 -0.88 -5.77
N LYS A 49 3.47 -2.20 -5.98
CA LYS A 49 4.55 -2.91 -6.66
C LYS A 49 4.67 -2.35 -8.05
N LYS A 50 3.51 -1.99 -8.60
CA LYS A 50 3.44 -1.40 -9.93
C LYS A 50 4.14 -0.05 -9.92
N LEU A 51 3.90 0.73 -8.86
CA LEU A 51 4.53 2.04 -8.74
C LEU A 51 6.01 1.88 -8.44
N ASN A 52 6.31 0.95 -7.54
CA ASN A 52 7.69 0.66 -7.19
C ASN A 52 8.45 0.19 -8.42
N ASP A 53 7.81 -0.70 -9.18
CA ASP A 53 8.39 -1.22 -10.41
C ASP A 53 8.65 -0.07 -11.37
N ALA A 54 7.70 0.85 -11.39
CA ALA A 54 7.79 2.03 -12.22
C ALA A 54 8.96 2.89 -11.75
N GLN A 55 9.19 2.89 -10.44
CA GLN A 55 10.28 3.65 -9.84
C GLN A 55 11.55 2.81 -9.74
N ALA A 56 11.43 1.53 -10.13
CA ALA A 56 12.55 0.60 -10.09
C ALA A 56 13.31 0.62 -11.41
N PRO A 57 14.61 0.50 -11.35
CA PRO A 57 15.48 0.51 -12.57
C PRO A 57 15.01 -0.50 -13.61
N LYS A 58 15.37 -0.24 -14.86
CA LYS A 58 15.01 -1.11 -15.98
C LYS A 58 16.19 -1.24 -16.94
N VAL A 1 -18.89 0.18 9.53
CA VAL A 1 -18.81 1.44 10.31
C VAL A 1 -17.59 1.40 11.23
N ASP A 2 -17.39 0.26 11.88
CA ASP A 2 -16.26 0.06 12.78
C ASP A 2 -14.96 -0.09 11.99
N ASN A 3 -13.86 -0.35 12.70
CA ASN A 3 -12.56 -0.54 12.07
C ASN A 3 -11.85 -1.73 12.70
N LYS A 4 -12.63 -2.79 12.98
CA LYS A 4 -12.10 -4.02 13.58
C LYS A 4 -11.10 -4.68 12.65
N PHE A 5 -11.09 -4.22 11.40
CA PHE A 5 -10.22 -4.74 10.36
C PHE A 5 -9.00 -3.82 10.15
N ASN A 6 -8.80 -2.86 11.06
CA ASN A 6 -7.68 -1.92 10.97
C ASN A 6 -6.35 -2.67 10.84
N LYS A 7 -6.30 -3.89 11.36
CA LYS A 7 -5.07 -4.70 11.29
C LYS A 7 -4.61 -4.81 9.84
N GLU A 8 -5.59 -4.96 8.96
CA GLU A 8 -5.33 -5.05 7.53
C GLU A 8 -4.81 -3.73 6.99
N LEU A 9 -5.29 -2.64 7.60
CA LEU A 9 -4.87 -1.32 7.18
C LEU A 9 -3.41 -1.07 7.57
N GLY A 10 -3.00 -1.63 8.71
CA GLY A 10 -1.64 -1.49 9.17
C GLY A 10 -0.78 -2.41 8.33
N TRP A 11 -1.43 -3.49 7.88
CA TRP A 11 -0.79 -4.51 7.08
C TRP A 11 -0.30 -3.94 5.75
N ALA A 12 -1.17 -3.29 5.01
CA ALA A 12 -0.77 -2.75 3.72
C ALA A 12 0.18 -1.56 3.82
N THR A 13 0.02 -0.74 4.83
CA THR A 13 0.84 0.46 4.94
C THR A 13 2.31 0.11 5.00
N TRP A 14 2.67 -0.82 5.87
CA TRP A 14 4.06 -1.23 5.97
C TRP A 14 4.47 -2.02 4.72
N GLU A 15 3.57 -2.89 4.19
CA GLU A 15 3.88 -3.69 2.99
C GLU A 15 4.26 -2.81 1.81
N ILE A 16 3.43 -1.81 1.59
CA ILE A 16 3.61 -0.86 0.51
C ILE A 16 4.84 -0.02 0.79
N PHE A 17 4.97 0.37 2.04
CA PHE A 17 6.12 1.16 2.48
C PHE A 17 7.43 0.36 2.35
N ASN A 18 7.32 -0.97 2.28
CA ASN A 18 8.51 -1.82 2.17
C ASN A 18 8.95 -1.92 0.72
N LEU A 19 8.47 -1.01 -0.12
CA LEU A 19 8.84 -1.00 -1.52
C LEU A 19 10.09 -0.17 -1.69
N PRO A 20 11.12 -0.73 -2.26
CA PRO A 20 12.40 -0.02 -2.43
C PRO A 20 12.40 1.12 -3.45
N ASN A 21 11.26 1.43 -4.10
CA ASN A 21 11.26 2.49 -5.10
C ASN A 21 10.17 3.52 -4.85
N LEU A 22 9.28 3.26 -3.88
CA LEU A 22 8.22 4.21 -3.58
C LEU A 22 8.72 5.47 -2.91
N ASN A 23 7.83 6.47 -2.94
CA ASN A 23 8.06 7.73 -2.29
C ASN A 23 6.86 8.01 -1.39
N GLY A 24 7.02 8.86 -0.40
CA GLY A 24 5.94 9.19 0.54
C GLY A 24 4.62 9.50 -0.18
N VAL A 25 4.71 10.01 -1.41
CA VAL A 25 3.51 10.34 -2.18
C VAL A 25 2.78 9.09 -2.66
N GLN A 26 3.53 8.18 -3.29
CA GLN A 26 2.96 6.94 -3.80
C GLN A 26 2.45 6.05 -2.70
N VAL A 27 3.27 5.86 -1.67
CA VAL A 27 2.89 5.02 -0.55
C VAL A 27 1.63 5.57 0.08
N LYS A 28 1.64 6.88 0.35
CA LYS A 28 0.48 7.54 0.94
C LYS A 28 -0.73 7.31 0.06
N ALA A 29 -0.50 7.26 -1.26
CA ALA A 29 -1.58 7.05 -2.21
C ALA A 29 -2.19 5.67 -2.06
N PHE A 30 -1.35 4.66 -1.82
CA PHE A 30 -1.81 3.31 -1.66
C PHE A 30 -2.51 3.17 -0.33
N ILE A 31 -1.90 3.76 0.69
CA ILE A 31 -2.48 3.79 2.01
C ILE A 31 -3.73 4.65 1.99
N ASP A 32 -3.72 5.69 1.15
CA ASP A 32 -4.89 6.56 1.03
C ASP A 32 -6.05 5.74 0.45
N SER A 33 -5.72 4.85 -0.49
CA SER A 33 -6.71 3.97 -1.11
C SER A 33 -7.30 3.01 -0.07
N LEU A 34 -6.50 2.68 0.94
CA LEU A 34 -6.94 1.80 2.01
C LEU A 34 -8.22 2.35 2.65
N ARG A 35 -8.20 3.64 2.92
CA ARG A 35 -9.35 4.31 3.52
C ARG A 35 -10.58 4.16 2.63
N ASP A 36 -10.37 4.29 1.31
CA ASP A 36 -11.45 4.15 0.34
C ASP A 36 -11.98 2.72 0.35
N ASP A 37 -11.05 1.79 0.50
CA ASP A 37 -11.36 0.37 0.54
C ASP A 37 -10.15 -0.39 1.07
N PRO A 38 -10.18 -0.74 2.34
CA PRO A 38 -9.06 -1.45 3.00
C PRO A 38 -8.92 -2.90 2.57
N SER A 39 -10.01 -3.47 2.04
CA SER A 39 -9.99 -4.85 1.58
C SER A 39 -9.07 -4.97 0.36
N GLN A 40 -8.82 -3.82 -0.26
CA GLN A 40 -7.98 -3.76 -1.45
C GLN A 40 -6.51 -3.67 -1.09
N SER A 41 -6.20 -3.63 0.21
CA SER A 41 -4.82 -3.49 0.66
C SER A 41 -3.84 -4.29 -0.20
N ALA A 42 -4.20 -5.52 -0.57
CA ALA A 42 -3.35 -6.34 -1.41
C ALA A 42 -3.24 -5.76 -2.82
N ASN A 43 -4.33 -5.16 -3.27
CA ASN A 43 -4.39 -4.54 -4.59
C ASN A 43 -3.57 -3.26 -4.57
N LEU A 44 -3.68 -2.56 -3.45
CA LEU A 44 -2.96 -1.32 -3.22
C LEU A 44 -1.50 -1.67 -3.19
N LEU A 45 -1.26 -2.83 -2.62
CA LEU A 45 0.06 -3.42 -2.59
C LEU A 45 0.49 -3.67 -4.01
N ALA A 46 -0.46 -4.22 -4.77
CA ALA A 46 -0.25 -4.56 -6.16
C ALA A 46 0.09 -3.33 -6.95
N GLU A 47 -0.71 -2.30 -6.71
CA GLU A 47 -0.53 -1.03 -7.33
C GLU A 47 0.78 -0.43 -6.86
N ALA A 48 1.11 -0.77 -5.62
CA ALA A 48 2.34 -0.31 -5.02
C ALA A 48 3.50 -0.96 -5.71
N LYS A 49 3.37 -2.27 -5.94
CA LYS A 49 4.42 -3.02 -6.62
C LYS A 49 4.57 -2.41 -8.01
N LYS A 50 3.41 -2.03 -8.56
CA LYS A 50 3.37 -1.41 -9.87
C LYS A 50 4.06 -0.06 -9.87
N LEU A 51 3.82 0.71 -8.81
CA LEU A 51 4.45 2.01 -8.67
C LEU A 51 5.93 1.84 -8.40
N ASN A 52 6.25 0.89 -7.53
CA ASN A 52 7.63 0.57 -7.21
C ASN A 52 8.34 0.10 -8.47
N ASP A 53 7.68 -0.78 -9.20
CA ASP A 53 8.21 -1.32 -10.44
C ASP A 53 8.43 -0.18 -11.42
N ALA A 54 7.49 0.77 -11.40
CA ALA A 54 7.56 1.93 -12.25
C ALA A 54 8.70 2.84 -11.79
N GLN A 55 8.95 2.87 -10.48
CA GLN A 55 10.02 3.68 -9.92
C GLN A 55 11.32 2.88 -9.83
N ALA A 56 11.25 1.63 -10.26
CA ALA A 56 12.42 0.75 -10.25
C ALA A 56 13.40 1.11 -11.36
N PRO A 57 14.68 1.01 -11.08
CA PRO A 57 15.75 1.34 -12.05
C PRO A 57 15.56 0.63 -13.39
N LYS A 58 16.16 1.18 -14.44
CA LYS A 58 16.06 0.61 -15.78
C LYS A 58 17.27 -0.28 -16.07
#